data_5THK
#
_entry.id   5THK
#
_cell.length_a   75.540
_cell.length_b   102.440
_cell.length_c   122.250
_cell.angle_alpha   90.000
_cell.angle_beta   97.280
_cell.angle_gamma   90.000
#
_symmetry.space_group_name_H-M   'P 1 21 1'
#
loop_
_entity.id
_entity.type
_entity.pdbx_description
1 polymer 'Putative dehydrogenase'
2 non-polymer 'NADP NICOTINAMIDE-ADENINE-DINUCLEOTIDE PHOSPHATE'
3 non-polymer 'MAGNESIUM ION'
4 non-polymer 'PENTAETHYLENE GLYCOL'
5 water water
#
_entity_poly.entity_id   1
_entity_poly.type   'polypeptide(L)'
_entity_poly.pdbx_seq_one_letter_code
;MAHHHHHHMVATHTLADKVVLIAGGAKNLGGLIARDLAGHGAKAVAIHYNSAASQAQAEETAAAVRAAGAEAATFQADLT
TAAAVEKLFDDAKQRFGKIDIAINTVGKVLKKPFTEISEAEYDEMFAVNSKSAFFFIKEAGRHLEDHGKLVTLVTSLLGA
FTPFYAAYEGSKAPVEHFTRAASKEYGARGISVTAVGPGPMDTPFFYPAEGADAVAYHKTAAALSPFSKTGLTDIEDVVP
FIRHLVTDGWWITGQTILINGGYTTK
;
_entity_poly.pdbx_strand_id   A,B,C,D,E,F,G,H
#
loop_
_chem_comp.id
_chem_comp.type
_chem_comp.name
_chem_comp.formula
1PE non-polymer 'PENTAETHYLENE GLYCOL' 'C10 H22 O6'
MG non-polymer 'MAGNESIUM ION' 'Mg 2'
NAP non-polymer 'NADP NICOTINAMIDE-ADENINE-DINUCLEOTIDE PHOSPHATE' 'C21 H28 N7 O17 P3'
#
# COMPACT_ATOMS: atom_id res chain seq x y z
N THR A 12 -2.72 -23.17 -53.06
CA THR A 12 -1.39 -22.62 -53.33
C THR A 12 -0.81 -22.00 -52.05
N HIS A 13 0.50 -22.08 -51.87
CA HIS A 13 1.15 -21.66 -50.63
C HIS A 13 2.09 -20.47 -50.82
N THR A 14 1.81 -19.62 -51.80
CA THR A 14 2.55 -18.38 -52.00
C THR A 14 1.66 -17.21 -51.63
N LEU A 15 2.18 -15.99 -51.84
CA LEU A 15 1.41 -14.78 -51.59
C LEU A 15 0.66 -14.28 -52.82
N ALA A 16 0.85 -14.90 -53.98
CA ALA A 16 0.22 -14.40 -55.19
C ALA A 16 -1.30 -14.42 -55.04
N ASP A 17 -1.93 -13.30 -55.40
CA ASP A 17 -3.38 -13.09 -55.36
C ASP A 17 -3.95 -13.02 -53.95
N LYS A 18 -3.12 -13.02 -52.91
CA LYS A 18 -3.61 -13.02 -51.54
C LYS A 18 -3.86 -11.61 -51.03
N VAL A 19 -4.99 -11.44 -50.33
CA VAL A 19 -5.32 -10.19 -49.65
C VAL A 19 -5.02 -10.35 -48.16
N VAL A 20 -4.26 -9.40 -47.60
CA VAL A 20 -3.83 -9.40 -46.20
C VAL A 20 -4.55 -8.29 -45.46
N LEU A 21 -5.06 -8.61 -44.27
CA LEU A 21 -5.55 -7.62 -43.31
C LEU A 21 -4.63 -7.66 -42.09
N ILE A 22 -4.10 -6.50 -41.69
CA ILE A 22 -3.21 -6.41 -40.53
C ILE A 22 -3.81 -5.41 -39.54
N ALA A 23 -4.18 -5.91 -38.36
CA ALA A 23 -4.55 -5.01 -37.26
C ALA A 23 -3.27 -4.49 -36.62
N GLY A 24 -3.19 -3.18 -36.44
CA GLY A 24 -1.91 -2.57 -36.08
C GLY A 24 -0.91 -2.62 -37.21
N GLY A 25 -1.35 -2.42 -38.44
CA GLY A 25 -0.50 -2.56 -39.59
C GLY A 25 0.19 -1.31 -40.06
N ALA A 26 0.11 -0.20 -39.31
CA ALA A 26 0.60 1.09 -39.76
C ALA A 26 2.06 1.35 -39.43
N LYS A 27 2.61 0.71 -38.39
CA LYS A 27 3.90 1.09 -37.83
C LYS A 27 4.50 -0.10 -37.12
N ASN A 28 5.76 0.04 -36.72
CA ASN A 28 6.45 -0.95 -35.87
C ASN A 28 6.36 -2.33 -36.52
N LEU A 29 5.99 -3.39 -35.79
CA LEU A 29 5.99 -4.72 -36.38
C LEU A 29 5.01 -4.82 -37.53
N GLY A 30 3.76 -4.37 -37.33
CA GLY A 30 2.75 -4.52 -38.36
C GLY A 30 3.08 -3.76 -39.63
N GLY A 31 3.66 -2.56 -39.49
CA GLY A 31 4.03 -1.81 -40.68
C GLY A 31 5.14 -2.48 -41.48
N LEU A 32 6.03 -3.20 -40.80
CA LEU A 32 7.05 -3.96 -41.51
C LEU A 32 6.46 -5.21 -42.15
N ILE A 33 5.53 -5.89 -41.46
CA ILE A 33 4.82 -7.01 -42.10
C ILE A 33 4.14 -6.56 -43.38
N ALA A 34 3.48 -5.39 -43.35
CA ALA A 34 2.79 -4.89 -44.53
C ALA A 34 3.76 -4.72 -45.69
N ARG A 35 4.90 -4.08 -45.43
CA ARG A 35 5.91 -3.89 -46.48
C ARG A 35 6.48 -5.22 -46.96
N ASP A 36 6.73 -6.15 -46.03
CA ASP A 36 7.37 -7.42 -46.37
C ASP A 36 6.45 -8.29 -47.22
N LEU A 37 5.18 -8.42 -46.82
CA LEU A 37 4.28 -9.28 -47.58
C LEU A 37 3.98 -8.68 -48.95
N ALA A 38 3.85 -7.35 -49.03
CA ALA A 38 3.71 -6.69 -50.33
C ALA A 38 4.92 -6.98 -51.21
N GLY A 39 6.12 -6.80 -50.68
CA GLY A 39 7.32 -6.98 -51.48
C GLY A 39 7.53 -8.41 -51.94
N HIS A 40 7.01 -9.37 -51.18
CA HIS A 40 7.12 -10.77 -51.56
C HIS A 40 5.93 -11.25 -52.39
N GLY A 41 5.07 -10.34 -52.83
CA GLY A 41 4.11 -10.66 -53.87
C GLY A 41 2.64 -10.65 -53.53
N ALA A 42 2.25 -10.18 -52.35
CA ALA A 42 0.83 -10.16 -52.01
C ALA A 42 0.06 -9.21 -52.93
N LYS A 43 -1.24 -9.49 -53.08
CA LYS A 43 -2.07 -8.67 -53.96
C LYS A 43 -2.45 -7.34 -53.33
N ALA A 44 -2.83 -7.34 -52.04
CA ALA A 44 -3.35 -6.13 -51.42
C ALA A 44 -3.15 -6.25 -49.92
N VAL A 45 -2.97 -5.10 -49.26
CA VAL A 45 -2.86 -5.04 -47.80
C VAL A 45 -3.85 -4.02 -47.26
N ALA A 46 -4.77 -4.48 -46.41
CA ALA A 46 -5.66 -3.61 -45.64
C ALA A 46 -4.96 -3.28 -44.34
N ILE A 47 -4.70 -1.99 -44.11
CA ILE A 47 -3.84 -1.51 -43.03
C ILE A 47 -4.73 -0.88 -41.97
N HIS A 48 -4.91 -1.55 -40.85
CA HIS A 48 -5.67 -0.98 -39.74
C HIS A 48 -4.75 -0.17 -38.81
N TYR A 49 -5.29 0.92 -38.26
CA TYR A 49 -4.61 1.69 -37.23
C TYR A 49 -5.64 2.22 -36.23
N ASN A 50 -5.17 2.51 -35.02
CA ASN A 50 -6.04 2.97 -33.94
C ASN A 50 -5.95 4.49 -33.69
N SER A 51 -4.85 4.97 -33.10
CA SER A 51 -4.77 6.35 -32.66
C SER A 51 -4.59 7.30 -33.84
N ALA A 52 -5.13 8.52 -33.69
CA ALA A 52 -4.97 9.54 -34.73
C ALA A 52 -3.50 9.81 -35.01
N ALA A 53 -2.64 9.72 -33.98
CA ALA A 53 -1.21 9.96 -34.16
C ALA A 53 -0.53 8.90 -35.01
N SER A 54 -1.22 7.80 -35.33
CA SER A 54 -0.68 6.75 -36.17
C SER A 54 -1.09 6.88 -37.63
N GLN A 55 -1.93 7.86 -37.96
CA GLN A 55 -2.48 7.96 -39.31
C GLN A 55 -1.40 8.25 -40.35
N ALA A 56 -0.48 9.18 -40.04
CA ALA A 56 0.56 9.49 -41.01
C ALA A 56 1.40 8.26 -41.33
N GLN A 57 1.76 7.48 -40.30
CA GLN A 57 2.50 6.24 -40.55
C GLN A 57 1.67 5.26 -41.38
N ALA A 58 0.36 5.21 -41.13
CA ALA A 58 -0.49 4.31 -41.90
C ALA A 58 -0.48 4.68 -43.36
N GLU A 59 -0.51 5.98 -43.67
CA GLU A 59 -0.53 6.40 -45.06
C GLU A 59 0.83 6.20 -45.73
N GLU A 60 1.93 6.39 -44.99
CA GLU A 60 3.23 6.09 -45.57
CA GLU A 60 3.24 6.08 -45.55
C GLU A 60 3.39 4.59 -45.78
N THR A 61 2.91 3.76 -44.86
CA THR A 61 2.91 2.31 -45.07
C THR A 61 2.12 1.94 -46.31
N ALA A 62 0.95 2.56 -46.51
CA ALA A 62 0.18 2.29 -47.72
C ALA A 62 0.96 2.67 -48.96
N ALA A 63 1.64 3.82 -48.95
CA ALA A 63 2.44 4.20 -50.11
C ALA A 63 3.58 3.23 -50.35
N ALA A 64 4.21 2.74 -49.28
CA ALA A 64 5.29 1.77 -49.46
C ALA A 64 4.76 0.45 -50.02
N VAL A 65 3.60 0.01 -49.54
CA VAL A 65 2.95 -1.20 -50.06
C VAL A 65 2.69 -1.07 -51.56
N ARG A 66 2.21 0.10 -51.99
CA ARG A 66 1.97 0.31 -53.42
C ARG A 66 3.27 0.30 -54.22
N ALA A 67 4.32 0.93 -53.70
CA ALA A 67 5.60 0.90 -54.40
C ALA A 67 6.16 -0.52 -54.50
N ALA A 68 5.87 -1.36 -53.51
CA ALA A 68 6.32 -2.75 -53.50
C ALA A 68 5.48 -3.66 -54.39
N GLY A 69 4.42 -3.13 -55.02
CA GLY A 69 3.66 -3.88 -56.01
C GLY A 69 2.22 -4.23 -55.67
N ALA A 70 1.70 -3.85 -54.49
CA ALA A 70 0.38 -4.29 -54.05
C ALA A 70 -0.56 -3.11 -53.93
N GLU A 71 -1.86 -3.38 -53.91
CA GLU A 71 -2.82 -2.34 -53.55
C GLU A 71 -2.85 -2.16 -52.04
N ALA A 72 -3.36 -1.01 -51.59
CA ALA A 72 -3.37 -0.73 -50.15
C ALA A 72 -4.51 0.22 -49.80
N ALA A 73 -5.04 0.06 -48.59
CA ALA A 73 -6.05 0.97 -48.05
C ALA A 73 -5.93 0.98 -46.54
N THR A 74 -6.30 2.08 -45.91
CA THR A 74 -6.18 2.23 -44.46
C THR A 74 -7.55 2.29 -43.81
N PHE A 75 -7.64 1.77 -42.57
CA PHE A 75 -8.91 1.65 -41.86
C PHE A 75 -8.67 1.95 -40.39
N GLN A 76 -9.25 3.05 -39.89
CA GLN A 76 -9.16 3.38 -38.48
C GLN A 76 -10.21 2.60 -37.68
N ALA A 77 -9.82 2.10 -36.51
CA ALA A 77 -10.79 1.55 -35.57
C ALA A 77 -10.15 1.36 -34.20
N ASP A 78 -10.96 1.57 -33.16
CA ASP A 78 -10.70 1.07 -31.82
C ASP A 78 -11.32 -0.33 -31.74
N LEU A 79 -10.47 -1.34 -31.58
CA LEU A 79 -10.91 -2.72 -31.74
C LEU A 79 -11.31 -3.37 -30.41
N THR A 80 -11.63 -2.58 -29.40
CA THR A 80 -12.05 -3.12 -28.11
C THR A 80 -13.55 -3.41 -28.03
N THR A 81 -14.30 -3.14 -29.10
CA THR A 81 -15.70 -3.53 -29.16
C THR A 81 -15.89 -4.56 -30.26
N ALA A 82 -16.81 -5.51 -30.03
CA ALA A 82 -17.04 -6.57 -31.00
C ALA A 82 -17.46 -5.99 -32.34
N ALA A 83 -18.30 -4.96 -32.33
CA ALA A 83 -18.80 -4.42 -33.59
C ALA A 83 -17.71 -3.75 -34.40
N ALA A 84 -16.72 -3.14 -33.74
CA ALA A 84 -15.65 -2.49 -34.49
C ALA A 84 -14.80 -3.52 -35.22
N VAL A 85 -14.58 -4.69 -34.61
CA VAL A 85 -13.84 -5.75 -35.29
C VAL A 85 -14.63 -6.26 -36.49
N GLU A 86 -15.93 -6.52 -36.29
CA GLU A 86 -16.77 -6.94 -37.41
C GLU A 86 -16.73 -5.93 -38.55
N LYS A 87 -16.85 -4.65 -38.22
CA LYS A 87 -16.85 -3.61 -39.26
C LYS A 87 -15.49 -3.53 -39.98
N LEU A 88 -14.38 -3.77 -39.27
CA LEU A 88 -13.08 -3.77 -39.94
C LEU A 88 -13.01 -4.86 -41.00
N PHE A 89 -13.40 -6.09 -40.65
CA PHE A 89 -13.40 -7.18 -41.62
C PHE A 89 -14.37 -6.89 -42.76
N ASP A 90 -15.59 -6.43 -42.43
CA ASP A 90 -16.55 -6.09 -43.47
C ASP A 90 -15.98 -5.03 -44.42
N ASP A 91 -15.36 -3.98 -43.87
CA ASP A 91 -14.88 -2.90 -44.71
C ASP A 91 -13.71 -3.33 -45.58
N ALA A 92 -12.78 -4.11 -45.01
CA ALA A 92 -11.64 -4.61 -45.79
C ALA A 92 -12.11 -5.56 -46.90
N LYS A 93 -13.03 -6.46 -46.59
CA LYS A 93 -13.55 -7.37 -47.61
C LYS A 93 -14.31 -6.61 -48.71
N GLN A 94 -15.05 -5.56 -48.33
CA GLN A 94 -15.73 -4.73 -49.32
C GLN A 94 -14.72 -4.07 -50.26
N ARG A 95 -13.61 -3.58 -49.72
CA ARG A 95 -12.62 -2.89 -50.54
C ARG A 95 -11.88 -3.85 -51.47
N PHE A 96 -11.50 -5.02 -50.98
CA PHE A 96 -10.59 -5.88 -51.72
C PHE A 96 -11.21 -7.18 -52.22
N GLY A 97 -12.46 -7.46 -51.87
CA GLY A 97 -13.22 -8.55 -52.43
C GLY A 97 -13.14 -9.84 -51.63
N LYS A 98 -12.06 -10.03 -50.87
CA LYS A 98 -11.86 -11.24 -50.08
C LYS A 98 -10.73 -10.94 -49.10
N ILE A 99 -10.61 -11.78 -48.08
CA ILE A 99 -9.49 -11.72 -47.13
C ILE A 99 -8.92 -13.12 -47.01
N ASP A 100 -7.62 -13.26 -47.28
CA ASP A 100 -6.96 -14.56 -47.21
C ASP A 100 -6.10 -14.73 -45.98
N ILE A 101 -5.49 -13.65 -45.48
CA ILE A 101 -4.50 -13.69 -44.43
C ILE A 101 -4.84 -12.57 -43.46
N ALA A 102 -5.08 -12.92 -42.19
CA ALA A 102 -5.49 -11.96 -41.17
C ALA A 102 -4.49 -12.05 -40.03
N ILE A 103 -3.76 -10.97 -39.80
CA ILE A 103 -2.69 -10.90 -38.80
C ILE A 103 -3.04 -9.80 -37.81
N ASN A 104 -3.05 -10.13 -36.52
CA ASN A 104 -3.39 -9.20 -35.46
C ASN A 104 -2.14 -8.90 -34.63
N THR A 105 -1.69 -7.64 -34.64
CA THR A 105 -0.59 -7.19 -33.78
C THR A 105 -1.05 -6.28 -32.64
N VAL A 106 -2.36 -6.09 -32.45
CA VAL A 106 -2.85 -5.16 -31.44
C VAL A 106 -2.47 -5.62 -30.04
N GLY A 107 -1.97 -4.70 -29.22
CA GLY A 107 -1.59 -5.01 -27.86
C GLY A 107 -1.31 -3.76 -27.05
N LYS A 108 -1.11 -3.98 -25.74
CA LYS A 108 -0.78 -2.92 -24.79
C LYS A 108 0.01 -3.56 -23.65
N VAL A 109 1.02 -2.86 -23.15
CA VAL A 109 1.87 -3.38 -22.08
C VAL A 109 1.64 -2.59 -20.80
N LEU A 110 1.69 -3.30 -19.66
CA LEU A 110 1.67 -2.71 -18.33
C LEU A 110 2.60 -3.52 -17.44
N LYS A 111 3.48 -2.84 -16.71
CA LYS A 111 4.41 -3.47 -15.77
C LYS A 111 4.26 -2.74 -14.44
N LYS A 112 3.74 -3.44 -13.43
CA LYS A 112 3.36 -2.79 -12.18
C LYS A 112 3.11 -3.86 -11.11
N PRO A 113 3.42 -3.59 -9.84
CA PRO A 113 3.07 -4.55 -8.78
C PRO A 113 1.58 -4.86 -8.78
N PHE A 114 1.27 -6.15 -8.56
CA PHE A 114 -0.11 -6.62 -8.57
C PHE A 114 -1.02 -5.77 -7.68
N THR A 115 -0.57 -5.44 -6.47
CA THR A 115 -1.43 -4.74 -5.53
C THR A 115 -1.69 -3.30 -5.92
N GLU A 116 -1.03 -2.77 -6.94
CA GLU A 116 -1.23 -1.41 -7.40
C GLU A 116 -2.06 -1.29 -8.67
N ILE A 117 -2.42 -2.40 -9.30
CA ILE A 117 -3.10 -2.32 -10.60
C ILE A 117 -4.57 -1.98 -10.39
N SER A 118 -5.00 -0.89 -11.01
CA SER A 118 -6.36 -0.39 -10.81
C SER A 118 -7.35 -1.12 -11.72
N GLU A 119 -8.63 -0.94 -11.41
CA GLU A 119 -9.68 -1.50 -12.27
C GLU A 119 -9.59 -0.94 -13.69
N ALA A 120 -9.32 0.37 -13.83
CA ALA A 120 -9.19 0.96 -15.16
C ALA A 120 -8.06 0.32 -15.95
N GLU A 121 -6.93 0.09 -15.28
CA GLU A 121 -5.80 -0.53 -15.96
C GLU A 121 -6.12 -1.96 -16.35
N TYR A 122 -6.71 -2.74 -15.43
CA TYR A 122 -7.15 -4.08 -15.79
C TYR A 122 -8.07 -4.05 -17.00
N ASP A 123 -9.09 -3.21 -16.96
CA ASP A 123 -10.12 -3.20 -17.99
C ASP A 123 -9.52 -2.93 -19.37
N GLU A 124 -8.63 -1.94 -19.46
CA GLU A 124 -8.07 -1.61 -20.77
C GLU A 124 -7.09 -2.69 -21.24
N MET A 125 -6.27 -3.22 -20.34
CA MET A 125 -5.35 -4.28 -20.72
C MET A 125 -6.09 -5.49 -21.28
N PHE A 126 -7.17 -5.91 -20.62
CA PHE A 126 -7.91 -7.06 -21.11
C PHE A 126 -8.73 -6.75 -22.35
N ALA A 127 -9.28 -5.53 -22.47
CA ALA A 127 -9.99 -5.19 -23.69
C ALA A 127 -9.06 -5.21 -24.90
N VAL A 128 -7.82 -4.72 -24.74
CA VAL A 128 -6.91 -4.60 -25.87
C VAL A 128 -6.22 -5.92 -26.19
N ASN A 129 -5.74 -6.62 -25.16
CA ASN A 129 -4.94 -7.82 -25.41
C ASN A 129 -5.76 -9.10 -25.54
N SER A 130 -6.91 -9.18 -24.87
CA SER A 130 -7.75 -10.38 -24.92
C SER A 130 -8.98 -10.20 -25.77
N LYS A 131 -9.83 -9.20 -25.47
CA LYS A 131 -11.11 -9.08 -26.15
C LYS A 131 -10.93 -8.78 -27.64
N SER A 132 -10.07 -7.82 -27.98
CA SER A 132 -9.86 -7.53 -29.39
CA SER A 132 -9.85 -7.53 -29.38
C SER A 132 -9.35 -8.75 -30.13
N ALA A 133 -8.49 -9.54 -29.50
CA ALA A 133 -7.95 -10.74 -30.14
C ALA A 133 -9.02 -11.81 -30.30
N PHE A 134 -9.92 -11.95 -29.32
CA PHE A 134 -11.01 -12.91 -29.43
C PHE A 134 -11.90 -12.58 -30.64
N PHE A 135 -12.33 -11.32 -30.74
CA PHE A 135 -13.24 -10.96 -31.83
C PHE A 135 -12.55 -10.92 -33.18
N PHE A 136 -11.25 -10.62 -33.21
CA PHE A 136 -10.49 -10.77 -34.45
C PHE A 136 -10.50 -12.22 -34.92
N ILE A 137 -10.31 -13.15 -33.99
CA ILE A 137 -10.33 -14.57 -34.34
C ILE A 137 -11.73 -15.00 -34.76
N LYS A 138 -12.76 -14.56 -34.02
CA LYS A 138 -14.14 -14.84 -34.41
C LYS A 138 -14.43 -14.33 -35.82
N GLU A 139 -14.12 -13.06 -36.09
CA GLU A 139 -14.50 -12.49 -37.37
C GLU A 139 -13.65 -13.05 -38.51
N ALA A 140 -12.40 -13.43 -38.25
CA ALA A 140 -11.64 -14.17 -39.25
C ALA A 140 -12.32 -15.48 -39.60
N GLY A 141 -12.83 -16.20 -38.59
CA GLY A 141 -13.56 -17.41 -38.86
C GLY A 141 -14.78 -17.17 -39.74
N ARG A 142 -15.42 -16.01 -39.61
CA ARG A 142 -16.59 -15.70 -40.40
C ARG A 142 -16.27 -15.11 -41.77
N HIS A 143 -15.07 -14.58 -41.98
CA HIS A 143 -14.75 -13.84 -43.21
C HIS A 143 -13.65 -14.46 -44.06
N LEU A 144 -12.68 -15.17 -43.48
CA LEU A 144 -11.55 -15.67 -44.25
C LEU A 144 -12.00 -16.60 -45.36
N GLU A 145 -11.31 -16.54 -46.49
CA GLU A 145 -11.50 -17.57 -47.50
C GLU A 145 -11.00 -18.91 -46.98
N ASP A 146 -11.56 -20.00 -47.51
CA ASP A 146 -10.99 -21.31 -47.26
C ASP A 146 -9.48 -21.28 -47.55
N HIS A 147 -8.74 -22.06 -46.77
CA HIS A 147 -7.28 -22.18 -46.87
C HIS A 147 -6.54 -20.93 -46.40
N GLY A 148 -7.24 -20.05 -45.69
CA GLY A 148 -6.64 -18.82 -45.21
C GLY A 148 -5.76 -19.01 -43.98
N LYS A 149 -5.32 -17.87 -43.45
CA LYS A 149 -4.33 -17.84 -42.37
C LYS A 149 -4.74 -16.82 -41.33
N LEU A 150 -4.46 -17.13 -40.06
CA LEU A 150 -4.85 -16.31 -38.92
C LEU A 150 -3.70 -16.36 -37.92
N VAL A 151 -3.10 -15.21 -37.63
CA VAL A 151 -1.93 -15.11 -36.75
C VAL A 151 -2.20 -14.01 -35.75
N THR A 152 -1.90 -14.27 -34.46
CA THR A 152 -2.00 -13.25 -33.42
C THR A 152 -0.68 -13.12 -32.68
N LEU A 153 -0.32 -11.89 -32.32
CA LEU A 153 0.91 -11.63 -31.58
C LEU A 153 0.66 -11.75 -30.08
N VAL A 154 1.54 -12.50 -29.40
CA VAL A 154 1.53 -12.61 -27.94
C VAL A 154 2.92 -12.22 -27.45
N THR A 155 3.27 -12.60 -26.22
CA THR A 155 4.55 -12.23 -25.62
C THR A 155 5.32 -13.48 -25.20
N SER A 156 6.64 -13.43 -25.33
CA SER A 156 7.50 -14.47 -24.76
C SER A 156 7.39 -14.54 -23.24
N LEU A 157 6.79 -13.55 -22.57
CA LEU A 157 6.58 -13.68 -21.13
C LEU A 157 5.60 -14.80 -20.78
N LEU A 158 4.89 -15.36 -21.76
CA LEU A 158 4.10 -16.56 -21.48
C LEU A 158 4.97 -17.73 -21.05
N GLY A 159 6.27 -17.68 -21.35
CA GLY A 159 7.24 -18.65 -20.89
C GLY A 159 8.05 -18.24 -19.68
N ALA A 160 7.69 -17.16 -19.00
CA ALA A 160 8.48 -16.61 -17.91
C ALA A 160 7.81 -16.88 -16.58
N PHE A 161 8.59 -16.77 -15.51
CA PHE A 161 8.13 -16.92 -14.13
C PHE A 161 8.70 -15.70 -13.42
N THR A 162 7.91 -14.62 -13.36
CA THR A 162 8.52 -13.33 -13.05
C THR A 162 7.46 -12.40 -12.46
N PRO A 163 7.85 -11.45 -11.61
CA PRO A 163 6.88 -10.49 -11.08
C PRO A 163 6.54 -9.40 -12.10
N PHE A 164 5.46 -8.66 -11.80
CA PHE A 164 5.14 -7.33 -12.34
C PHE A 164 4.36 -7.32 -13.64
N TYR A 165 4.23 -8.43 -14.34
CA TYR A 165 3.53 -8.43 -15.62
C TYR A 165 2.18 -9.14 -15.57
N ALA A 166 1.54 -9.16 -14.39
CA ALA A 166 0.31 -9.94 -14.24
C ALA A 166 -0.75 -9.55 -15.25
N ALA A 167 -0.91 -8.24 -15.50
CA ALA A 167 -1.97 -7.81 -16.41
C ALA A 167 -1.58 -7.96 -17.86
N TYR A 168 -0.29 -8.08 -18.17
CA TYR A 168 0.19 -8.20 -19.54
C TYR A 168 0.29 -9.66 -19.96
N GLU A 169 1.14 -10.41 -19.25
CA GLU A 169 1.20 -11.84 -19.43
C GLU A 169 -0.18 -12.46 -19.30
N GLY A 170 -0.96 -12.00 -18.31
CA GLY A 170 -2.27 -12.58 -18.07
C GLY A 170 -3.30 -12.26 -19.14
N SER A 171 -3.19 -11.10 -19.79
CA SER A 171 -4.14 -10.75 -20.84
C SER A 171 -3.74 -11.24 -22.22
N LYS A 172 -2.48 -11.64 -22.42
CA LYS A 172 -2.07 -12.34 -23.64
C LYS A 172 -2.33 -13.83 -23.56
N ALA A 173 -2.34 -14.39 -22.34
CA ALA A 173 -2.56 -15.83 -22.17
C ALA A 173 -3.82 -16.36 -22.84
N PRO A 174 -4.96 -15.67 -22.84
CA PRO A 174 -6.13 -16.24 -23.51
C PRO A 174 -5.89 -16.53 -24.98
N VAL A 175 -5.03 -15.74 -25.64
CA VAL A 175 -4.81 -15.91 -27.07
C VAL A 175 -4.28 -17.30 -27.40
N GLU A 176 -3.41 -17.84 -26.55
CA GLU A 176 -2.90 -19.19 -26.80
C GLU A 176 -4.04 -20.19 -26.86
N HIS A 177 -5.02 -20.04 -25.97
CA HIS A 177 -6.13 -20.95 -25.92
C HIS A 177 -7.18 -20.65 -26.98
N PHE A 178 -7.41 -19.37 -27.31
CA PHE A 178 -8.22 -19.07 -28.48
C PHE A 178 -7.64 -19.71 -29.72
N THR A 179 -6.31 -19.72 -29.83
CA THR A 179 -5.64 -20.27 -31.01
C THR A 179 -5.82 -21.78 -31.09
N ARG A 180 -5.77 -22.48 -29.95
CA ARG A 180 -6.06 -23.91 -29.93
C ARG A 180 -7.46 -24.20 -30.44
N ALA A 181 -8.47 -23.53 -29.87
CA ALA A 181 -9.85 -23.81 -30.24
C ALA A 181 -10.10 -23.47 -31.70
N ALA A 182 -9.63 -22.30 -32.15
CA ALA A 182 -9.85 -21.89 -33.54
C ALA A 182 -9.13 -22.79 -34.52
N SER A 183 -7.94 -23.29 -34.17
CA SER A 183 -7.27 -24.21 -35.07
CA SER A 183 -7.24 -24.23 -35.04
C SER A 183 -8.10 -25.46 -35.30
N LYS A 184 -8.74 -25.98 -34.24
CA LYS A 184 -9.60 -27.16 -34.38
C LYS A 184 -10.87 -26.83 -35.13
N GLU A 185 -11.48 -25.67 -34.85
CA GLU A 185 -12.77 -25.34 -35.44
C GLU A 185 -12.66 -24.87 -36.88
N TYR A 186 -11.57 -24.20 -37.23
CA TYR A 186 -11.40 -23.64 -38.57
C TYR A 186 -10.60 -24.57 -39.50
N GLY A 187 -10.00 -25.63 -38.97
CA GLY A 187 -9.21 -26.52 -39.81
C GLY A 187 -10.02 -27.21 -40.89
N ALA A 188 -11.32 -27.45 -40.65
CA ALA A 188 -12.14 -28.09 -41.67
C ALA A 188 -12.23 -27.27 -42.94
N ARG A 189 -12.00 -25.95 -42.85
CA ARG A 189 -11.97 -25.06 -44.01
C ARG A 189 -10.56 -24.83 -44.52
N GLY A 190 -9.57 -25.52 -43.95
CA GLY A 190 -8.20 -25.38 -44.41
C GLY A 190 -7.44 -24.21 -43.82
N ILE A 191 -7.98 -23.56 -42.80
CA ILE A 191 -7.39 -22.36 -42.22
C ILE A 191 -6.37 -22.76 -41.15
N SER A 192 -5.18 -22.16 -41.21
CA SER A 192 -4.13 -22.36 -40.21
C SER A 192 -4.14 -21.20 -39.23
N VAL A 193 -4.11 -21.51 -37.92
CA VAL A 193 -4.26 -20.52 -36.85
C VAL A 193 -3.06 -20.64 -35.92
N THR A 194 -2.33 -19.55 -35.71
CA THR A 194 -1.11 -19.57 -34.91
C THR A 194 -1.00 -18.30 -34.06
N ALA A 195 -0.18 -18.39 -33.02
CA ALA A 195 0.19 -17.24 -32.21
C ALA A 195 1.70 -17.18 -32.10
N VAL A 196 2.24 -15.97 -32.13
CA VAL A 196 3.68 -15.73 -32.21
C VAL A 196 4.07 -14.82 -31.06
N GLY A 197 5.03 -15.26 -30.25
CA GLY A 197 5.48 -14.49 -29.11
C GLY A 197 6.94 -14.04 -29.20
N PRO A 198 7.16 -12.83 -29.68
CA PRO A 198 8.53 -12.30 -29.74
C PRO A 198 9.09 -12.09 -28.34
N GLY A 199 10.42 -12.01 -28.27
CA GLY A 199 11.05 -11.44 -27.11
C GLY A 199 10.78 -9.96 -27.02
N PRO A 200 11.25 -9.31 -25.96
CA PRO A 200 11.16 -7.84 -25.92
C PRO A 200 11.83 -7.27 -27.16
N MET A 201 11.15 -6.32 -27.82
CA MET A 201 11.58 -5.85 -29.13
C MET A 201 12.03 -4.39 -29.08
N ASP A 202 12.94 -4.05 -29.99
CA ASP A 202 13.39 -2.65 -30.13
C ASP A 202 12.36 -1.85 -30.92
N THR A 203 11.24 -1.52 -30.24
CA THR A 203 10.22 -0.65 -30.81
C THR A 203 9.73 0.32 -29.73
N PRO A 204 9.01 1.38 -30.11
CA PRO A 204 8.48 2.29 -29.09
C PRO A 204 7.54 1.66 -28.08
N PHE A 205 7.02 0.44 -28.35
CA PHE A 205 6.14 -0.25 -27.41
C PHE A 205 6.88 -0.70 -26.16
N PHE A 206 8.15 -1.07 -26.30
CA PHE A 206 8.88 -1.72 -25.22
C PHE A 206 9.32 -0.73 -24.15
N TYR A 207 9.93 0.38 -24.56
CA TYR A 207 10.69 1.22 -23.63
C TYR A 207 9.88 1.88 -22.52
N PRO A 208 8.64 2.34 -22.75
CA PRO A 208 7.95 3.10 -21.68
C PRO A 208 7.76 2.33 -20.38
N ALA A 209 7.67 1.01 -20.44
CA ALA A 209 7.37 0.21 -19.26
C ALA A 209 8.60 -0.25 -18.51
N GLU A 210 9.81 0.02 -19.02
CA GLU A 210 11.02 -0.65 -18.55
C GLU A 210 12.05 0.37 -18.07
N GLY A 211 12.42 0.27 -16.79
CA GLY A 211 13.49 1.10 -16.25
C GLY A 211 14.85 0.69 -16.75
N ALA A 212 15.86 1.47 -16.39
CA ALA A 212 17.20 1.27 -16.93
C ALA A 212 17.76 -0.11 -16.57
N ASP A 213 17.62 -0.52 -15.31
CA ASP A 213 18.09 -1.85 -14.93
C ASP A 213 17.38 -2.94 -15.73
N ALA A 214 16.06 -2.82 -15.89
CA ALA A 214 15.31 -3.82 -16.63
C ALA A 214 15.73 -3.88 -18.09
N VAL A 215 15.89 -2.72 -18.73
CA VAL A 215 16.34 -2.71 -20.13
C VAL A 215 17.68 -3.42 -20.26
N ALA A 216 18.61 -3.14 -19.35
CA ALA A 216 19.91 -3.79 -19.41
C ALA A 216 19.77 -5.31 -19.27
N TYR A 217 18.87 -5.76 -18.40
CA TYR A 217 18.62 -7.19 -18.27
C TYR A 217 18.07 -7.77 -19.58
N HIS A 218 17.00 -7.16 -20.10
CA HIS A 218 16.39 -7.68 -21.31
C HIS A 218 17.39 -7.72 -22.47
N LYS A 219 18.28 -6.73 -22.54
CA LYS A 219 19.26 -6.62 -23.63
C LYS A 219 20.36 -7.68 -23.55
N THR A 220 20.49 -8.39 -22.42
CA THR A 220 21.50 -9.44 -22.28
C THR A 220 20.89 -10.78 -21.90
N ALA A 221 19.56 -10.90 -21.91
CA ALA A 221 18.90 -12.09 -21.41
C ALA A 221 18.68 -13.16 -22.48
N ALA A 222 18.88 -12.84 -23.75
CA ALA A 222 18.73 -13.83 -24.81
C ALA A 222 20.09 -14.39 -25.17
N ALA A 223 20.12 -15.70 -25.46
CA ALA A 223 21.37 -16.35 -25.85
C ALA A 223 22.03 -15.64 -27.04
N LEU A 224 21.22 -15.14 -27.97
CA LEU A 224 21.73 -14.49 -29.17
C LEU A 224 21.76 -12.97 -29.07
N SER A 225 21.59 -12.43 -27.85
CA SER A 225 21.60 -10.97 -27.68
CA SER A 225 21.59 -10.98 -27.69
C SER A 225 22.80 -10.28 -28.32
N PRO A 226 24.02 -10.82 -28.30
CA PRO A 226 25.14 -10.09 -28.94
C PRO A 226 24.99 -9.89 -30.44
N PHE A 227 24.03 -10.54 -31.08
CA PHE A 227 23.97 -10.58 -32.53
C PHE A 227 22.79 -9.82 -33.12
N SER A 228 21.90 -9.28 -32.29
CA SER A 228 20.89 -8.36 -32.81
C SER A 228 21.42 -6.93 -32.72
N LYS A 229 20.63 -5.98 -33.19
CA LYS A 229 21.11 -4.60 -33.24
C LYS A 229 21.36 -4.02 -31.86
N THR A 230 20.46 -4.31 -30.90
CA THR A 230 20.53 -3.74 -29.57
C THR A 230 20.62 -4.77 -28.45
N GLY A 231 20.47 -6.07 -28.75
CA GLY A 231 20.33 -7.10 -27.75
C GLY A 231 18.89 -7.56 -27.56
N LEU A 232 17.93 -6.71 -27.92
CA LEU A 232 16.52 -7.05 -27.95
C LEU A 232 16.20 -7.76 -29.26
N THR A 233 14.98 -8.29 -29.34
CA THR A 233 14.48 -8.80 -30.60
C THR A 233 14.31 -7.66 -31.59
N ASP A 234 14.80 -7.84 -32.82
CA ASP A 234 14.55 -6.89 -33.91
C ASP A 234 13.35 -7.34 -34.73
N ILE A 235 12.51 -6.37 -35.10
CA ILE A 235 11.30 -6.72 -35.86
C ILE A 235 11.64 -7.38 -37.19
N GLU A 236 12.77 -7.03 -37.79
CA GLU A 236 13.13 -7.63 -39.07
C GLU A 236 13.42 -9.11 -38.95
N ASP A 237 13.65 -9.62 -37.75
CA ASP A 237 13.83 -11.05 -37.56
C ASP A 237 12.56 -11.76 -37.15
N VAL A 238 11.50 -11.01 -36.88
CA VAL A 238 10.18 -11.60 -36.62
C VAL A 238 9.37 -11.72 -37.90
N VAL A 239 9.39 -10.69 -38.76
CA VAL A 239 8.57 -10.73 -39.98
C VAL A 239 8.82 -11.94 -40.87
N PRO A 240 10.05 -12.46 -41.04
CA PRO A 240 10.20 -13.63 -41.91
C PRO A 240 9.50 -14.87 -41.38
N PHE A 241 9.39 -15.02 -40.06
CA PHE A 241 8.66 -16.15 -39.50
C PHE A 241 7.16 -15.99 -39.75
N ILE A 242 6.64 -14.77 -39.60
CA ILE A 242 5.24 -14.51 -39.94
CA ILE A 242 5.23 -14.57 -39.93
C ILE A 242 4.98 -14.85 -41.41
N ARG A 243 5.87 -14.38 -42.29
CA ARG A 243 5.75 -14.69 -43.71
CA ARG A 243 5.75 -14.69 -43.71
C ARG A 243 5.75 -16.21 -43.94
N HIS A 244 6.63 -16.93 -43.25
CA HIS A 244 6.64 -18.39 -43.39
C HIS A 244 5.30 -19.00 -42.98
N LEU A 245 4.79 -18.59 -41.81
CA LEU A 245 3.54 -19.18 -41.30
C LEU A 245 2.39 -19.00 -42.28
N VAL A 246 2.34 -17.86 -42.96
CA VAL A 246 1.23 -17.58 -43.87
C VAL A 246 1.49 -18.07 -45.29
N THR A 247 2.62 -18.74 -45.52
CA THR A 247 2.90 -19.32 -46.84
C THR A 247 3.22 -20.81 -46.72
N ASP A 248 4.50 -21.19 -46.82
CA ASP A 248 4.84 -22.61 -46.85
C ASP A 248 4.84 -23.27 -45.48
N GLY A 249 4.61 -22.51 -44.41
CA GLY A 249 4.49 -23.07 -43.08
C GLY A 249 3.06 -23.35 -42.66
N TRP A 250 2.17 -23.53 -43.65
CA TRP A 250 0.74 -23.69 -43.38
C TRP A 250 0.43 -24.90 -42.49
N TRP A 251 1.30 -25.91 -42.48
CA TRP A 251 1.02 -27.09 -41.66
C TRP A 251 1.19 -26.81 -40.17
N ILE A 252 1.82 -25.70 -39.79
CA ILE A 252 1.87 -25.28 -38.40
C ILE A 252 0.52 -24.64 -38.05
N THR A 253 -0.21 -25.24 -37.13
CA THR A 253 -1.50 -24.69 -36.70
C THR A 253 -1.79 -25.16 -35.28
N GLY A 254 -2.47 -24.31 -34.52
CA GLY A 254 -2.78 -24.62 -33.14
C GLY A 254 -1.61 -24.51 -32.20
N GLN A 255 -0.60 -23.73 -32.57
CA GLN A 255 0.62 -23.58 -31.80
C GLN A 255 0.84 -22.11 -31.44
N THR A 256 1.46 -21.91 -30.29
CA THR A 256 1.96 -20.61 -29.84
C THR A 256 3.47 -20.74 -29.75
N ILE A 257 4.20 -20.00 -30.57
CA ILE A 257 5.62 -20.21 -30.78
C ILE A 257 6.39 -18.96 -30.40
N LEU A 258 7.51 -19.14 -29.70
CA LEU A 258 8.30 -18.04 -29.16
C LEU A 258 9.53 -17.80 -30.02
N ILE A 259 9.72 -16.56 -30.43
CA ILE A 259 10.78 -16.19 -31.36
C ILE A 259 11.54 -15.03 -30.69
N ASN A 260 12.63 -15.37 -29.98
CA ASN A 260 13.17 -14.45 -28.98
C ASN A 260 14.68 -14.52 -28.78
N GLY A 261 15.44 -15.22 -29.63
CA GLY A 261 16.87 -15.26 -29.47
C GLY A 261 17.33 -16.12 -28.33
N GLY A 262 16.43 -16.92 -27.74
CA GLY A 262 16.81 -17.78 -26.63
C GLY A 262 16.66 -17.09 -25.29
N TYR A 263 15.45 -16.53 -25.08
CA TYR A 263 15.10 -15.71 -23.92
C TYR A 263 14.24 -16.50 -22.94
N THR A 264 13.06 -16.92 -23.37
CA THR A 264 12.25 -17.91 -22.66
C THR A 264 11.99 -19.08 -23.61
N THR A 265 11.55 -20.19 -23.02
CA THR A 265 11.16 -21.36 -23.80
C THR A 265 9.85 -21.91 -23.23
N LYS A 266 9.40 -23.01 -23.81
CA LYS A 266 8.19 -23.67 -23.36
C LYS A 266 8.19 -25.10 -23.84
N VAL B 10 7.75 -17.28 12.69
CA VAL B 10 7.75 -18.69 12.29
C VAL B 10 6.32 -19.16 12.01
N ALA B 11 6.12 -19.76 10.84
CA ALA B 11 4.79 -20.19 10.43
C ALA B 11 4.42 -21.51 11.07
N THR B 12 3.13 -21.69 11.30
CA THR B 12 2.54 -22.98 11.60
C THR B 12 1.83 -23.49 10.34
N HIS B 13 1.90 -24.80 10.11
CA HIS B 13 1.37 -25.38 8.89
C HIS B 13 0.11 -26.20 9.13
N THR B 14 -0.65 -25.84 10.15
CA THR B 14 -1.96 -26.43 10.41
C THR B 14 -3.04 -25.38 10.15
N LEU B 15 -4.28 -25.75 10.41
CA LEU B 15 -5.39 -24.81 10.28
C LEU B 15 -5.72 -24.11 11.58
N ALA B 16 -5.06 -24.45 12.68
CA ALA B 16 -5.39 -23.84 13.97
C ALA B 16 -5.20 -22.34 13.92
N ASP B 17 -6.20 -21.61 14.39
CA ASP B 17 -6.21 -20.15 14.49
C ASP B 17 -6.29 -19.45 13.14
N LYS B 18 -6.60 -20.17 12.06
CA LYS B 18 -6.61 -19.59 10.72
C LYS B 18 -8.03 -19.24 10.30
N VAL B 19 -8.18 -18.05 9.69
CA VAL B 19 -9.44 -17.61 9.13
C VAL B 19 -9.42 -17.85 7.63
N VAL B 20 -10.47 -18.51 7.13
CA VAL B 20 -10.60 -18.90 5.72
C VAL B 20 -11.70 -18.06 5.08
N LEU B 21 -11.41 -17.50 3.91
CA LEU B 21 -12.41 -16.87 3.04
C LEU B 21 -12.55 -17.71 1.79
N ILE B 22 -13.78 -18.13 1.47
CA ILE B 22 -14.06 -18.92 0.26
C ILE B 22 -15.07 -18.19 -0.61
N ALA B 23 -14.63 -17.77 -1.81
CA ALA B 23 -15.56 -17.27 -2.82
C ALA B 23 -16.25 -18.46 -3.46
N GLY B 24 -17.58 -18.43 -3.50
CA GLY B 24 -18.36 -19.58 -3.89
C GLY B 24 -18.31 -20.67 -2.84
N GLY B 25 -18.39 -20.30 -1.58
CA GLY B 25 -18.22 -21.25 -0.50
C GLY B 25 -19.48 -21.89 0.05
N ALA B 26 -20.62 -21.69 -0.61
CA ALA B 26 -21.90 -22.14 -0.05
C ALA B 26 -22.31 -23.53 -0.49
N LYS B 27 -21.81 -24.02 -1.63
CA LYS B 27 -22.34 -25.22 -2.24
C LYS B 27 -21.25 -25.86 -3.10
N ASN B 28 -21.53 -27.07 -3.57
CA ASN B 28 -20.68 -27.78 -4.53
C ASN B 28 -19.26 -27.83 -3.99
N LEU B 29 -18.23 -27.51 -4.79
CA LEU B 29 -16.86 -27.67 -4.31
C LEU B 29 -16.59 -26.76 -3.12
N GLY B 30 -16.94 -25.47 -3.23
CA GLY B 30 -16.61 -24.54 -2.16
C GLY B 30 -17.28 -24.88 -0.85
N GLY B 31 -18.54 -25.34 -0.91
CA GLY B 31 -19.23 -25.72 0.31
C GLY B 31 -18.60 -26.94 0.97
N LEU B 32 -18.05 -27.85 0.18
CA LEU B 32 -17.36 -29.00 0.76
C LEU B 32 -16.00 -28.59 1.34
N ILE B 33 -15.29 -27.67 0.66
CA ILE B 33 -14.07 -27.10 1.23
C ILE B 33 -14.36 -26.44 2.58
N ALA B 34 -15.45 -25.67 2.66
CA ALA B 34 -15.79 -25.00 3.91
C ALA B 34 -15.93 -26.01 5.05
N ARG B 35 -16.70 -27.08 4.81
CA ARG B 35 -16.89 -28.11 5.82
C ARG B 35 -15.57 -28.82 6.15
N ASP B 36 -14.76 -29.09 5.12
CA ASP B 36 -13.53 -29.84 5.33
C ASP B 36 -12.52 -29.05 6.15
N LEU B 37 -12.33 -27.77 5.82
CA LEU B 37 -11.36 -26.99 6.56
C LEU B 37 -11.82 -26.72 7.99
N ALA B 38 -13.12 -26.49 8.19
CA ALA B 38 -13.63 -26.35 9.54
C ALA B 38 -13.43 -27.66 10.32
N GLY B 39 -13.73 -28.79 9.68
CA GLY B 39 -13.58 -30.07 10.37
C GLY B 39 -12.15 -30.41 10.71
N HIS B 40 -11.17 -29.85 9.98
CA HIS B 40 -9.77 -30.08 10.25
C HIS B 40 -9.13 -28.97 11.07
N GLY B 41 -9.93 -28.09 11.67
CA GLY B 41 -9.46 -27.22 12.73
C GLY B 41 -9.39 -25.73 12.46
N ALA B 42 -9.93 -25.24 11.34
CA ALA B 42 -9.88 -23.82 11.05
C ALA B 42 -10.65 -23.03 12.10
N LYS B 43 -10.21 -21.79 12.33
CA LYS B 43 -10.85 -20.94 13.33
C LYS B 43 -12.20 -20.43 12.87
N ALA B 44 -12.31 -20.07 11.59
CA ALA B 44 -13.50 -19.40 11.08
C ALA B 44 -13.52 -19.53 9.57
N VAL B 45 -14.73 -19.59 9.01
CA VAL B 45 -14.90 -19.58 7.56
C VAL B 45 -15.86 -18.45 7.18
N ALA B 46 -15.39 -17.57 6.31
CA ALA B 46 -16.23 -16.57 5.65
C ALA B 46 -16.74 -17.16 4.33
N ILE B 47 -18.05 -17.32 4.24
CA ILE B 47 -18.71 -18.06 3.17
C ILE B 47 -19.33 -17.05 2.21
N HIS B 48 -18.72 -16.86 1.04
CA HIS B 48 -19.31 -15.98 0.04
C HIS B 48 -20.24 -16.76 -0.87
N TYR B 49 -21.32 -16.12 -1.31
CA TYR B 49 -22.20 -16.67 -2.32
C TYR B 49 -22.70 -15.53 -3.20
N ASN B 50 -23.15 -15.88 -4.40
CA ASN B 50 -23.61 -14.88 -5.37
C ASN B 50 -25.13 -14.82 -5.46
N SER B 51 -25.75 -15.84 -6.07
CA SER B 51 -27.17 -15.77 -6.39
C SER B 51 -28.03 -15.98 -5.15
N ALA B 52 -29.20 -15.34 -5.14
CA ALA B 52 -30.16 -15.56 -4.06
C ALA B 52 -30.54 -17.02 -3.94
N ALA B 53 -30.55 -17.74 -5.06
CA ALA B 53 -30.84 -19.18 -5.04
C ALA B 53 -29.81 -19.97 -4.26
N SER B 54 -28.64 -19.40 -3.95
CA SER B 54 -27.61 -20.07 -3.18
C SER B 54 -27.66 -19.72 -1.70
N GLN B 55 -28.56 -18.83 -1.28
CA GLN B 55 -28.54 -18.33 0.11
C GLN B 55 -28.85 -19.43 1.11
N ALA B 56 -29.83 -20.29 0.82
CA ALA B 56 -30.18 -21.34 1.78
C ALA B 56 -29.00 -22.29 2.00
N GLN B 57 -28.31 -22.66 0.93
CA GLN B 57 -27.12 -23.50 1.07
C GLN B 57 -26.02 -22.80 1.85
N ALA B 58 -25.87 -21.48 1.66
CA ALA B 58 -24.86 -20.73 2.41
C ALA B 58 -25.11 -20.81 3.91
N GLU B 59 -26.36 -20.65 4.35
CA GLU B 59 -26.67 -20.73 5.77
C GLU B 59 -26.55 -22.15 6.29
N GLU B 60 -26.92 -23.14 5.47
CA GLU B 60 -26.72 -24.53 5.85
C GLU B 60 -25.24 -24.85 5.99
N THR B 61 -24.41 -24.33 5.09
CA THR B 61 -22.97 -24.49 5.21
C THR B 61 -22.45 -23.80 6.47
N ALA B 62 -22.96 -22.60 6.77
CA ALA B 62 -22.54 -21.92 7.99
C ALA B 62 -22.85 -22.74 9.23
N ALA B 63 -24.06 -23.32 9.30
CA ALA B 63 -24.40 -24.17 10.44
C ALA B 63 -23.50 -25.39 10.53
N ALA B 64 -23.14 -25.99 9.38
CA ALA B 64 -22.24 -27.14 9.39
C ALA B 64 -20.84 -26.75 9.84
N VAL B 65 -20.36 -25.57 9.41
CA VAL B 65 -19.06 -25.08 9.85
C VAL B 65 -19.04 -24.91 11.37
N ARG B 66 -20.12 -24.36 11.93
CA ARG B 66 -20.21 -24.18 13.38
C ARG B 66 -20.26 -25.52 14.11
N ALA B 67 -21.01 -26.49 13.58
CA ALA B 67 -21.04 -27.82 14.19
C ALA B 67 -19.65 -28.46 14.22
N ALA B 68 -18.82 -28.14 13.22
CA ALA B 68 -17.45 -28.65 13.16
C ALA B 68 -16.49 -27.91 14.09
N GLY B 69 -16.92 -26.82 14.71
CA GLY B 69 -16.14 -26.11 15.71
C GLY B 69 -15.59 -24.76 15.32
N ALA B 70 -15.91 -24.26 14.12
CA ALA B 70 -15.41 -22.97 13.66
C ALA B 70 -16.52 -21.92 13.69
N GLU B 71 -16.13 -20.65 13.77
CA GLU B 71 -17.09 -19.59 13.54
C GLU B 71 -17.42 -19.49 12.05
N ALA B 72 -18.57 -18.91 11.73
CA ALA B 72 -19.00 -18.82 10.34
C ALA B 72 -19.87 -17.59 10.13
N ALA B 73 -19.74 -17.00 8.95
CA ALA B 73 -20.57 -15.89 8.50
C ALA B 73 -20.71 -15.96 6.99
N THR B 74 -21.81 -15.45 6.47
CA THR B 74 -22.10 -15.47 5.04
C THR B 74 -22.08 -14.06 4.47
N PHE B 75 -21.68 -13.97 3.19
CA PHE B 75 -21.49 -12.69 2.52
C PHE B 75 -21.94 -12.83 1.07
N GLN B 76 -22.99 -12.11 0.69
CA GLN B 76 -23.50 -12.13 -0.68
CA GLN B 76 -23.48 -12.13 -0.68
C GLN B 76 -22.78 -11.06 -1.50
N ALA B 77 -22.33 -11.43 -2.70
CA ALA B 77 -21.72 -10.43 -3.57
C ALA B 77 -21.62 -10.93 -5.01
N ASP B 78 -21.82 -10.01 -5.96
CA ASP B 78 -21.49 -10.22 -7.36
C ASP B 78 -20.07 -9.69 -7.55
N LEU B 79 -19.12 -10.60 -7.81
CA LEU B 79 -17.71 -10.26 -7.75
C LEU B 79 -17.11 -9.87 -9.10
N THR B 80 -17.94 -9.38 -10.03
CA THR B 80 -17.45 -8.95 -11.35
C THR B 80 -16.97 -7.50 -11.38
N THR B 81 -17.04 -6.76 -10.27
CA THR B 81 -16.47 -5.42 -10.19
C THR B 81 -15.41 -5.39 -9.10
N ALA B 82 -14.42 -4.53 -9.29
CA ALA B 82 -13.35 -4.40 -8.30
C ALA B 82 -13.91 -3.99 -6.95
N ALA B 83 -14.90 -3.08 -6.95
CA ALA B 83 -15.46 -2.59 -5.69
C ALA B 83 -16.06 -3.72 -4.87
N ALA B 84 -16.73 -4.67 -5.54
CA ALA B 84 -17.37 -5.76 -4.79
C ALA B 84 -16.35 -6.72 -4.22
N VAL B 85 -15.26 -6.98 -4.95
CA VAL B 85 -14.21 -7.83 -4.41
C VAL B 85 -13.53 -7.16 -3.22
N GLU B 86 -13.21 -5.88 -3.37
CA GLU B 86 -12.65 -5.11 -2.26
C GLU B 86 -13.53 -5.22 -1.02
N LYS B 87 -14.84 -5.03 -1.20
CA LYS B 87 -15.77 -5.04 -0.09
C LYS B 87 -15.88 -6.42 0.55
N LEU B 88 -15.77 -7.49 -0.24
CA LEU B 88 -15.84 -8.83 0.34
C LEU B 88 -14.69 -9.06 1.33
N PHE B 89 -13.47 -8.71 0.93
CA PHE B 89 -12.35 -8.86 1.86
C PHE B 89 -12.51 -7.94 3.06
N ASP B 90 -12.95 -6.70 2.82
CA ASP B 90 -13.18 -5.77 3.92
C ASP B 90 -14.20 -6.31 4.91
N ASP B 91 -15.32 -6.85 4.40
CA ASP B 91 -16.38 -7.33 5.27
C ASP B 91 -15.94 -8.57 6.04
N ALA B 92 -15.23 -9.48 5.38
CA ALA B 92 -14.73 -10.67 6.08
C ALA B 92 -13.77 -10.27 7.21
N LYS B 93 -12.90 -9.28 6.93
CA LYS B 93 -11.98 -8.79 7.95
C LYS B 93 -12.70 -8.08 9.08
N GLN B 94 -13.74 -7.29 8.77
CA GLN B 94 -14.52 -6.66 9.82
C GLN B 94 -15.15 -7.68 10.75
N ARG B 95 -15.52 -8.85 10.23
CA ARG B 95 -16.16 -9.87 11.06
C ARG B 95 -15.13 -10.70 11.84
N PHE B 96 -14.00 -11.05 11.23
CA PHE B 96 -13.10 -12.02 11.82
C PHE B 96 -11.75 -11.47 12.22
N GLY B 97 -11.45 -10.22 11.85
CA GLY B 97 -10.23 -9.56 12.28
C GLY B 97 -9.03 -9.76 11.37
N LYS B 98 -8.97 -10.88 10.65
CA LYS B 98 -7.84 -11.20 9.79
C LYS B 98 -8.32 -12.24 8.78
N ILE B 99 -7.52 -12.43 7.73
CA ILE B 99 -7.77 -13.47 6.74
C ILE B 99 -6.44 -14.17 6.50
N ASP B 100 -6.41 -15.49 6.68
CA ASP B 100 -5.20 -16.30 6.50
C ASP B 100 -5.19 -17.11 5.21
N ILE B 101 -6.34 -17.56 4.76
CA ILE B 101 -6.44 -18.49 3.65
C ILE B 101 -7.58 -17.99 2.76
N ALA B 102 -7.29 -17.71 1.49
CA ALA B 102 -8.27 -17.17 0.56
C ALA B 102 -8.36 -18.11 -0.63
N ILE B 103 -9.54 -18.68 -0.82
CA ILE B 103 -9.79 -19.70 -1.85
C ILE B 103 -10.92 -19.21 -2.73
N ASN B 104 -10.66 -19.13 -4.03
CA ASN B 104 -11.64 -18.62 -4.99
C ASN B 104 -12.12 -19.76 -5.87
N THR B 105 -13.41 -20.09 -5.79
CA THR B 105 -14.01 -21.10 -6.67
C THR B 105 -14.97 -20.49 -7.70
N VAL B 106 -15.03 -19.16 -7.81
CA VAL B 106 -16.00 -18.53 -8.70
C VAL B 106 -15.67 -18.84 -10.16
N GLY B 107 -16.69 -19.17 -10.94
CA GLY B 107 -16.48 -19.45 -12.35
C GLY B 107 -17.79 -19.58 -13.10
N LYS B 108 -17.66 -19.68 -14.43
CA LYS B 108 -18.80 -19.83 -15.33
C LYS B 108 -18.33 -20.60 -16.55
N VAL B 109 -19.15 -21.52 -17.05
CA VAL B 109 -18.79 -22.30 -18.23
C VAL B 109 -19.69 -21.91 -19.40
N LEU B 110 -19.09 -21.89 -20.60
CA LEU B 110 -19.79 -21.72 -21.86
C LEU B 110 -19.09 -22.60 -22.89
N LYS B 111 -19.87 -23.40 -23.62
CA LYS B 111 -19.33 -24.30 -24.64
C LYS B 111 -20.11 -24.04 -25.92
N LYS B 112 -19.45 -23.47 -26.93
CA LYS B 112 -20.11 -23.21 -28.19
CA LYS B 112 -20.12 -23.02 -28.14
C LYS B 112 -19.06 -22.79 -29.21
N PRO B 113 -19.39 -22.93 -30.50
CA PRO B 113 -18.44 -22.56 -31.55
C PRO B 113 -18.03 -21.09 -31.46
N PHE B 114 -16.77 -20.85 -31.82
CA PHE B 114 -16.18 -19.52 -31.78
C PHE B 114 -17.06 -18.51 -32.52
N THR B 115 -17.55 -18.88 -33.70
CA THR B 115 -18.32 -17.93 -34.49
C THR B 115 -19.73 -17.68 -33.94
N GLU B 116 -20.14 -18.39 -32.88
CA GLU B 116 -21.46 -18.21 -32.30
C GLU B 116 -21.44 -17.46 -30.97
N ILE B 117 -20.27 -17.09 -30.46
CA ILE B 117 -20.17 -16.47 -29.14
C ILE B 117 -20.38 -14.97 -29.28
N SER B 118 -21.37 -14.45 -28.56
CA SER B 118 -21.74 -13.04 -28.63
C SER B 118 -20.86 -12.19 -27.72
N GLU B 119 -20.92 -10.88 -27.95
CA GLU B 119 -20.16 -9.97 -27.09
C GLU B 119 -20.63 -10.05 -25.64
N ALA B 120 -21.94 -10.15 -25.40
CA ALA B 120 -22.44 -10.28 -24.05
C ALA B 120 -21.92 -11.54 -23.38
N GLU B 121 -21.84 -12.64 -24.13
CA GLU B 121 -21.33 -13.88 -23.54
C GLU B 121 -19.84 -13.78 -23.23
N TYR B 122 -19.07 -13.23 -24.17
CA TYR B 122 -17.65 -12.98 -23.90
C TYR B 122 -17.49 -12.13 -22.65
N ASP B 123 -18.23 -11.01 -22.58
CA ASP B 123 -18.06 -10.06 -21.48
C ASP B 123 -18.33 -10.72 -20.13
N GLU B 124 -19.40 -11.50 -20.01
CA GLU B 124 -19.68 -12.14 -18.73
C GLU B 124 -18.65 -13.22 -18.40
N MET B 125 -18.26 -14.03 -19.40
CA MET B 125 -17.29 -15.09 -19.15
C MET B 125 -15.98 -14.51 -18.63
N PHE B 126 -15.51 -13.42 -19.23
CA PHE B 126 -14.26 -12.84 -18.77
C PHE B 126 -14.40 -12.08 -17.45
N ALA B 127 -15.56 -11.45 -17.20
CA ALA B 127 -15.77 -10.80 -15.91
C ALA B 127 -15.76 -11.80 -14.77
N VAL B 128 -16.37 -12.98 -14.99
CA VAL B 128 -16.49 -13.97 -13.92
C VAL B 128 -15.21 -14.78 -13.76
N ASN B 129 -14.63 -15.26 -14.87
CA ASN B 129 -13.51 -16.19 -14.77
C ASN B 129 -12.16 -15.50 -14.69
N SER B 130 -12.02 -14.32 -15.29
CA SER B 130 -10.74 -13.63 -15.27
C SER B 130 -10.72 -12.42 -14.34
N LYS B 131 -11.67 -11.49 -14.51
CA LYS B 131 -11.60 -10.25 -13.74
C LYS B 131 -11.83 -10.51 -12.25
N SER B 132 -12.85 -11.28 -11.90
CA SER B 132 -13.08 -11.56 -10.48
CA SER B 132 -13.09 -11.58 -10.49
C SER B 132 -11.87 -12.24 -9.86
N ALA B 133 -11.21 -13.13 -10.60
CA ALA B 133 -10.04 -13.82 -10.08
C ALA B 133 -8.84 -12.89 -9.94
N PHE B 134 -8.66 -11.96 -10.89
CA PHE B 134 -7.60 -10.97 -10.77
C PHE B 134 -7.76 -10.17 -9.49
N PHE B 135 -8.96 -9.62 -9.26
CA PHE B 135 -9.15 -8.77 -8.09
C PHE B 135 -9.16 -9.55 -6.79
N PHE B 136 -9.59 -10.82 -6.83
CA PHE B 136 -9.44 -11.66 -5.65
C PHE B 136 -7.96 -11.84 -5.30
N ILE B 137 -7.12 -12.09 -6.31
CA ILE B 137 -5.68 -12.23 -6.05
C ILE B 137 -5.07 -10.91 -5.60
N LYS B 138 -5.47 -9.79 -6.22
CA LYS B 138 -4.97 -8.49 -5.81
C LYS B 138 -5.33 -8.19 -4.36
N GLU B 139 -6.62 -8.37 -4.02
CA GLU B 139 -7.06 -8.02 -2.68
C GLU B 139 -6.50 -8.98 -1.63
N ALA B 140 -6.30 -10.24 -1.99
CA ALA B 140 -5.62 -11.17 -1.08
C ALA B 140 -4.19 -10.69 -0.82
N GLY B 141 -3.52 -10.16 -1.85
CA GLY B 141 -2.21 -9.58 -1.64
C GLY B 141 -2.22 -8.43 -0.66
N ARG B 142 -3.32 -7.66 -0.63
CA ARG B 142 -3.41 -6.53 0.28
C ARG B 142 -3.83 -6.94 1.68
N HIS B 143 -4.55 -8.06 1.82
CA HIS B 143 -5.22 -8.38 3.07
C HIS B 143 -4.68 -9.60 3.80
N LEU B 144 -4.10 -10.56 3.09
CA LEU B 144 -3.72 -11.81 3.76
C LEU B 144 -2.68 -11.54 4.83
N GLU B 145 -2.79 -12.29 5.93
CA GLU B 145 -1.72 -12.33 6.92
C GLU B 145 -0.45 -12.90 6.28
N ASP B 146 0.70 -12.52 6.84
CA ASP B 146 1.95 -13.19 6.49
C ASP B 146 1.76 -14.70 6.64
N HIS B 147 2.46 -15.46 5.78
CA HIS B 147 2.38 -16.91 5.75
C HIS B 147 1.06 -17.43 5.22
N GLY B 148 0.25 -16.58 4.61
CA GLY B 148 -1.07 -16.98 4.16
C GLY B 148 -1.05 -17.82 2.90
N LYS B 149 -2.27 -18.13 2.43
CA LYS B 149 -2.48 -19.02 1.30
C LYS B 149 -3.52 -18.44 0.35
N LEU B 150 -3.29 -18.63 -0.94
CA LEU B 150 -4.16 -18.10 -1.99
C LEU B 150 -4.30 -19.19 -3.05
N VAL B 151 -5.53 -19.65 -3.30
CA VAL B 151 -5.81 -20.74 -4.23
C VAL B 151 -6.96 -20.33 -5.14
N THR B 152 -6.80 -20.52 -6.45
CA THR B 152 -7.87 -20.24 -7.41
C THR B 152 -8.18 -21.50 -8.20
N LEU B 153 -9.46 -21.73 -8.49
CA LEU B 153 -9.88 -22.87 -9.30
C LEU B 153 -9.84 -22.51 -10.78
N VAL B 154 -9.21 -23.37 -11.57
CA VAL B 154 -9.20 -23.27 -13.03
C VAL B 154 -9.73 -24.60 -13.59
N THR B 155 -9.42 -24.92 -14.85
CA THR B 155 -9.95 -26.11 -15.50
C THR B 155 -8.83 -26.94 -16.09
N SER B 156 -9.00 -28.27 -16.07
CA SER B 156 -8.09 -29.15 -16.79
C SER B 156 -8.09 -28.93 -18.30
N LEU B 157 -9.08 -28.21 -18.84
CA LEU B 157 -9.01 -27.85 -20.25
C LEU B 157 -7.81 -26.97 -20.59
N LEU B 158 -7.14 -26.39 -19.60
CA LEU B 158 -5.88 -25.71 -19.88
C LEU B 158 -4.84 -26.65 -20.50
N GLY B 159 -4.98 -27.96 -20.29
CA GLY B 159 -4.11 -28.93 -20.91
C GLY B 159 -4.70 -29.61 -22.13
N ALA B 160 -5.82 -29.11 -22.65
CA ALA B 160 -6.51 -29.74 -23.75
C ALA B 160 -6.22 -29.02 -25.06
N PHE B 161 -6.49 -29.72 -26.16
CA PHE B 161 -6.39 -29.20 -27.53
C PHE B 161 -7.70 -29.59 -28.20
N THR B 162 -8.71 -28.72 -28.09
CA THR B 162 -10.07 -29.18 -28.37
C THR B 162 -10.92 -27.97 -28.79
N PRO B 163 -11.97 -28.19 -29.59
CA PRO B 163 -12.85 -27.09 -29.98
C PRO B 163 -13.86 -26.76 -28.88
N PHE B 164 -14.49 -25.59 -29.03
CA PHE B 164 -15.76 -25.18 -28.41
C PHE B 164 -15.62 -24.53 -27.04
N TYR B 165 -14.43 -24.54 -26.42
CA TYR B 165 -14.28 -23.94 -25.10
C TYR B 165 -13.48 -22.64 -25.13
N ALA B 166 -13.42 -21.94 -26.27
CA ALA B 166 -12.55 -20.77 -26.36
C ALA B 166 -12.81 -19.76 -25.25
N ALA B 167 -14.09 -19.51 -24.94
CA ALA B 167 -14.41 -18.49 -23.94
C ALA B 167 -14.23 -18.98 -22.51
N TYR B 168 -14.17 -20.30 -22.29
CA TYR B 168 -14.01 -20.88 -20.96
C TYR B 168 -12.54 -21.20 -20.66
N GLU B 169 -11.93 -22.05 -21.48
CA GLU B 169 -10.49 -22.28 -21.40
C GLU B 169 -9.73 -20.96 -21.51
N GLY B 170 -10.18 -20.07 -22.40
CA GLY B 170 -9.47 -18.81 -22.59
C GLY B 170 -9.62 -17.83 -21.43
N SER B 171 -10.75 -17.87 -20.73
CA SER B 171 -10.94 -16.94 -19.59
C SER B 171 -10.41 -17.49 -18.27
N LYS B 172 -10.13 -18.79 -18.17
CA LYS B 172 -9.40 -19.31 -17.03
C LYS B 172 -7.90 -19.23 -17.22
N ALA B 173 -7.41 -19.20 -18.46
CA ALA B 173 -5.98 -19.11 -18.72
C ALA B 173 -5.27 -17.96 -18.01
N PRO B 174 -5.85 -16.76 -17.90
CA PRO B 174 -5.11 -15.69 -17.21
C PRO B 174 -4.74 -16.05 -15.78
N VAL B 175 -5.55 -16.87 -15.11
CA VAL B 175 -5.33 -17.21 -13.71
C VAL B 175 -3.99 -17.92 -13.52
N GLU B 176 -3.59 -18.76 -14.47
CA GLU B 176 -2.29 -19.41 -14.37
C GLU B 176 -1.18 -18.37 -14.28
N HIS B 177 -1.30 -17.31 -15.09
CA HIS B 177 -0.26 -16.28 -15.13
C HIS B 177 -0.37 -15.30 -13.98
N PHE B 178 -1.59 -14.96 -13.55
CA PHE B 178 -1.73 -14.21 -12.30
C PHE B 178 -1.07 -14.94 -11.15
N THR B 179 -1.23 -16.27 -11.12
CA THR B 179 -0.66 -17.11 -10.06
C THR B 179 0.86 -17.08 -10.08
N ARG B 180 1.48 -17.07 -11.27
CA ARG B 180 2.94 -16.92 -11.36
C ARG B 180 3.39 -15.60 -10.80
N ALA B 181 2.79 -14.50 -11.26
CA ALA B 181 3.23 -13.18 -10.82
C ALA B 181 3.02 -13.01 -9.32
N ALA B 182 1.83 -13.42 -8.83
CA ALA B 182 1.53 -13.25 -7.41
C ALA B 182 2.43 -14.13 -6.54
N SER B 183 2.75 -15.34 -7.00
CA SER B 183 3.68 -16.16 -6.23
CA SER B 183 3.69 -16.18 -6.26
C SER B 183 5.01 -15.45 -6.05
N LYS B 184 5.53 -14.81 -7.10
CA LYS B 184 6.79 -14.08 -6.99
C LYS B 184 6.66 -12.86 -6.11
N GLU B 185 5.56 -12.11 -6.24
CA GLU B 185 5.43 -10.84 -5.51
C GLU B 185 5.04 -11.03 -4.07
N TYR B 186 4.25 -12.06 -3.77
CA TYR B 186 3.76 -12.26 -2.40
C TYR B 186 4.65 -13.19 -1.58
N GLY B 187 5.62 -13.87 -2.20
CA GLY B 187 6.47 -14.78 -1.47
C GLY B 187 7.29 -14.12 -0.39
N ALA B 188 7.58 -12.82 -0.56
CA ALA B 188 8.35 -12.10 0.45
C ALA B 188 7.63 -12.03 1.79
N ARG B 189 6.30 -12.19 1.81
CA ARG B 189 5.52 -12.25 3.03
C ARG B 189 5.18 -13.68 3.43
N GLY B 190 5.76 -14.67 2.76
CA GLY B 190 5.55 -16.05 3.11
C GLY B 190 4.27 -16.65 2.55
N ILE B 191 3.62 -15.98 1.60
CA ILE B 191 2.34 -16.40 1.06
C ILE B 191 2.57 -17.36 -0.10
N SER B 192 1.83 -18.47 -0.11
CA SER B 192 1.87 -19.46 -1.20
C SER B 192 0.65 -19.26 -2.10
N VAL B 193 0.87 -19.23 -3.42
CA VAL B 193 -0.17 -18.93 -4.39
C VAL B 193 -0.21 -20.06 -5.42
N THR B 194 -1.38 -20.69 -5.58
CA THR B 194 -1.52 -21.82 -6.48
C THR B 194 -2.86 -21.76 -7.23
N ALA B 195 -2.93 -22.50 -8.33
CA ALA B 195 -4.17 -22.69 -9.07
C ALA B 195 -4.38 -24.18 -9.27
N VAL B 196 -5.64 -24.63 -9.18
CA VAL B 196 -5.99 -26.05 -9.18
C VAL B 196 -7.02 -26.26 -10.28
N GLY B 197 -6.74 -27.18 -11.20
CA GLY B 197 -7.65 -27.46 -12.30
C GLY B 197 -8.17 -28.86 -12.28
N PRO B 198 -9.38 -29.05 -11.74
CA PRO B 198 -9.99 -30.38 -11.75
C PRO B 198 -10.37 -30.79 -13.18
N GLY B 199 -10.58 -32.09 -13.36
CA GLY B 199 -11.29 -32.56 -14.52
C GLY B 199 -12.74 -32.13 -14.45
N PRO B 200 -13.52 -32.44 -15.49
CA PRO B 200 -14.97 -32.20 -15.40
C PRO B 200 -15.49 -32.90 -14.15
N MET B 201 -16.30 -32.18 -13.37
CA MET B 201 -16.73 -32.68 -12.06
C MET B 201 -18.22 -32.98 -12.03
N ASP B 202 -18.60 -33.94 -11.19
CA ASP B 202 -20.01 -34.27 -10.96
C ASP B 202 -20.63 -33.22 -10.04
N THR B 203 -20.94 -32.05 -10.61
CA THR B 203 -21.71 -31.02 -9.92
C THR B 203 -22.70 -30.41 -10.91
N PRO B 204 -23.70 -29.65 -10.44
CA PRO B 204 -24.63 -29.00 -11.38
C PRO B 204 -23.97 -27.99 -12.31
N PHE B 205 -22.73 -27.59 -12.05
CA PHE B 205 -22.02 -26.66 -12.95
C PHE B 205 -21.73 -27.31 -14.30
N PHE B 206 -21.47 -28.62 -14.31
CA PHE B 206 -20.92 -29.31 -15.47
C PHE B 206 -21.99 -29.60 -16.51
N TYR B 207 -23.11 -30.17 -16.08
CA TYR B 207 -24.06 -30.77 -17.01
C TYR B 207 -24.72 -29.82 -18.00
N PRO B 208 -25.14 -28.59 -17.65
CA PRO B 208 -25.94 -27.80 -18.60
C PRO B 208 -25.21 -27.44 -19.88
N ALA B 209 -23.89 -27.33 -19.85
CA ALA B 209 -23.12 -26.90 -21.01
C ALA B 209 -22.77 -28.04 -21.95
N GLU B 210 -22.99 -29.28 -21.53
CA GLU B 210 -22.49 -30.45 -22.25
C GLU B 210 -23.65 -31.23 -22.85
N GLY B 211 -23.55 -31.56 -24.14
CA GLY B 211 -24.50 -32.49 -24.72
C GLY B 211 -24.32 -33.89 -24.17
N ALA B 212 -25.35 -34.70 -24.38
CA ALA B 212 -25.33 -36.06 -23.84
C ALA B 212 -24.13 -36.85 -24.35
N ASP B 213 -23.81 -36.71 -25.64
CA ASP B 213 -22.63 -37.39 -26.19
C ASP B 213 -21.36 -36.96 -25.48
N ALA B 214 -21.22 -35.66 -25.25
CA ALA B 214 -20.03 -35.15 -24.56
C ALA B 214 -19.96 -35.65 -23.12
N VAL B 215 -21.10 -35.68 -22.42
CA VAL B 215 -21.13 -36.18 -21.04
C VAL B 215 -20.57 -37.60 -20.99
N ALA B 216 -21.02 -38.46 -21.91
CA ALA B 216 -20.54 -39.84 -21.94
C ALA B 216 -19.05 -39.89 -22.22
N TYR B 217 -18.57 -39.02 -23.11
CA TYR B 217 -17.13 -38.95 -23.36
C TYR B 217 -16.37 -38.55 -22.12
N HIS B 218 -16.77 -37.44 -21.47
CA HIS B 218 -16.05 -36.98 -20.29
C HIS B 218 -16.02 -38.07 -19.21
N LYS B 219 -17.12 -38.84 -19.10
CA LYS B 219 -17.22 -39.86 -18.06
C LYS B 219 -16.28 -41.04 -18.30
N THR B 220 -15.72 -41.19 -19.50
CA THR B 220 -14.79 -42.28 -19.77
C THR B 220 -13.40 -41.79 -20.19
N ALA B 221 -13.13 -40.49 -20.13
CA ALA B 221 -11.94 -39.91 -20.72
C ALA B 221 -10.73 -39.91 -19.78
N ALA B 222 -10.91 -40.19 -18.50
CA ALA B 222 -9.81 -40.20 -17.55
C ALA B 222 -9.33 -41.63 -17.35
N ALA B 223 -8.01 -41.79 -17.17
CA ALA B 223 -7.46 -43.12 -16.96
C ALA B 223 -8.09 -43.81 -15.76
N LEU B 224 -8.46 -43.05 -14.73
CA LEU B 224 -9.08 -43.62 -13.54
C LEU B 224 -10.60 -43.48 -13.52
N SER B 225 -11.22 -43.11 -14.65
CA SER B 225 -12.68 -43.01 -14.72
C SER B 225 -13.43 -44.21 -14.13
N PRO B 226 -12.99 -45.46 -14.29
CA PRO B 226 -13.78 -46.57 -13.72
C PRO B 226 -13.87 -46.53 -12.21
N PHE B 227 -13.10 -45.68 -11.54
CA PHE B 227 -12.96 -45.77 -10.09
C PHE B 227 -13.52 -44.58 -9.34
N SER B 228 -14.01 -43.56 -10.04
CA SER B 228 -14.78 -42.51 -9.40
C SER B 228 -16.26 -42.88 -9.38
N LYS B 229 -17.10 -42.02 -8.82
CA LYS B 229 -18.50 -42.39 -8.64
C LYS B 229 -19.24 -42.45 -9.97
N THR B 230 -18.94 -41.54 -10.89
CA THR B 230 -19.61 -41.44 -12.17
C THR B 230 -18.68 -41.54 -13.37
N GLY B 231 -17.36 -41.54 -13.15
CA GLY B 231 -16.39 -41.39 -14.21
C GLY B 231 -15.81 -39.99 -14.31
N LEU B 232 -16.53 -38.98 -13.83
CA LEU B 232 -16.05 -37.61 -13.73
C LEU B 232 -15.20 -37.47 -12.47
N THR B 233 -14.59 -36.29 -12.31
CA THR B 233 -13.95 -35.93 -11.05
C THR B 233 -15.02 -35.74 -9.97
N ASP B 234 -14.81 -36.37 -8.80
CA ASP B 234 -15.65 -36.13 -7.64
C ASP B 234 -15.05 -35.02 -6.77
N ILE B 235 -15.90 -34.12 -6.28
CA ILE B 235 -15.39 -33.04 -5.44
C ILE B 235 -14.68 -33.57 -4.19
N GLU B 236 -15.10 -34.73 -3.68
CA GLU B 236 -14.48 -35.32 -2.51
CA GLU B 236 -14.45 -35.24 -2.49
C GLU B 236 -13.01 -35.66 -2.74
N ASP B 237 -12.60 -35.82 -3.99
CA ASP B 237 -11.19 -36.12 -4.29
C ASP B 237 -10.38 -34.87 -4.60
N VAL B 238 -11.03 -33.72 -4.75
CA VAL B 238 -10.34 -32.44 -4.94
C VAL B 238 -10.05 -31.77 -3.61
N VAL B 239 -11.02 -31.80 -2.69
CA VAL B 239 -10.92 -31.14 -1.39
CA VAL B 239 -10.86 -31.08 -1.43
C VAL B 239 -9.65 -31.51 -0.63
N PRO B 240 -9.23 -32.78 -0.60
CA PRO B 240 -8.02 -33.10 0.18
C PRO B 240 -6.75 -32.49 -0.40
N PHE B 241 -6.69 -32.29 -1.72
CA PHE B 241 -5.56 -31.61 -2.32
C PHE B 241 -5.55 -30.12 -1.94
N ILE B 242 -6.71 -29.48 -1.96
CA ILE B 242 -6.83 -28.10 -1.50
CA ILE B 242 -6.77 -28.10 -1.51
C ILE B 242 -6.36 -27.98 -0.05
N ARG B 243 -6.81 -28.91 0.80
CA ARG B 243 -6.39 -28.91 2.20
CA ARG B 243 -6.38 -28.88 2.19
C ARG B 243 -4.88 -29.05 2.32
N HIS B 244 -4.29 -29.94 1.52
CA HIS B 244 -2.84 -30.11 1.54
C HIS B 244 -2.14 -28.81 1.16
N LEU B 245 -2.57 -28.17 0.07
CA LEU B 245 -1.91 -26.95 -0.39
C LEU B 245 -1.91 -25.87 0.69
N VAL B 246 -2.99 -25.77 1.47
CA VAL B 246 -3.11 -24.70 2.46
C VAL B 246 -2.57 -25.09 3.82
N THR B 247 -2.00 -26.31 3.95
CA THR B 247 -1.35 -26.75 5.18
C THR B 247 0.08 -27.20 4.90
N ASP B 248 0.31 -28.52 4.85
CA ASP B 248 1.69 -28.98 4.75
CA ASP B 248 1.65 -29.08 4.72
C ASP B 248 2.27 -28.87 3.36
N GLY B 249 1.47 -28.51 2.36
CA GLY B 249 1.95 -28.34 1.00
C GLY B 249 2.35 -26.91 0.67
N TRP B 250 2.69 -26.12 1.69
CA TRP B 250 2.96 -24.70 1.52
C TRP B 250 4.12 -24.43 0.56
N TRP B 251 5.03 -25.38 0.38
CA TRP B 251 6.17 -25.13 -0.48
C TRP B 251 5.79 -25.14 -1.96
N ILE B 252 4.60 -25.64 -2.29
CA ILE B 252 4.09 -25.54 -3.65
C ILE B 252 3.53 -24.13 -3.83
N THR B 253 4.13 -23.37 -4.75
CA THR B 253 3.67 -22.02 -5.02
C THR B 253 4.07 -21.67 -6.46
N GLY B 254 3.26 -20.83 -7.09
CA GLY B 254 3.55 -20.46 -8.47
C GLY B 254 3.22 -21.53 -9.48
N GLN B 255 2.36 -22.48 -9.12
CA GLN B 255 2.08 -23.64 -9.96
C GLN B 255 0.58 -23.71 -10.23
N THR B 256 0.24 -24.22 -11.41
CA THR B 256 -1.12 -24.58 -11.79
C THR B 256 -1.12 -26.08 -12.01
N ILE B 257 -1.89 -26.80 -11.19
CA ILE B 257 -1.79 -28.26 -11.09
C ILE B 257 -3.13 -28.87 -11.43
N LEU B 258 -3.11 -29.91 -12.26
CA LEU B 258 -4.32 -30.55 -12.77
C LEU B 258 -4.60 -31.83 -12.00
N ILE B 259 -5.84 -31.96 -11.50
CA ILE B 259 -6.24 -33.05 -10.62
C ILE B 259 -7.49 -33.67 -11.25
N ASN B 260 -7.29 -34.72 -12.07
CA ASN B 260 -8.32 -35.08 -13.03
C ASN B 260 -8.43 -36.56 -13.35
N GLY B 261 -7.75 -37.45 -12.63
CA GLY B 261 -7.83 -38.87 -12.90
C GLY B 261 -7.08 -39.32 -14.11
N GLY B 262 -6.26 -38.45 -14.69
CA GLY B 262 -5.51 -38.79 -15.88
C GLY B 262 -6.29 -38.47 -17.14
N TYR B 263 -6.77 -37.22 -17.22
CA TYR B 263 -7.63 -36.72 -18.28
C TYR B 263 -6.82 -35.86 -19.26
N THR B 264 -6.24 -34.76 -18.79
CA THR B 264 -5.24 -34.00 -19.52
C THR B 264 -3.98 -33.91 -18.66
N THR B 265 -2.87 -33.50 -19.28
CA THR B 265 -1.62 -33.30 -18.57
C THR B 265 -1.00 -32.00 -19.06
N LYS B 266 0.19 -31.69 -18.54
CA LYS B 266 0.91 -30.50 -18.94
C LYS B 266 2.36 -30.65 -18.57
N THR C 12 22.52 29.64 1.27
CA THR C 12 21.84 30.51 0.32
C THR C 12 20.33 30.28 0.42
N HIS C 13 19.54 31.36 0.24
CA HIS C 13 18.10 31.26 0.47
C HIS C 13 17.27 31.48 -0.80
N THR C 14 17.85 31.28 -1.99
CA THR C 14 17.09 31.28 -3.23
C THR C 14 16.87 29.83 -3.69
N LEU C 15 16.33 29.67 -4.89
CA LEU C 15 16.14 28.34 -5.46
C LEU C 15 17.30 27.93 -6.37
N ALA C 16 18.26 28.81 -6.62
CA ALA C 16 19.36 28.48 -7.49
C ALA C 16 20.11 27.26 -6.97
N ASP C 17 20.32 26.28 -7.85
CA ASP C 17 21.08 25.07 -7.58
C ASP C 17 20.35 24.09 -6.67
N LYS C 18 19.06 24.31 -6.40
CA LYS C 18 18.30 23.47 -5.49
C LYS C 18 17.51 22.41 -6.25
N VAL C 19 17.55 21.17 -5.74
CA VAL C 19 16.74 20.07 -6.26
C VAL C 19 15.51 19.90 -5.38
N VAL C 20 14.34 19.87 -6.02
CA VAL C 20 13.03 19.77 -5.35
C VAL C 20 12.44 18.39 -5.63
N LEU C 21 11.91 17.74 -4.60
CA LEU C 21 11.10 16.53 -4.73
C LEU C 21 9.69 16.86 -4.26
N ILE C 22 8.68 16.55 -5.07
CA ILE C 22 7.29 16.83 -4.73
C ILE C 22 6.49 15.53 -4.81
N ALA C 23 5.99 15.07 -3.67
CA ALA C 23 5.04 13.96 -3.66
C ALA C 23 3.66 14.51 -4.01
N GLY C 24 2.98 13.86 -4.95
CA GLY C 24 1.76 14.43 -5.53
C GLY C 24 2.04 15.65 -6.39
N GLY C 25 3.13 15.63 -7.14
CA GLY C 25 3.60 16.76 -7.92
C GLY C 25 3.06 16.87 -9.32
N ALA C 26 2.12 16.02 -9.73
CA ALA C 26 1.73 15.94 -11.13
C ALA C 26 0.59 16.87 -11.50
N LYS C 27 -0.25 17.26 -10.55
CA LYS C 27 -1.50 17.91 -10.88
C LYS C 27 -1.92 18.75 -9.67
N ASN C 28 -2.95 19.58 -9.86
CA ASN C 28 -3.58 20.34 -8.78
C ASN C 28 -2.52 21.13 -8.03
N LEU C 29 -2.52 21.13 -6.69
CA LEU C 29 -1.59 21.97 -5.95
C LEU C 29 -0.13 21.61 -6.26
N GLY C 30 0.19 20.31 -6.21
CA GLY C 30 1.58 19.91 -6.38
C GLY C 30 2.12 20.23 -7.77
N GLY C 31 1.28 20.07 -8.79
CA GLY C 31 1.71 20.40 -10.14
C GLY C 31 1.94 21.88 -10.33
N LEU C 32 1.19 22.73 -9.61
CA LEU C 32 1.45 24.16 -9.67
C LEU C 32 2.70 24.53 -8.87
N ILE C 33 2.94 23.86 -7.73
CA ILE C 33 4.20 24.05 -7.01
C ILE C 33 5.39 23.71 -7.91
N ALA C 34 5.30 22.59 -8.64
CA ALA C 34 6.39 22.22 -9.55
C ALA C 34 6.68 23.33 -10.55
N ARG C 35 5.64 23.85 -11.20
CA ARG C 35 5.82 24.91 -12.18
C ARG C 35 6.35 26.18 -11.52
N ASP C 36 5.85 26.50 -10.33
CA ASP C 36 6.23 27.74 -9.65
C ASP C 36 7.70 27.71 -9.24
N LEU C 37 8.13 26.61 -8.62
CA LEU C 37 9.52 26.54 -8.18
C LEU C 37 10.47 26.48 -9.37
N ALA C 38 10.10 25.77 -10.45
CA ALA C 38 10.91 25.79 -11.66
C ALA C 38 10.98 27.20 -12.24
N GLY C 39 9.84 27.90 -12.28
CA GLY C 39 9.81 29.25 -12.83
C GLY C 39 10.60 30.24 -12.01
N HIS C 40 10.76 29.98 -10.71
CA HIS C 40 11.51 30.87 -9.83
C HIS C 40 12.95 30.42 -9.60
N GLY C 41 13.42 29.44 -10.39
CA GLY C 41 14.84 29.20 -10.55
C GLY C 41 15.40 27.88 -10.01
N ALA C 42 14.56 26.94 -9.60
CA ALA C 42 15.05 25.65 -9.10
C ALA C 42 15.86 24.93 -10.18
N LYS C 43 16.84 24.14 -9.74
CA LYS C 43 17.68 23.39 -10.68
C LYS C 43 16.93 22.21 -11.30
N ALA C 44 16.14 21.50 -10.49
CA ALA C 44 15.51 20.28 -10.94
C ALA C 44 14.28 20.01 -10.08
N VAL C 45 13.28 19.38 -10.67
CA VAL C 45 12.07 18.96 -9.95
C VAL C 45 11.83 17.48 -10.20
N ALA C 46 11.83 16.69 -9.12
CA ALA C 46 11.42 15.29 -9.15
C ALA C 46 9.92 15.24 -8.88
N ILE C 47 9.15 14.76 -9.84
CA ILE C 47 7.70 14.84 -9.84
C ILE C 47 7.17 13.45 -9.53
N HIS C 48 6.62 13.26 -8.35
CA HIS C 48 6.02 11.97 -8.00
C HIS C 48 4.53 11.97 -8.34
N TYR C 49 4.04 10.81 -8.77
CA TYR C 49 2.60 10.62 -8.94
C TYR C 49 2.25 9.19 -8.58
N ASN C 50 0.97 8.97 -8.28
CA ASN C 50 0.48 7.67 -7.84
C ASN C 50 -0.24 6.90 -8.94
N SER C 51 -1.48 7.27 -9.23
CA SER C 51 -2.35 6.48 -10.10
CA SER C 51 -2.30 6.44 -10.10
C SER C 51 -2.03 6.73 -11.57
N ALA C 52 -2.35 5.73 -12.41
CA ALA C 52 -2.17 5.87 -13.84
C ALA C 52 -3.01 7.00 -14.40
N ALA C 53 -4.16 7.29 -13.79
CA ALA C 53 -4.98 8.42 -14.20
C ALA C 53 -4.25 9.75 -14.05
N SER C 54 -3.18 9.81 -13.28
CA SER C 54 -2.40 11.02 -13.09
C SER C 54 -1.18 11.10 -13.97
N GLN C 55 -0.89 10.04 -14.74
CA GLN C 55 0.38 9.97 -15.47
C GLN C 55 0.47 11.04 -16.56
N ALA C 56 -0.61 11.28 -17.30
CA ALA C 56 -0.53 12.26 -18.37
C ALA C 56 -0.28 13.65 -17.82
N GLN C 57 -0.91 13.98 -16.70
CA GLN C 57 -0.64 15.25 -16.04
C GLN C 57 0.79 15.31 -15.53
N ALA C 58 1.33 14.19 -15.04
CA ALA C 58 2.72 14.18 -14.60
C ALA C 58 3.66 14.52 -15.73
N GLU C 59 3.43 13.94 -16.90
CA GLU C 59 4.30 14.23 -18.03
C GLU C 59 4.13 15.65 -18.53
N GLU C 60 2.92 16.20 -18.44
CA GLU C 60 2.73 17.60 -18.82
C GLU C 60 3.41 18.53 -17.83
N THR C 61 3.37 18.20 -16.54
CA THR C 61 4.10 18.99 -15.55
C THR C 61 5.60 18.92 -15.81
N ALA C 62 6.13 17.73 -16.12
CA ALA C 62 7.53 17.60 -16.46
C ALA C 62 7.88 18.47 -17.66
N ALA C 63 7.01 18.49 -18.68
CA ALA C 63 7.25 19.35 -19.83
C ALA C 63 7.28 20.82 -19.44
N ALA C 64 6.40 21.23 -18.54
CA ALA C 64 6.36 22.64 -18.15
C ALA C 64 7.59 23.02 -17.34
N VAL C 65 8.04 22.13 -16.45
CA VAL C 65 9.27 22.37 -15.70
C VAL C 65 10.45 22.51 -16.64
N ARG C 66 10.53 21.65 -17.65
CA ARG C 66 11.63 21.72 -18.60
C ARG C 66 11.56 22.97 -19.46
N ALA C 67 10.35 23.41 -19.83
CA ALA C 67 10.23 24.64 -20.61
C ALA C 67 10.66 25.86 -19.82
N ALA C 68 10.59 25.80 -18.49
CA ALA C 68 11.10 26.87 -17.64
C ALA C 68 12.61 26.83 -17.48
N GLY C 69 13.27 25.78 -17.97
CA GLY C 69 14.71 25.67 -17.91
C GLY C 69 15.26 24.77 -16.83
N ALA C 70 14.41 24.14 -16.02
CA ALA C 70 14.86 23.20 -15.01
C ALA C 70 14.85 21.77 -15.54
N GLU C 71 15.65 20.90 -14.92
CA GLU C 71 15.55 19.48 -15.20
C GLU C 71 14.33 18.91 -14.51
N ALA C 72 13.79 17.83 -15.08
CA ALA C 72 12.63 17.17 -14.49
C ALA C 72 12.72 15.67 -14.69
N ALA C 73 12.10 14.94 -13.78
CA ALA C 73 11.91 13.50 -13.96
C ALA C 73 10.65 13.11 -13.21
N THR C 74 9.96 12.07 -13.68
CA THR C 74 8.75 11.59 -13.02
C THR C 74 9.02 10.26 -12.34
N PHE C 75 8.33 10.04 -11.22
CA PHE C 75 8.50 8.86 -10.38
C PHE C 75 7.13 8.39 -9.92
N GLN C 76 6.73 7.19 -10.35
CA GLN C 76 5.45 6.62 -9.94
C GLN C 76 5.65 5.81 -8.66
N ALA C 77 4.75 5.99 -7.70
CA ALA C 77 4.78 5.16 -6.50
C ALA C 77 3.49 5.27 -5.71
N ASP C 78 3.06 4.13 -5.15
CA ASP C 78 2.10 4.09 -4.06
C ASP C 78 2.91 4.26 -2.78
N LEU C 79 2.74 5.40 -2.10
CA LEU C 79 3.58 5.76 -0.97
C LEU C 79 3.04 5.29 0.38
N THR C 80 2.14 4.30 0.40
CA THR C 80 1.62 3.80 1.68
C THR C 80 2.50 2.75 2.34
N THR C 81 3.57 2.30 1.68
CA THR C 81 4.54 1.41 2.32
C THR C 81 5.85 2.15 2.53
N ALA C 82 6.53 1.81 3.63
CA ALA C 82 7.81 2.46 3.94
C ALA C 82 8.83 2.20 2.84
N ALA C 83 8.83 1.00 2.26
CA ALA C 83 9.79 0.67 1.22
C ALA C 83 9.61 1.56 -0.01
N ALA C 84 8.36 1.87 -0.35
CA ALA C 84 8.11 2.71 -1.53
C ALA C 84 8.59 4.14 -1.29
N VAL C 85 8.45 4.65 -0.07
CA VAL C 85 8.94 5.99 0.22
C VAL C 85 10.46 6.02 0.20
N GLU C 86 11.10 5.01 0.78
CA GLU C 86 12.55 4.92 0.72
C GLU C 86 13.03 4.88 -0.73
N LYS C 87 12.36 4.08 -1.57
CA LYS C 87 12.74 3.98 -2.97
CA LYS C 87 12.74 3.98 -2.97
C LYS C 87 12.58 5.31 -3.69
N LEU C 88 11.53 6.07 -3.37
CA LEU C 88 11.33 7.37 -4.03
C LEU C 88 12.49 8.31 -3.74
N PHE C 89 12.89 8.43 -2.47
CA PHE C 89 14.01 9.29 -2.13
C PHE C 89 15.32 8.77 -2.70
N ASP C 90 15.54 7.45 -2.64
CA ASP C 90 16.74 6.86 -3.23
C ASP C 90 16.82 7.17 -4.72
N ASP C 91 15.70 6.98 -5.44
CA ASP C 91 15.70 7.14 -6.89
C ASP C 91 15.89 8.60 -7.27
N ALA C 92 15.23 9.51 -6.56
CA ALA C 92 15.37 10.94 -6.88
C ALA C 92 16.77 11.43 -6.56
N LYS C 93 17.36 10.96 -5.45
CA LYS C 93 18.72 11.39 -5.10
C LYS C 93 19.74 10.83 -6.09
N GLN C 94 19.54 9.60 -6.57
CA GLN C 94 20.44 9.06 -7.58
C GLN C 94 20.32 9.82 -8.90
N ARG C 95 19.09 10.19 -9.26
CA ARG C 95 18.84 10.87 -10.52
C ARG C 95 19.46 12.27 -10.55
N PHE C 96 19.34 13.00 -9.44
CA PHE C 96 19.75 14.41 -9.42
C PHE C 96 20.96 14.68 -8.55
N GLY C 97 21.50 13.68 -7.85
CA GLY C 97 22.69 13.85 -7.05
C GLY C 97 22.42 14.26 -5.62
N LYS C 98 21.32 14.96 -5.37
CA LYS C 98 21.01 15.49 -4.05
C LYS C 98 19.53 15.86 -4.04
N ILE C 99 19.00 16.08 -2.84
CA ILE C 99 17.66 16.64 -2.64
C ILE C 99 17.77 17.75 -1.62
N ASP C 100 17.33 18.97 -1.99
CA ASP C 100 17.36 20.11 -1.09
C ASP C 100 16.00 20.43 -0.49
N ILE C 101 14.92 20.22 -1.23
CA ILE C 101 13.59 20.68 -0.84
C ILE C 101 12.64 19.51 -1.09
N ALA C 102 11.95 19.07 -0.04
CA ALA C 102 11.04 17.93 -0.13
C ALA C 102 9.66 18.38 0.33
N ILE C 103 8.69 18.33 -0.57
CA ILE C 103 7.34 18.82 -0.34
C ILE C 103 6.37 17.67 -0.57
N ASN C 104 5.52 17.39 0.42
CA ASN C 104 4.56 16.29 0.33
C ASN C 104 3.14 16.87 0.27
N THR C 105 2.44 16.64 -0.85
CA THR C 105 1.03 17.03 -1.00
C THR C 105 0.08 15.84 -0.98
N VAL C 106 0.57 14.64 -0.68
CA VAL C 106 -0.27 13.44 -0.76
C VAL C 106 -1.36 13.49 0.30
N GLY C 107 -2.58 13.13 -0.11
CA GLY C 107 -3.69 13.12 0.83
C GLY C 107 -4.92 12.46 0.23
N LYS C 108 -5.93 12.29 1.08
CA LYS C 108 -7.21 11.70 0.72
C LYS C 108 -8.25 12.28 1.66
N VAL C 109 -9.45 12.57 1.14
CA VAL C 109 -10.53 13.13 1.95
C VAL C 109 -11.68 12.13 2.07
N LEU C 110 -12.30 12.11 3.26
CA LEU C 110 -13.52 11.36 3.50
C LEU C 110 -14.37 12.20 4.46
N LYS C 111 -15.65 12.36 4.12
CA LYS C 111 -16.61 13.10 4.95
C LYS C 111 -17.81 12.19 5.16
N LYS C 112 -18.02 11.78 6.41
CA LYS C 112 -19.00 10.73 6.73
CA LYS C 112 -18.99 10.73 6.73
C LYS C 112 -19.24 10.71 8.23
N PRO C 113 -20.45 10.38 8.68
CA PRO C 113 -20.69 10.25 10.12
C PRO C 113 -19.78 9.21 10.75
N PHE C 114 -19.33 9.49 11.97
CA PHE C 114 -18.38 8.63 12.67
C PHE C 114 -18.90 7.20 12.73
N THR C 115 -20.18 7.03 13.08
CA THR C 115 -20.73 5.68 13.26
C THR C 115 -20.80 4.89 11.96
N GLU C 116 -20.59 5.54 10.80
CA GLU C 116 -20.66 4.87 9.51
C GLU C 116 -19.31 4.61 8.87
N ILE C 117 -18.21 5.09 9.45
CA ILE C 117 -16.91 4.93 8.80
C ILE C 117 -16.43 3.50 8.98
N SER C 118 -16.05 2.84 7.88
CA SER C 118 -15.67 1.44 7.92
C SER C 118 -14.20 1.29 8.28
N GLU C 119 -13.83 0.06 8.67
CA GLU C 119 -12.42 -0.24 8.90
C GLU C 119 -11.58 0.02 7.65
N ALA C 120 -12.10 -0.36 6.47
CA ALA C 120 -11.36 -0.14 5.23
C ALA C 120 -11.13 1.34 4.98
N GLU C 121 -12.15 2.16 5.26
CA GLU C 121 -11.99 3.61 5.10
C GLU C 121 -10.98 4.17 6.08
N TYR C 122 -11.05 3.75 7.36
CA TYR C 122 -10.05 4.17 8.34
C TYR C 122 -8.65 3.80 7.85
N ASP C 123 -8.45 2.53 7.48
CA ASP C 123 -7.11 2.06 7.17
C ASP C 123 -6.51 2.84 5.99
N GLU C 124 -7.31 3.10 4.95
CA GLU C 124 -6.77 3.82 3.80
CA GLU C 124 -6.78 3.82 3.80
C GLU C 124 -6.54 5.29 4.10
N MET C 125 -7.44 5.93 4.84
CA MET C 125 -7.24 7.33 5.20
C MET C 125 -5.96 7.51 6.00
N PHE C 126 -5.71 6.61 6.96
CA PHE C 126 -4.50 6.73 7.76
C PHE C 126 -3.24 6.34 7.00
N ALA C 127 -3.32 5.36 6.11
CA ALA C 127 -2.15 5.01 5.32
C ALA C 127 -1.72 6.17 4.43
N VAL C 128 -2.70 6.87 3.83
CA VAL C 128 -2.40 7.94 2.88
C VAL C 128 -2.02 9.23 3.59
N ASN C 129 -2.81 9.64 4.60
CA ASN C 129 -2.62 10.95 5.21
C ASN C 129 -1.61 10.96 6.34
N SER C 130 -1.44 9.84 7.05
CA SER C 130 -0.53 9.78 8.19
C SER C 130 0.73 8.99 7.88
N LYS C 131 0.59 7.72 7.46
CA LYS C 131 1.75 6.87 7.31
C LYS C 131 2.68 7.34 6.19
N SER C 132 2.12 7.65 5.02
CA SER C 132 2.99 8.13 3.94
CA SER C 132 2.96 8.15 3.93
C SER C 132 3.72 9.40 4.36
N ALA C 133 3.04 10.29 5.10
CA ALA C 133 3.66 11.53 5.55
C ALA C 133 4.74 11.27 6.58
N PHE C 134 4.53 10.30 7.49
CA PHE C 134 5.57 9.93 8.45
C PHE C 134 6.83 9.48 7.73
N PHE C 135 6.67 8.57 6.77
CA PHE C 135 7.85 8.03 6.12
C PHE C 135 8.49 9.02 5.16
N PHE C 136 7.71 9.94 4.58
CA PHE C 136 8.30 11.04 3.82
C PHE C 136 9.19 11.89 4.72
N ILE C 137 8.71 12.23 5.92
CA ILE C 137 9.51 13.02 6.84
C ILE C 137 10.74 12.25 7.32
N LYS C 138 10.59 10.95 7.59
CA LYS C 138 11.73 10.13 8.00
C LYS C 138 12.79 10.10 6.89
N GLU C 139 12.37 9.80 5.67
CA GLU C 139 13.34 9.67 4.59
C GLU C 139 13.95 11.02 4.21
N ALA C 140 13.19 12.10 4.35
CA ALA C 140 13.79 13.43 4.19
C ALA C 140 14.88 13.65 5.22
N GLY C 141 14.66 13.21 6.45
CA GLY C 141 15.70 13.33 7.46
C GLY C 141 16.97 12.59 7.10
N ARG C 142 16.82 11.46 6.40
CA ARG C 142 17.97 10.64 6.01
C ARG C 142 18.62 11.12 4.72
N HIS C 143 17.90 11.85 3.87
CA HIS C 143 18.38 12.18 2.53
C HIS C 143 18.65 13.65 2.27
N LEU C 144 17.94 14.58 2.91
CA LEU C 144 18.07 15.99 2.55
C LEU C 144 19.49 16.49 2.78
N GLU C 145 19.94 17.37 1.90
CA GLU C 145 21.13 18.18 2.14
C GLU C 145 20.95 19.01 3.40
N ASP C 146 22.07 19.32 4.05
CA ASP C 146 22.06 20.35 5.09
C ASP C 146 21.42 21.62 4.52
N HIS C 147 20.76 22.37 5.39
CA HIS C 147 20.08 23.62 5.04
C HIS C 147 18.84 23.40 4.18
N GLY C 148 18.36 22.16 4.08
CA GLY C 148 17.22 21.83 3.27
C GLY C 148 15.89 22.23 3.89
N LYS C 149 14.82 21.83 3.20
CA LYS C 149 13.46 22.21 3.54
C LYS C 149 12.54 21.02 3.42
N LEU C 150 11.56 20.95 4.32
CA LEU C 150 10.60 19.86 4.40
C LEU C 150 9.24 20.44 4.72
N VAL C 151 8.28 20.26 3.82
CA VAL C 151 6.94 20.85 3.92
C VAL C 151 5.91 19.76 3.66
N THR C 152 4.87 19.70 4.52
CA THR C 152 3.77 18.74 4.33
C THR C 152 2.45 19.49 4.33
N LEU C 153 1.53 19.07 3.45
CA LEU C 153 0.21 19.66 3.37
C LEU C 153 -0.73 19.00 4.37
N VAL C 154 -1.43 19.82 5.14
CA VAL C 154 -2.49 19.36 6.04
C VAL C 154 -3.78 20.08 5.66
N THR C 155 -4.68 20.28 6.61
CA THR C 155 -5.97 20.90 6.34
C THR C 155 -6.27 21.97 7.39
N SER C 156 -6.93 23.04 6.96
CA SER C 156 -7.45 24.03 7.91
C SER C 156 -8.51 23.45 8.84
N LEU C 157 -9.01 22.24 8.57
CA LEU C 157 -9.90 21.61 9.55
C LEU C 157 -9.20 21.30 10.86
N LEU C 158 -7.87 21.34 10.91
CA LEU C 158 -7.19 21.22 12.20
C LEU C 158 -7.57 22.35 13.14
N GLY C 159 -8.07 23.48 12.62
CA GLY C 159 -8.58 24.56 13.43
C GLY C 159 -10.08 24.58 13.58
N ALA C 160 -10.78 23.54 13.15
CA ALA C 160 -12.24 23.53 13.15
C ALA C 160 -12.79 22.70 14.30
N PHE C 161 -14.07 22.92 14.59
CA PHE C 161 -14.80 22.16 15.61
C PHE C 161 -16.12 21.81 14.92
N THR C 162 -16.14 20.65 14.27
CA THR C 162 -17.19 20.40 13.28
C THR C 162 -17.39 18.90 13.13
N PRO C 163 -18.59 18.45 12.76
CA PRO C 163 -18.84 17.03 12.52
C PRO C 163 -18.31 16.57 11.16
N PHE C 164 -18.20 15.24 11.02
CA PHE C 164 -18.14 14.50 9.75
C PHE C 164 -16.74 14.28 9.19
N TYR C 165 -15.71 14.94 9.72
CA TYR C 165 -14.37 14.80 9.15
C TYR C 165 -13.43 14.01 10.07
N ALA C 166 -13.97 13.15 10.94
CA ALA C 166 -13.11 12.48 11.92
C ALA C 166 -11.93 11.75 11.29
N ALA C 167 -12.16 11.05 10.18
CA ALA C 167 -11.07 10.29 9.57
C ALA C 167 -10.11 11.15 8.77
N TYR C 168 -10.54 12.36 8.38
CA TYR C 168 -9.71 13.25 7.58
C TYR C 168 -8.93 14.22 8.48
N GLU C 169 -9.63 15.04 9.24
CA GLU C 169 -8.99 15.85 10.28
C GLU C 169 -8.11 14.99 11.18
N GLY C 170 -8.60 13.81 11.59
CA GLY C 170 -7.82 12.97 12.49
C GLY C 170 -6.57 12.36 11.88
N SER C 171 -6.60 12.05 10.58
CA SER C 171 -5.44 11.46 9.92
C SER C 171 -4.43 12.50 9.45
N LYS C 172 -4.81 13.78 9.35
CA LYS C 172 -3.85 14.85 9.11
C LYS C 172 -3.23 15.35 10.39
N ALA C 173 -3.93 15.22 11.52
CA ALA C 173 -3.41 15.69 12.79
C ALA C 173 -2.02 15.18 13.16
N PRO C 174 -1.66 13.92 12.88
CA PRO C 174 -0.29 13.48 13.23
C PRO C 174 0.78 14.34 12.59
N VAL C 175 0.52 14.87 11.41
CA VAL C 175 1.55 15.60 10.66
C VAL C 175 2.02 16.83 11.42
N GLU C 176 1.09 17.51 12.11
CA GLU C 176 1.49 18.65 12.92
C GLU C 176 2.55 18.25 13.94
N HIS C 177 2.34 17.10 14.58
CA HIS C 177 3.25 16.63 15.61
C HIS C 177 4.51 16.01 15.04
N PHE C 178 4.42 15.30 13.91
CA PHE C 178 5.64 14.90 13.22
C PHE C 178 6.49 16.11 12.89
N THR C 179 5.85 17.20 12.47
CA THR C 179 6.55 18.43 12.10
C THR C 179 7.26 19.06 13.30
N ARG C 180 6.62 19.05 14.48
CA ARG C 180 7.30 19.51 15.69
C ARG C 180 8.56 18.70 15.96
N ALA C 181 8.43 17.37 15.97
CA ALA C 181 9.57 16.54 16.34
C ALA C 181 10.69 16.68 15.31
N ALA C 182 10.34 16.65 14.02
CA ALA C 182 11.36 16.75 12.99
C ALA C 182 12.03 18.12 12.96
N SER C 183 11.28 19.19 13.24
CA SER C 183 11.92 20.50 13.32
CA SER C 183 11.90 20.52 13.34
C SER C 183 13.01 20.51 14.38
N LYS C 184 12.74 19.91 15.54
CA LYS C 184 13.74 19.84 16.59
C LYS C 184 14.90 18.92 16.21
N GLU C 185 14.60 17.75 15.63
CA GLU C 185 15.66 16.77 15.37
C GLU C 185 16.50 17.12 14.15
N TYR C 186 15.90 17.76 13.14
CA TYR C 186 16.63 18.08 11.92
C TYR C 186 17.23 19.47 11.92
N GLY C 187 16.88 20.31 12.91
CA GLY C 187 17.39 21.67 12.95
C GLY C 187 18.90 21.74 13.07
N ALA C 188 19.53 20.72 13.69
CA ALA C 188 20.98 20.72 13.83
C ALA C 188 21.68 20.68 12.47
N ARG C 189 21.01 20.18 11.45
CA ARG C 189 21.52 20.20 10.08
C ARG C 189 21.01 21.40 9.28
N GLY C 190 20.37 22.36 9.93
CA GLY C 190 19.89 23.54 9.24
C GLY C 190 18.60 23.35 8.45
N ILE C 191 17.88 22.26 8.67
CA ILE C 191 16.68 21.95 7.88
C ILE C 191 15.47 22.58 8.56
N SER C 192 14.62 23.25 7.76
CA SER C 192 13.38 23.86 8.24
C SER C 192 12.21 22.95 7.88
N VAL C 193 11.34 22.67 8.85
CA VAL C 193 10.26 21.70 8.70
C VAL C 193 8.93 22.39 9.04
N THR C 194 7.99 22.38 8.10
CA THR C 194 6.72 23.07 8.30
C THR C 194 5.57 22.24 7.74
N ALA C 195 4.35 22.56 8.21
CA ALA C 195 3.12 22.04 7.64
C ALA C 195 2.21 23.20 7.31
N VAL C 196 1.46 23.05 6.22
CA VAL C 196 0.65 24.13 5.65
C VAL C 196 -0.76 23.59 5.45
N GLY C 197 -1.74 24.30 6.01
CA GLY C 197 -3.12 23.86 5.93
C GLY C 197 -4.02 24.80 5.18
N PRO C 198 -4.23 24.55 3.88
CA PRO C 198 -5.14 25.41 3.10
C PRO C 198 -6.57 25.26 3.60
N GLY C 199 -7.39 26.26 3.28
CA GLY C 199 -8.80 26.08 3.35
C GLY C 199 -9.27 25.11 2.30
N PRO C 200 -10.56 24.81 2.29
CA PRO C 200 -11.11 23.99 1.19
C PRO C 200 -10.75 24.65 -0.13
N MET C 201 -10.26 23.85 -1.09
CA MET C 201 -9.67 24.38 -2.30
C MET C 201 -10.47 24.03 -3.55
N ASP C 202 -10.39 24.89 -4.55
CA ASP C 202 -11.08 24.66 -5.83
C ASP C 202 -10.23 23.72 -6.69
N THR C 203 -10.25 22.43 -6.31
CA THR C 203 -9.62 21.38 -7.11
C THR C 203 -10.54 20.16 -7.13
N PRO C 204 -10.29 19.19 -8.02
CA PRO C 204 -11.13 17.98 -8.04
C PRO C 204 -11.08 17.15 -6.76
N PHE C 205 -10.12 17.40 -5.87
CA PHE C 205 -10.05 16.70 -4.59
C PHE C 205 -11.22 17.07 -3.68
N PHE C 206 -11.68 18.33 -3.76
CA PHE C 206 -12.65 18.87 -2.82
C PHE C 206 -14.07 18.35 -3.07
N TYR C 207 -14.53 18.42 -4.30
CA TYR C 207 -15.95 18.26 -4.65
C TYR C 207 -16.59 16.91 -4.33
N PRO C 208 -15.94 15.77 -4.57
CA PRO C 208 -16.63 14.48 -4.34
C PRO C 208 -17.14 14.26 -2.94
N ALA C 209 -16.52 14.87 -1.94
CA ALA C 209 -16.89 14.62 -0.56
C ALA C 209 -17.96 15.58 -0.04
N GLU C 210 -18.31 16.60 -0.80
CA GLU C 210 -19.14 17.69 -0.28
C GLU C 210 -20.48 17.73 -1.02
N GLY C 211 -21.57 17.73 -0.27
CA GLY C 211 -22.88 17.94 -0.85
C GLY C 211 -23.08 19.39 -1.25
N ALA C 212 -24.18 19.63 -1.97
CA ALA C 212 -24.43 20.95 -2.55
C ALA C 212 -24.51 22.03 -1.48
N ASP C 213 -25.23 21.76 -0.39
CA ASP C 213 -25.34 22.74 0.70
C ASP C 213 -23.98 23.05 1.30
N ALA C 214 -23.15 22.01 1.48
CA ALA C 214 -21.84 22.20 2.08
C ALA C 214 -20.92 23.00 1.18
N VAL C 215 -20.96 22.75 -0.14
CA VAL C 215 -20.16 23.54 -1.08
C VAL C 215 -20.52 25.01 -0.96
N ALA C 216 -21.83 25.32 -0.94
CA ALA C 216 -22.27 26.70 -0.79
C ALA C 216 -21.76 27.31 0.51
N TYR C 217 -21.78 26.54 1.60
CA TYR C 217 -21.27 27.05 2.87
C TYR C 217 -19.78 27.34 2.79
N HIS C 218 -18.98 26.38 2.32
CA HIS C 218 -17.53 26.59 2.27
C HIS C 218 -17.19 27.83 1.45
N LYS C 219 -17.93 28.06 0.36
CA LYS C 219 -17.69 29.18 -0.54
C LYS C 219 -17.97 30.55 0.06
N THR C 220 -18.66 30.62 1.20
CA THR C 220 -18.91 31.89 1.88
C THR C 220 -18.38 31.92 3.30
N ALA C 221 -17.61 30.91 3.71
CA ALA C 221 -17.22 30.76 5.10
C ALA C 221 -15.94 31.51 5.46
N ALA C 222 -15.18 31.96 4.48
CA ALA C 222 -13.95 32.69 4.74
C ALA C 222 -14.18 34.20 4.67
N ALA C 223 -13.48 34.94 5.55
CA ALA C 223 -13.60 36.39 5.55
C ALA C 223 -13.34 36.99 4.18
N LEU C 224 -12.38 36.43 3.43
CA LEU C 224 -12.01 36.94 2.11
C LEU C 224 -12.68 36.17 0.97
N SER C 225 -13.69 35.35 1.27
CA SER C 225 -14.37 34.61 0.22
C SER C 225 -14.82 35.45 -0.98
N PRO C 226 -15.31 36.69 -0.84
CA PRO C 226 -15.74 37.43 -2.03
C PRO C 226 -14.63 37.73 -3.03
N PHE C 227 -13.38 37.46 -2.68
CA PHE C 227 -12.24 37.92 -3.47
C PHE C 227 -11.42 36.82 -4.10
N SER C 228 -11.67 35.56 -3.77
CA SER C 228 -11.08 34.47 -4.52
C SER C 228 -11.97 34.16 -5.73
N LYS C 229 -11.55 33.20 -6.56
CA LYS C 229 -12.26 32.95 -7.81
C LYS C 229 -13.65 32.37 -7.55
N THR C 230 -13.79 31.52 -6.54
CA THR C 230 -15.04 30.85 -6.26
C THR C 230 -15.54 31.04 -4.84
N GLY C 231 -14.74 31.64 -3.95
CA GLY C 231 -15.01 31.67 -2.53
C GLY C 231 -14.21 30.66 -1.73
N LEU C 232 -13.75 29.60 -2.39
CA LEU C 232 -12.82 28.65 -1.80
C LEU C 232 -11.39 29.19 -1.87
N THR C 233 -10.47 28.48 -1.24
CA THR C 233 -9.04 28.74 -1.43
C THR C 233 -8.62 28.36 -2.85
N ASP C 234 -7.92 29.26 -3.53
CA ASP C 234 -7.36 28.96 -4.84
C ASP C 234 -5.91 28.49 -4.69
N ILE C 235 -5.54 27.45 -5.46
CA ILE C 235 -4.18 26.94 -5.36
C ILE C 235 -3.13 28.02 -5.65
N GLU C 236 -3.45 28.96 -6.55
CA GLU C 236 -2.54 30.04 -6.91
CA GLU C 236 -2.48 29.99 -6.89
C GLU C 236 -2.17 30.92 -5.72
N ASP C 237 -2.99 30.94 -4.67
CA ASP C 237 -2.70 31.74 -3.50
C ASP C 237 -2.01 30.94 -2.40
N VAL C 238 -1.91 29.62 -2.57
CA VAL C 238 -1.14 28.78 -1.66
C VAL C 238 0.31 28.66 -2.10
N VAL C 239 0.55 28.47 -3.41
CA VAL C 239 1.92 28.25 -3.88
C VAL C 239 2.92 29.34 -3.49
N PRO C 240 2.57 30.64 -3.48
CA PRO C 240 3.59 31.64 -3.09
C PRO C 240 4.02 31.50 -1.64
N PHE C 241 3.13 31.02 -0.76
CA PHE C 241 3.50 30.80 0.63
C PHE C 241 4.46 29.63 0.74
N ILE C 242 4.20 28.54 0.00
CA ILE C 242 5.12 27.42 -0.06
CA ILE C 242 5.14 27.44 0.00
C ILE C 242 6.48 27.88 -0.56
N ARG C 243 6.48 28.69 -1.62
CA ARG C 243 7.73 29.22 -2.15
CA ARG C 243 7.74 29.19 -2.15
C ARG C 243 8.47 30.04 -1.10
N HIS C 244 7.75 30.89 -0.37
CA HIS C 244 8.38 31.67 0.71
C HIS C 244 9.03 30.75 1.74
N LEU C 245 8.28 29.75 2.23
CA LEU C 245 8.81 28.87 3.28
C LEU C 245 10.10 28.20 2.85
N VAL C 246 10.22 27.83 1.56
CA VAL C 246 11.40 27.09 1.09
C VAL C 246 12.51 28.00 0.61
N THR C 247 12.34 29.32 0.71
CA THR C 247 13.37 30.29 0.36
C THR C 247 13.65 31.25 1.50
N ASP C 248 13.13 32.49 1.44
CA ASP C 248 13.49 33.46 2.46
CA ASP C 248 13.41 33.52 2.43
C ASP C 248 12.70 33.30 3.76
N GLY C 249 11.74 32.38 3.82
CA GLY C 249 11.02 32.10 5.06
C GLY C 249 11.62 30.95 5.86
N TRP C 250 12.92 30.69 5.65
CA TRP C 250 13.58 29.54 6.28
C TRP C 250 13.53 29.57 7.80
N TRP C 251 13.39 30.75 8.42
CA TRP C 251 13.39 30.82 9.87
C TRP C 251 12.09 30.29 10.48
N ILE C 252 11.04 30.13 9.66
CA ILE C 252 9.82 29.47 10.12
C ILE C 252 10.05 27.97 10.10
N THR C 253 9.96 27.32 11.26
CA THR C 253 10.16 25.89 11.38
C THR C 253 9.44 25.41 12.63
N GLY C 254 8.94 24.18 12.56
CA GLY C 254 8.19 23.63 13.69
C GLY C 254 6.80 24.17 13.82
N GLN C 255 6.24 24.71 12.74
CA GLN C 255 4.95 25.36 12.77
C GLN C 255 4.00 24.69 11.77
N THR C 256 2.73 24.70 12.12
CA THR C 256 1.63 24.32 11.23
C THR C 256 0.78 25.57 11.03
N ILE C 257 0.73 26.06 9.79
CA ILE C 257 0.19 27.39 9.49
C ILE C 257 -1.00 27.25 8.54
N LEU C 258 -2.09 27.95 8.85
CA LEU C 258 -3.34 27.86 8.10
C LEU C 258 -3.44 29.03 7.13
N ILE C 259 -3.70 28.73 5.85
CA ILE C 259 -3.74 29.70 4.76
C ILE C 259 -5.09 29.52 4.07
N ASN C 260 -6.10 30.32 4.47
CA ASN C 260 -7.48 29.97 4.19
C ASN C 260 -8.43 31.14 4.00
N GLY C 261 -7.93 32.37 3.89
CA GLY C 261 -8.82 33.50 3.67
C GLY C 261 -9.63 33.90 4.89
N GLY C 262 -9.29 33.35 6.06
CA GLY C 262 -10.01 33.70 7.27
C GLY C 262 -11.18 32.77 7.50
N TYR C 263 -10.90 31.47 7.43
CA TYR C 263 -11.86 30.39 7.55
C TYR C 263 -11.82 29.79 8.96
N THR C 264 -10.68 29.23 9.35
CA THR C 264 -10.40 28.81 10.72
C THR C 264 -9.10 29.48 11.18
N THR C 265 -8.88 29.45 12.48
CA THR C 265 -7.66 29.98 13.07
C THR C 265 -7.15 29.02 14.14
N LYS C 266 -6.05 29.40 14.78
CA LYS C 266 -5.47 28.60 15.84
C LYS C 266 -4.56 29.48 16.68
N ALA D 11 -0.64 17.72 52.38
CA ALA D 11 -1.77 18.60 52.13
C ALA D 11 -3.08 17.81 52.00
N THR D 12 -4.17 18.44 52.39
CA THR D 12 -5.51 17.88 52.22
C THR D 12 -6.14 18.49 50.99
N HIS D 13 -7.01 17.71 50.32
CA HIS D 13 -7.63 18.17 49.08
C HIS D 13 -9.14 18.38 49.21
N THR D 14 -9.63 18.57 50.43
CA THR D 14 -11.02 18.93 50.64
C THR D 14 -11.13 20.42 50.93
N LEU D 15 -12.33 20.88 51.26
CA LEU D 15 -12.58 22.26 51.61
C LEU D 15 -12.54 22.51 53.11
N ALA D 16 -12.43 21.46 53.93
CA ALA D 16 -12.41 21.63 55.37
C ALA D 16 -11.26 22.56 55.78
N ASP D 17 -11.58 23.53 56.62
CA ASP D 17 -10.63 24.50 57.17
C ASP D 17 -10.11 25.51 56.15
N LYS D 18 -10.69 25.57 54.96
CA LYS D 18 -10.22 26.49 53.91
C LYS D 18 -11.05 27.77 53.87
N VAL D 19 -10.37 28.90 53.76
CA VAL D 19 -11.00 30.21 53.57
C VAL D 19 -11.01 30.55 52.10
N VAL D 20 -12.19 30.93 51.59
CA VAL D 20 -12.40 31.27 50.18
C VAL D 20 -12.65 32.77 50.06
N LEU D 21 -12.01 33.40 49.08
CA LEU D 21 -12.30 34.78 48.68
C LEU D 21 -12.83 34.74 47.26
N ILE D 22 -14.01 35.33 47.02
CA ILE D 22 -14.62 35.35 45.69
C ILE D 22 -14.85 36.79 45.26
N ALA D 23 -14.14 37.24 44.21
CA ALA D 23 -14.45 38.53 43.58
C ALA D 23 -15.69 38.36 42.70
N GLY D 24 -16.66 39.24 42.86
CA GLY D 24 -17.95 39.03 42.22
C GLY D 24 -18.73 37.87 42.83
N GLY D 25 -18.67 37.73 44.16
CA GLY D 25 -19.24 36.59 44.83
C GLY D 25 -20.67 36.75 45.31
N ALA D 26 -21.35 37.84 44.95
CA ALA D 26 -22.65 38.16 45.54
C ALA D 26 -23.82 37.57 44.77
N LYS D 27 -23.67 37.31 43.48
CA LYS D 27 -24.80 37.02 42.62
C LYS D 27 -24.31 36.19 41.44
N ASN D 28 -25.26 35.70 40.65
CA ASN D 28 -24.98 34.99 39.40
C ASN D 28 -23.96 33.87 39.65
N LEU D 29 -22.93 33.73 38.82
CA LEU D 29 -22.01 32.60 38.99
C LEU D 29 -21.31 32.64 40.34
N GLY D 30 -20.76 33.80 40.72
CA GLY D 30 -20.00 33.88 41.96
C GLY D 30 -20.84 33.60 43.19
N GLY D 31 -22.09 34.07 43.20
CA GLY D 31 -22.95 33.79 44.34
C GLY D 31 -23.30 32.32 44.46
N LEU D 32 -23.35 31.61 43.34
CA LEU D 32 -23.60 30.17 43.40
C LEU D 32 -22.35 29.42 43.83
N ILE D 33 -21.17 29.86 43.37
CA ILE D 33 -19.91 29.30 43.86
C ILE D 33 -19.81 29.44 45.38
N ALA D 34 -20.17 30.62 45.91
CA ALA D 34 -20.13 30.83 47.36
C ALA D 34 -21.01 29.82 48.08
N ARG D 35 -22.26 29.66 47.64
CA ARG D 35 -23.14 28.69 48.27
C ARG D 35 -22.60 27.27 48.12
N ASP D 36 -22.02 26.95 46.96
CA ASP D 36 -21.57 25.60 46.70
C ASP D 36 -20.36 25.23 47.55
N LEU D 37 -19.41 26.14 47.67
CA LEU D 37 -18.21 25.83 48.44
C LEU D 37 -18.52 25.79 49.93
N ALA D 38 -19.42 26.65 50.41
CA ALA D 38 -19.87 26.55 51.79
C ALA D 38 -20.56 25.22 52.05
N GLY D 39 -21.43 24.80 51.14
CA GLY D 39 -22.14 23.55 51.33
C GLY D 39 -21.24 22.32 51.28
N HIS D 40 -20.12 22.42 50.57
CA HIS D 40 -19.18 21.32 50.50
C HIS D 40 -18.05 21.44 51.52
N GLY D 41 -18.16 22.36 52.48
CA GLY D 41 -17.38 22.30 53.69
C GLY D 41 -16.38 23.41 53.96
N ALA D 42 -16.38 24.48 53.17
CA ALA D 42 -15.42 25.56 53.40
C ALA D 42 -15.62 26.17 54.79
N LYS D 43 -14.52 26.68 55.35
CA LYS D 43 -14.57 27.29 56.67
C LYS D 43 -15.23 28.67 56.63
N ALA D 44 -14.95 29.44 55.58
CA ALA D 44 -15.41 30.81 55.49
C ALA D 44 -15.41 31.25 54.04
N VAL D 45 -16.30 32.17 53.71
CA VAL D 45 -16.32 32.79 52.37
C VAL D 45 -16.33 34.30 52.53
N ALA D 46 -15.29 34.96 52.00
CA ALA D 46 -15.28 36.41 51.85
C ALA D 46 -15.92 36.75 50.51
N ILE D 47 -17.01 37.51 50.55
CA ILE D 47 -17.86 37.77 49.38
C ILE D 47 -17.63 39.22 48.96
N HIS D 48 -16.96 39.42 47.82
CA HIS D 48 -16.78 40.76 47.29
C HIS D 48 -17.92 41.11 46.34
N TYR D 49 -18.29 42.40 46.33
CA TYR D 49 -19.25 42.91 45.35
C TYR D 49 -18.87 44.35 45.00
N ASN D 50 -19.38 44.81 43.86
CA ASN D 50 -19.04 46.14 43.33
C ASN D 50 -20.19 47.13 43.49
N SER D 51 -21.25 47.00 42.71
CA SER D 51 -22.28 48.04 42.64
C SER D 51 -23.20 48.00 43.87
N ALA D 52 -23.67 49.18 44.26
CA ALA D 52 -24.65 49.27 45.35
C ALA D 52 -25.88 48.39 45.08
N ALA D 53 -26.29 48.29 43.81
CA ALA D 53 -27.41 47.44 43.43
C ALA D 53 -27.16 45.96 43.70
N SER D 54 -25.91 45.56 43.93
CA SER D 54 -25.56 44.18 44.23
C SER D 54 -25.49 43.90 45.74
N GLN D 55 -25.66 44.92 46.57
CA GLN D 55 -25.45 44.75 48.01
C GLN D 55 -26.46 43.80 48.62
N ALA D 56 -27.74 43.93 48.25
CA ALA D 56 -28.76 43.06 48.84
C ALA D 56 -28.50 41.59 48.51
N GLN D 57 -28.11 41.31 47.27
CA GLN D 57 -27.73 39.94 46.93
C GLN D 57 -26.48 39.49 47.68
N ALA D 58 -25.53 40.39 47.92
CA ALA D 58 -24.34 40.01 48.68
C ALA D 58 -24.70 39.56 50.09
N GLU D 59 -25.60 40.29 50.76
CA GLU D 59 -26.01 39.92 52.11
C GLU D 59 -26.83 38.63 52.12
N GLU D 60 -27.65 38.41 51.08
CA GLU D 60 -28.39 37.17 50.98
C GLU D 60 -27.45 35.99 50.76
N THR D 61 -26.43 36.19 49.94
CA THR D 61 -25.43 35.15 49.74
C THR D 61 -24.68 34.85 51.04
N ALA D 62 -24.32 35.90 51.78
CA ALA D 62 -23.64 35.71 53.05
C ALA D 62 -24.50 34.91 54.02
N ALA D 63 -25.80 35.21 54.06
CA ALA D 63 -26.70 34.47 54.93
C ALA D 63 -26.80 33.00 54.51
N ALA D 64 -26.78 32.73 53.20
CA ALA D 64 -26.85 31.35 52.74
C ALA D 64 -25.56 30.59 53.07
N VAL D 65 -24.42 31.27 52.96
CA VAL D 65 -23.14 30.67 53.34
C VAL D 65 -23.15 30.28 54.81
N ARG D 66 -23.66 31.18 55.67
CA ARG D 66 -23.72 30.87 57.09
C ARG D 66 -24.72 29.76 57.37
N ALA D 67 -25.83 29.73 56.63
CA ALA D 67 -26.81 28.66 56.83
C ALA D 67 -26.21 27.30 56.51
N ALA D 68 -25.26 27.25 55.57
CA ALA D 68 -24.57 26.02 55.23
C ALA D 68 -23.50 25.64 56.26
N GLY D 69 -23.13 26.55 57.15
CA GLY D 69 -22.22 26.27 58.24
C GLY D 69 -20.88 26.98 58.19
N ALA D 70 -20.65 27.86 57.23
CA ALA D 70 -19.39 28.59 57.13
C ALA D 70 -19.57 30.01 57.65
N GLU D 71 -18.44 30.63 58.04
CA GLU D 71 -18.48 32.06 58.29
C GLU D 71 -18.55 32.82 56.98
N ALA D 72 -19.03 34.06 57.04
CA ALA D 72 -19.16 34.86 55.82
C ALA D 72 -19.07 36.34 56.18
N ALA D 73 -18.52 37.11 55.25
CA ALA D 73 -18.50 38.57 55.34
C ALA D 73 -18.49 39.13 53.92
N THR D 74 -19.01 40.35 53.77
CA THR D 74 -19.08 41.03 52.49
C THR D 74 -18.11 42.21 52.44
N PHE D 75 -17.57 42.48 51.24
CA PHE D 75 -16.57 43.52 51.04
C PHE D 75 -16.88 44.23 49.73
N GLN D 76 -17.24 45.51 49.79
CA GLN D 76 -17.50 46.30 48.59
CA GLN D 76 -17.50 46.28 48.59
C GLN D 76 -16.20 46.88 48.08
N ALA D 77 -15.99 46.78 46.76
CA ALA D 77 -14.82 47.42 46.16
C ALA D 77 -14.96 47.51 44.65
N ASP D 78 -14.47 48.62 44.09
CA ASP D 78 -14.18 48.75 42.67
C ASP D 78 -12.74 48.26 42.48
N LEU D 79 -12.58 47.12 41.81
CA LEU D 79 -11.29 46.45 41.75
C LEU D 79 -10.43 46.87 40.55
N THR D 80 -10.68 48.04 39.97
CA THR D 80 -9.89 48.49 38.84
C THR D 80 -8.61 49.22 39.22
N THR D 81 -8.33 49.40 40.50
CA THR D 81 -7.05 49.96 40.93
C THR D 81 -6.31 48.94 41.77
N ALA D 82 -4.97 48.97 41.67
CA ALA D 82 -4.16 48.05 42.47
C ALA D 82 -4.44 48.21 43.96
N ALA D 83 -4.61 49.45 44.42
CA ALA D 83 -4.83 49.69 45.85
C ALA D 83 -6.09 48.98 46.35
N ALA D 84 -7.15 48.96 45.54
CA ALA D 84 -8.40 48.34 45.98
C ALA D 84 -8.27 46.84 46.04
N VAL D 85 -7.52 46.24 45.10
CA VAL D 85 -7.31 44.80 45.16
C VAL D 85 -6.46 44.42 46.37
N GLU D 86 -5.40 45.20 46.62
CA GLU D 86 -4.60 44.95 47.81
CA GLU D 86 -4.58 45.00 47.82
C GLU D 86 -5.44 45.03 49.08
N LYS D 87 -6.30 46.04 49.17
CA LYS D 87 -7.13 46.21 50.36
C LYS D 87 -8.14 45.06 50.51
N LEU D 88 -8.70 44.57 49.40
CA LEU D 88 -9.62 43.44 49.49
C LEU D 88 -8.94 42.22 50.12
N PHE D 89 -7.76 41.88 49.64
CA PHE D 89 -7.02 40.76 50.21
C PHE D 89 -6.64 41.02 51.67
N ASP D 90 -6.20 42.25 51.98
CA ASP D 90 -5.84 42.59 53.37
CA ASP D 90 -5.84 42.56 53.36
C ASP D 90 -7.05 42.46 54.29
N ASP D 91 -8.20 42.96 53.84
CA ASP D 91 -9.38 42.94 54.70
C ASP D 91 -9.88 41.52 54.92
N ALA D 92 -9.91 40.71 53.86
CA ALA D 92 -10.33 39.32 54.00
C ALA D 92 -9.38 38.55 54.93
N LYS D 93 -8.07 38.75 54.76
CA LYS D 93 -7.14 38.04 55.62
CA LYS D 93 -7.10 38.06 55.61
C LYS D 93 -7.22 38.53 57.06
N GLN D 94 -7.48 39.81 57.28
CA GLN D 94 -7.67 40.30 58.64
C GLN D 94 -8.91 39.67 59.30
N ARG D 95 -10.00 39.53 58.53
CA ARG D 95 -11.24 39.02 59.09
C ARG D 95 -11.15 37.52 59.36
N PHE D 96 -10.54 36.76 58.44
CA PHE D 96 -10.58 35.30 58.51
C PHE D 96 -9.25 34.65 58.85
N GLY D 97 -8.16 35.40 58.92
CA GLY D 97 -6.87 34.88 59.36
C GLY D 97 -5.95 34.42 58.23
N LYS D 98 -6.54 33.97 57.12
CA LYS D 98 -5.78 33.41 56.01
C LYS D 98 -6.71 33.39 54.81
N ILE D 99 -6.13 33.17 53.64
CA ILE D 99 -6.89 32.91 52.42
C ILE D 99 -6.29 31.68 51.77
N ASP D 100 -7.13 30.66 51.52
CA ASP D 100 -6.66 29.44 50.86
C ASP D 100 -7.05 29.36 49.40
N ILE D 101 -8.20 29.92 49.04
CA ILE D 101 -8.77 29.72 47.70
C ILE D 101 -9.26 31.09 47.25
N ALA D 102 -8.75 31.55 46.11
CA ALA D 102 -9.11 32.87 45.58
C ALA D 102 -9.68 32.69 44.18
N ILE D 103 -10.94 33.08 44.01
CA ILE D 103 -11.68 32.89 42.76
C ILE D 103 -12.17 34.27 42.29
N ASN D 104 -11.81 34.63 41.06
CA ASN D 104 -12.18 35.92 40.48
C ASN D 104 -13.19 35.71 39.37
N THR D 105 -14.40 36.23 39.54
CA THR D 105 -15.43 36.22 38.51
C THR D 105 -15.67 37.60 37.90
N VAL D 106 -14.89 38.61 38.28
CA VAL D 106 -15.17 39.96 37.81
C VAL D 106 -15.00 40.05 36.29
N GLY D 107 -15.93 40.75 35.63
CA GLY D 107 -15.87 40.88 34.19
C GLY D 107 -16.90 41.87 33.67
N LYS D 108 -16.76 42.20 32.39
CA LYS D 108 -17.66 43.12 31.69
C LYS D 108 -17.66 42.72 30.22
N VAL D 109 -18.83 42.79 29.57
CA VAL D 109 -18.95 42.41 28.17
C VAL D 109 -19.27 43.65 27.34
N LEU D 110 -18.74 43.67 26.12
CA LEU D 110 -19.04 44.68 25.11
C LEU D 110 -19.00 43.98 23.77
N LYS D 111 -20.02 44.19 22.95
CA LYS D 111 -20.10 43.60 21.62
C LYS D 111 -20.45 44.72 20.64
N LYS D 112 -19.50 45.07 19.77
CA LYS D 112 -19.64 46.23 18.89
CA LYS D 112 -19.75 46.11 18.79
C LYS D 112 -18.63 46.08 17.75
N PRO D 113 -18.90 46.65 16.57
CA PRO D 113 -17.87 46.72 15.52
C PRO D 113 -16.61 47.41 16.03
N PHE D 114 -15.47 46.87 15.61
CA PHE D 114 -14.17 47.40 15.98
C PHE D 114 -14.09 48.91 15.74
N THR D 115 -14.58 49.37 14.59
CA THR D 115 -14.39 50.77 14.23
C THR D 115 -15.25 51.71 15.05
N GLU D 116 -16.16 51.18 15.88
CA GLU D 116 -17.06 51.99 16.70
C GLU D 116 -16.71 52.00 18.18
N ILE D 117 -15.72 51.22 18.62
CA ILE D 117 -15.42 51.13 20.04
C ILE D 117 -14.64 52.36 20.49
N SER D 118 -15.13 53.04 21.53
CA SER D 118 -14.54 54.28 21.97
C SER D 118 -13.38 54.04 22.94
N GLU D 119 -12.61 55.10 23.19
CA GLU D 119 -11.53 55.01 24.16
C GLU D 119 -12.07 54.70 25.56
N ALA D 120 -13.18 55.34 25.95
CA ALA D 120 -13.74 55.06 27.27
C ALA D 120 -14.18 53.60 27.38
N GLU D 121 -14.74 53.05 26.31
CA GLU D 121 -15.16 51.66 26.32
C GLU D 121 -13.94 50.73 26.44
N TYR D 122 -12.91 50.98 25.63
CA TYR D 122 -11.69 50.21 25.74
C TYR D 122 -11.12 50.27 27.16
N ASP D 123 -11.01 51.48 27.71
CA ASP D 123 -10.36 51.66 29.00
C ASP D 123 -11.09 50.89 30.09
N GLU D 124 -12.42 50.96 30.10
CA GLU D 124 -13.17 50.24 31.14
CA GLU D 124 -13.19 50.25 31.12
C GLU D 124 -13.11 48.73 30.94
N MET D 125 -13.24 48.27 29.69
CA MET D 125 -13.16 46.83 29.43
C MET D 125 -11.82 46.27 29.91
N PHE D 126 -10.71 46.96 29.61
CA PHE D 126 -9.42 46.44 30.01
C PHE D 126 -9.17 46.61 31.50
N ALA D 127 -9.67 47.69 32.12
CA ALA D 127 -9.53 47.83 33.57
C ALA D 127 -10.23 46.70 34.31
N VAL D 128 -11.43 46.33 33.84
CA VAL D 128 -12.23 45.33 34.56
C VAL D 128 -11.79 43.91 34.23
N ASN D 129 -11.56 43.61 32.95
CA ASN D 129 -11.28 42.23 32.57
C ASN D 129 -9.81 41.84 32.64
N SER D 130 -8.89 42.78 32.46
CA SER D 130 -7.47 42.47 32.48
C SER D 130 -6.77 43.00 33.73
N LYS D 131 -6.90 44.29 34.02
CA LYS D 131 -6.13 44.86 35.12
C LYS D 131 -6.58 44.31 36.47
N SER D 132 -7.89 44.28 36.72
CA SER D 132 -8.35 43.73 37.99
CA SER D 132 -8.37 43.72 37.98
CA SER D 132 -8.36 43.72 37.98
C SER D 132 -7.88 42.29 38.16
N ALA D 133 -7.90 41.52 37.07
CA ALA D 133 -7.47 40.11 37.13
C ALA D 133 -5.97 39.98 37.37
N PHE D 134 -5.17 40.86 36.76
CA PHE D 134 -3.74 40.85 37.01
C PHE D 134 -3.45 41.09 38.48
N PHE D 135 -4.04 42.13 39.07
CA PHE D 135 -3.75 42.42 40.47
C PHE D 135 -4.36 41.40 41.43
N PHE D 136 -5.48 40.78 41.05
CA PHE D 136 -5.98 39.66 41.85
C PHE D 136 -4.96 38.52 41.88
N ILE D 137 -4.36 38.19 40.73
CA ILE D 137 -3.38 37.12 40.67
C ILE D 137 -2.10 37.51 41.41
N LYS D 138 -1.68 38.77 41.31
CA LYS D 138 -0.51 39.24 42.04
C LYS D 138 -0.71 39.13 43.54
N GLU D 139 -1.82 39.67 44.04
CA GLU D 139 -2.06 39.68 45.47
C GLU D 139 -2.26 38.27 45.99
N ALA D 140 -2.87 37.38 45.19
CA ALA D 140 -2.99 35.99 45.60
C ALA D 140 -1.61 35.34 45.74
N GLY D 141 -0.69 35.64 44.82
CA GLY D 141 0.66 35.12 44.97
C GLY D 141 1.33 35.60 46.24
N ARG D 142 1.03 36.82 46.66
CA ARG D 142 1.59 37.35 47.90
C ARG D 142 0.90 36.80 49.15
N HIS D 143 -0.41 36.52 49.08
CA HIS D 143 -1.23 36.30 50.27
CA HIS D 143 -1.16 36.28 50.31
C HIS D 143 -1.71 34.87 50.49
N LEU D 144 -1.92 34.10 49.41
CA LEU D 144 -2.48 32.75 49.57
C LEU D 144 -1.59 31.89 50.47
N GLU D 145 -2.24 31.02 51.25
CA GLU D 145 -1.53 29.97 51.96
C GLU D 145 -0.86 29.02 50.97
N ASP D 146 0.22 28.38 51.40
CA ASP D 146 0.76 27.25 50.66
C ASP D 146 -0.35 26.26 50.35
N HIS D 147 -0.25 25.61 49.18
CA HIS D 147 -1.22 24.61 48.71
C HIS D 147 -2.55 25.22 48.32
N GLY D 148 -2.61 26.54 48.14
CA GLY D 148 -3.84 27.22 47.80
C GLY D 148 -4.22 27.10 46.34
N LYS D 149 -5.30 27.81 46.00
CA LYS D 149 -5.90 27.72 44.67
C LYS D 149 -6.22 29.12 44.18
N LEU D 150 -6.08 29.32 42.87
CA LEU D 150 -6.32 30.60 42.23
C LEU D 150 -7.02 30.31 40.90
N VAL D 151 -8.24 30.82 40.74
CA VAL D 151 -9.06 30.56 39.56
C VAL D 151 -9.62 31.87 39.04
N THR D 152 -9.55 32.10 37.73
CA THR D 152 -10.10 33.30 37.11
C THR D 152 -11.05 32.89 35.99
N LEU D 153 -12.17 33.60 35.87
CA LEU D 153 -13.15 33.36 34.82
C LEU D 153 -12.78 34.12 33.56
N VAL D 154 -12.76 33.41 32.42
CA VAL D 154 -12.57 34.01 31.11
C VAL D 154 -13.78 33.66 30.26
N THR D 155 -13.61 33.59 28.94
CA THR D 155 -14.72 33.32 28.02
C THR D 155 -14.33 32.24 27.02
N SER D 156 -15.32 31.42 26.66
CA SER D 156 -15.12 30.48 25.55
C SER D 156 -14.84 31.18 24.23
N LEU D 157 -15.09 32.48 24.12
CA LEU D 157 -14.70 33.20 22.92
C LEU D 157 -13.19 33.19 22.68
N LEU D 158 -12.39 32.81 23.67
CA LEU D 158 -10.96 32.61 23.41
C LEU D 158 -10.72 31.51 22.38
N GLY D 159 -11.67 30.59 22.19
CA GLY D 159 -11.58 29.59 21.15
C GLY D 159 -12.38 29.91 19.90
N ALA D 160 -12.88 31.14 19.75
CA ALA D 160 -13.74 31.50 18.64
C ALA D 160 -12.96 32.30 17.59
N PHE D 161 -13.53 32.35 16.39
CA PHE D 161 -13.01 33.15 15.27
C PHE D 161 -14.22 33.88 14.73
N THR D 162 -14.45 35.10 15.24
CA THR D 162 -15.76 35.71 15.08
C THR D 162 -15.65 37.22 15.21
N PRO D 163 -16.53 38.00 14.57
CA PRO D 163 -16.50 39.45 14.70
C PRO D 163 -17.15 39.92 16.01
N PHE D 164 -16.88 41.19 16.34
CA PHE D 164 -17.63 42.04 17.27
C PHE D 164 -17.22 41.97 18.74
N TYR D 165 -16.39 41.01 19.13
CA TYR D 165 -16.00 40.89 20.53
C TYR D 165 -14.56 41.30 20.79
N ALA D 166 -13.97 42.16 19.94
CA ALA D 166 -12.55 42.48 20.08
C ALA D 166 -12.19 42.97 21.48
N ALA D 167 -13.02 43.83 22.06
CA ALA D 167 -12.71 44.38 23.38
C ALA D 167 -12.97 43.41 24.52
N TYR D 168 -13.77 42.38 24.29
CA TYR D 168 -14.13 41.41 25.32
C TYR D 168 -13.21 40.19 25.25
N GLU D 169 -13.24 39.48 24.12
CA GLU D 169 -12.28 38.41 23.89
C GLU D 169 -10.85 38.91 24.09
N GLY D 170 -10.56 40.13 23.62
CA GLY D 170 -9.21 40.66 23.74
C GLY D 170 -8.79 41.02 25.16
N SER D 171 -9.74 41.46 26.00
CA SER D 171 -9.40 41.81 27.38
C SER D 171 -9.44 40.62 28.33
N LYS D 172 -10.04 39.50 27.93
CA LYS D 172 -9.92 38.27 28.70
C LYS D 172 -8.67 37.48 28.33
N ALA D 173 -8.17 37.64 27.10
CA ALA D 173 -6.97 36.95 26.65
C ALA D 173 -5.77 37.08 27.59
N PRO D 174 -5.46 38.25 28.17
CA PRO D 174 -4.30 38.30 29.07
C PRO D 174 -4.36 37.29 30.20
N VAL D 175 -5.56 36.99 30.69
CA VAL D 175 -5.71 36.09 31.84
C VAL D 175 -5.15 34.71 31.54
N GLU D 176 -5.28 34.23 30.31
CA GLU D 176 -4.71 32.92 29.98
C GLU D 176 -3.22 32.92 30.22
N HIS D 177 -2.55 33.99 29.82
CA HIS D 177 -1.10 34.09 29.93
C HIS D 177 -0.66 34.47 31.34
N PHE D 178 -1.44 35.30 32.06
CA PHE D 178 -1.18 35.48 33.48
C PHE D 178 -1.21 34.15 34.19
N THR D 179 -2.15 33.29 33.79
CA THR D 179 -2.35 31.99 34.44
C THR D 179 -1.18 31.07 34.17
N ARG D 180 -0.62 31.12 32.96
CA ARG D 180 0.60 30.36 32.67
C ARG D 180 1.76 30.82 33.53
N ALA D 181 2.02 32.13 33.56
CA ALA D 181 3.16 32.63 34.34
C ALA D 181 2.98 32.34 35.82
N ALA D 182 1.80 32.62 36.35
CA ALA D 182 1.56 32.41 37.78
C ALA D 182 1.62 30.93 38.17
N SER D 183 1.17 30.04 37.29
CA SER D 183 1.29 28.62 37.58
CA SER D 183 1.29 28.61 37.56
C SER D 183 2.76 28.21 37.74
N LYS D 184 3.63 28.73 36.88
CA LYS D 184 5.06 28.42 36.98
C LYS D 184 5.68 29.06 38.21
N GLU D 185 5.28 30.29 38.54
CA GLU D 185 5.92 31.03 39.62
C GLU D 185 5.39 30.64 40.99
N TYR D 186 4.13 30.22 41.09
CA TYR D 186 3.51 29.90 42.37
C TYR D 186 3.53 28.41 42.69
N GLY D 187 3.90 27.58 41.71
CA GLY D 187 3.90 26.14 41.93
C GLY D 187 4.83 25.68 43.04
N ALA D 188 5.91 26.42 43.29
CA ALA D 188 6.84 26.05 44.34
C ALA D 188 6.21 26.09 45.74
N ARG D 189 5.11 26.81 45.91
CA ARG D 189 4.39 26.86 47.17
C ARG D 189 3.17 25.95 47.15
N GLY D 190 3.04 25.13 46.10
CA GLY D 190 1.96 24.18 46.01
C GLY D 190 0.65 24.76 45.52
N ILE D 191 0.67 25.97 44.94
CA ILE D 191 -0.55 26.66 44.52
C ILE D 191 -0.89 26.28 43.08
N SER D 192 -2.16 25.96 42.83
CA SER D 192 -2.66 25.62 41.50
C SER D 192 -3.40 26.82 40.93
N VAL D 193 -3.08 27.19 39.69
CA VAL D 193 -3.61 28.40 39.05
C VAL D 193 -4.27 27.99 37.75
N THR D 194 -5.57 28.33 37.59
CA THR D 194 -6.33 27.95 36.40
C THR D 194 -7.22 29.09 35.94
N ALA D 195 -7.66 29.00 34.67
CA ALA D 195 -8.66 29.89 34.12
C ALA D 195 -9.76 29.06 33.49
N VAL D 196 -11.00 29.49 33.64
CA VAL D 196 -12.18 28.72 33.26
C VAL D 196 -13.03 29.57 32.33
N GLY D 197 -13.31 29.07 31.13
CA GLY D 197 -14.06 29.82 30.14
C GLY D 197 -15.39 29.19 29.80
N PRO D 198 -16.46 29.63 30.45
CA PRO D 198 -17.79 29.10 30.12
C PRO D 198 -18.23 29.55 28.74
N GLY D 199 -19.19 28.83 28.17
CA GLY D 199 -19.91 29.34 27.04
C GLY D 199 -20.79 30.51 27.46
N PRO D 200 -21.50 31.11 26.52
CA PRO D 200 -22.47 32.15 26.89
C PRO D 200 -23.42 31.56 27.93
N MET D 201 -23.65 32.30 29.03
CA MET D 201 -24.42 31.77 30.16
C MET D 201 -25.75 32.47 30.32
N ASP D 202 -26.73 31.72 30.86
CA ASP D 202 -28.06 32.27 31.16
C ASP D 202 -27.99 33.06 32.46
N THR D 203 -27.44 34.27 32.37
CA THR D 203 -27.42 35.24 33.49
C THR D 203 -27.69 36.62 32.92
N PRO D 204 -28.00 37.60 33.76
CA PRO D 204 -28.24 38.97 33.24
C PRO D 204 -27.03 39.62 32.58
N PHE D 205 -25.83 39.05 32.75
CA PHE D 205 -24.62 39.55 32.09
C PHE D 205 -24.68 39.37 30.57
N PHE D 206 -25.32 38.29 30.11
CA PHE D 206 -25.26 37.88 28.71
C PHE D 206 -26.15 38.74 27.83
N TYR D 207 -27.42 38.91 28.22
CA TYR D 207 -28.48 39.43 27.35
C TYR D 207 -28.30 40.86 26.85
N PRO D 208 -27.83 41.81 27.68
CA PRO D 208 -27.76 43.22 27.20
C PRO D 208 -26.90 43.41 25.96
N ALA D 209 -25.93 42.55 25.72
CA ALA D 209 -24.99 42.75 24.61
C ALA D 209 -25.43 42.09 23.32
N GLU D 210 -26.49 41.28 23.33
CA GLU D 210 -26.78 40.35 22.25
C GLU D 210 -28.11 40.68 21.60
N GLY D 211 -28.10 40.89 20.29
CA GLY D 211 -29.33 41.06 19.55
C GLY D 211 -30.09 39.74 19.44
N ALA D 212 -31.32 39.83 18.94
CA ALA D 212 -32.22 38.68 18.95
C ALA D 212 -31.67 37.52 18.12
N ASP D 213 -31.21 37.81 16.90
CA ASP D 213 -30.63 36.76 16.07
C ASP D 213 -29.42 36.12 16.75
N ALA D 214 -28.59 36.94 17.42
CA ALA D 214 -27.42 36.40 18.10
C ALA D 214 -27.82 35.50 19.24
N VAL D 215 -28.83 35.89 20.02
CA VAL D 215 -29.28 35.03 21.12
C VAL D 215 -29.72 33.68 20.59
N ALA D 216 -30.50 33.68 19.49
CA ALA D 216 -30.96 32.43 18.91
C ALA D 216 -29.78 31.57 18.47
N TYR D 217 -28.76 32.19 17.88
CA TYR D 217 -27.56 31.47 17.47
C TYR D 217 -26.86 30.85 18.67
N HIS D 218 -26.59 31.66 19.71
CA HIS D 218 -25.85 31.14 20.86
C HIS D 218 -26.59 29.96 21.50
N LYS D 219 -27.92 30.03 21.52
CA LYS D 219 -28.73 28.99 22.16
C LYS D 219 -28.74 27.67 21.41
N THR D 220 -28.30 27.64 20.14
CA THR D 220 -28.22 26.40 19.39
C THR D 220 -26.80 26.04 18.96
N ALA D 221 -25.79 26.78 19.42
CA ALA D 221 -24.44 26.65 18.89
C ALA D 221 -23.61 25.58 19.58
N ALA D 222 -24.04 25.06 20.72
CA ALA D 222 -23.30 24.03 21.44
C ALA D 222 -23.86 22.65 21.12
N ALA D 223 -22.95 21.66 21.04
CA ALA D 223 -23.37 20.28 20.79
C ALA D 223 -24.44 19.82 21.77
N LEU D 224 -24.33 20.24 23.04
CA LEU D 224 -25.27 19.84 24.08
C LEU D 224 -26.33 20.90 24.37
N SER D 225 -26.42 21.94 23.52
CA SER D 225 -27.49 22.92 23.65
C SER D 225 -28.88 22.32 23.86
N PRO D 226 -29.28 21.23 23.19
CA PRO D 226 -30.63 20.70 23.41
C PRO D 226 -30.93 20.35 24.85
N PHE D 227 -29.91 20.17 25.71
CA PHE D 227 -30.11 19.55 27.00
C PHE D 227 -29.93 20.49 28.18
N SER D 228 -29.43 21.71 27.96
CA SER D 228 -29.44 22.69 29.04
C SER D 228 -30.82 23.36 29.09
N LYS D 229 -31.00 24.26 30.06
CA LYS D 229 -32.33 24.84 30.28
C LYS D 229 -32.77 25.73 29.11
N THR D 230 -31.83 26.45 28.51
CA THR D 230 -32.14 27.40 27.44
C THR D 230 -31.35 27.15 26.16
N GLY D 231 -30.37 26.26 26.18
CA GLY D 231 -29.40 26.13 25.12
C GLY D 231 -28.08 26.82 25.43
N LEU D 232 -28.09 27.82 26.30
CA LEU D 232 -26.87 28.44 26.81
C LEU D 232 -26.26 27.58 27.92
N THR D 233 -25.07 27.97 28.37
CA THR D 233 -24.48 27.36 29.55
C THR D 233 -25.28 27.77 30.79
N ASP D 234 -25.62 26.80 31.65
CA ASP D 234 -26.24 27.08 32.95
C ASP D 234 -25.16 27.18 34.02
N ILE D 235 -25.29 28.18 34.90
CA ILE D 235 -24.25 28.36 35.92
C ILE D 235 -24.09 27.13 36.81
N GLU D 236 -25.18 26.38 37.05
CA GLU D 236 -25.06 25.22 37.90
C GLU D 236 -24.22 24.11 37.28
N ASP D 237 -23.94 24.17 35.98
CA ASP D 237 -23.03 23.21 35.37
C ASP D 237 -21.58 23.69 35.29
N VAL D 238 -21.32 24.94 35.64
CA VAL D 238 -19.96 25.47 35.77
C VAL D 238 -19.44 25.29 37.18
N VAL D 239 -20.28 25.53 38.19
CA VAL D 239 -19.89 25.49 39.60
CA VAL D 239 -19.80 25.52 39.57
C VAL D 239 -19.19 24.19 39.99
N PRO D 240 -19.69 23.01 39.57
CA PRO D 240 -19.02 21.77 40.02
C PRO D 240 -17.62 21.64 39.47
N PHE D 241 -17.34 22.21 38.29
CA PHE D 241 -15.97 22.17 37.77
C PHE D 241 -15.04 23.06 38.58
N ILE D 242 -15.52 24.26 38.95
CA ILE D 242 -14.75 25.13 39.86
CA ILE D 242 -14.69 25.09 39.82
C ILE D 242 -14.45 24.39 41.15
N ARG D 243 -15.47 23.73 41.71
CA ARG D 243 -15.28 22.98 42.95
CA ARG D 243 -15.27 22.99 42.95
C ARG D 243 -14.22 21.91 42.79
N HIS D 244 -14.26 21.18 41.68
CA HIS D 244 -13.24 20.17 41.40
C HIS D 244 -11.85 20.78 41.37
N LEU D 245 -11.67 21.89 40.63
CA LEU D 245 -10.34 22.47 40.49
C LEU D 245 -9.76 22.85 41.84
N VAL D 246 -10.60 23.31 42.77
CA VAL D 246 -10.11 23.81 44.06
C VAL D 246 -10.04 22.73 45.13
N THR D 247 -10.36 21.48 44.76
CA THR D 247 -10.27 20.33 45.66
C THR D 247 -9.43 19.21 45.03
N ASP D 248 -10.08 18.16 44.52
CA ASP D 248 -9.32 17.00 44.06
C ASP D 248 -8.72 17.16 42.66
N GLY D 249 -9.02 18.25 41.97
CA GLY D 249 -8.41 18.58 40.69
C GLY D 249 -7.18 19.47 40.80
N TRP D 250 -6.51 19.44 41.96
CA TRP D 250 -5.37 20.32 42.21
C TRP D 250 -4.23 20.12 41.22
N TRP D 251 -4.11 18.94 40.62
CA TRP D 251 -3.00 18.70 39.70
C TRP D 251 -3.17 19.45 38.39
N ILE D 252 -4.37 19.95 38.09
CA ILE D 252 -4.59 20.83 36.94
C ILE D 252 -4.09 22.24 37.30
N THR D 253 -3.10 22.73 36.57
CA THR D 253 -2.56 24.06 36.83
C THR D 253 -1.90 24.57 35.56
N GLY D 254 -1.96 25.88 35.36
CA GLY D 254 -1.42 26.48 34.15
C GLY D 254 -2.24 26.26 32.92
N GLN D 255 -3.53 25.96 33.08
CA GLN D 255 -4.41 25.65 31.97
C GLN D 255 -5.57 26.64 31.96
N THR D 256 -6.05 26.90 30.74
CA THR D 256 -7.29 27.64 30.50
C THR D 256 -8.23 26.66 29.83
N ILE D 257 -9.34 26.34 30.50
CA ILE D 257 -10.20 25.23 30.09
C ILE D 257 -11.60 25.75 29.79
N LEU D 258 -12.16 25.29 28.67
CA LEU D 258 -13.44 25.78 28.17
C LEU D 258 -14.54 24.79 28.56
N ILE D 259 -15.60 25.30 29.19
CA ILE D 259 -16.70 24.48 29.71
C ILE D 259 -18.00 25.04 29.12
N ASN D 260 -18.45 24.44 28.00
CA ASN D 260 -19.38 25.17 27.16
C ASN D 260 -20.37 24.30 26.40
N GLY D 261 -20.47 23.00 26.71
CA GLY D 261 -21.41 22.16 26.01
C GLY D 261 -21.01 21.81 24.60
N GLY D 262 -19.78 22.13 24.21
CA GLY D 262 -19.35 21.84 22.85
C GLY D 262 -19.63 22.99 21.91
N TYR D 263 -19.19 24.18 22.32
CA TYR D 263 -19.41 25.45 21.62
C TYR D 263 -18.17 25.85 20.85
N THR D 264 -17.07 26.10 21.56
CA THR D 264 -15.74 26.25 20.97
C THR D 264 -14.81 25.24 21.61
N THR D 265 -13.65 25.04 20.97
CA THR D 265 -12.61 24.18 21.49
C THR D 265 -11.25 24.86 21.32
N LYS D 266 -10.20 24.16 21.72
CA LYS D 266 -8.85 24.68 21.61
C LYS D 266 -7.87 23.53 21.70
N ALA E 11 -7.79 43.77 -7.70
CA ALA E 11 -6.72 43.91 -6.72
C ALA E 11 -5.40 43.41 -7.26
N THR E 12 -4.32 44.14 -6.99
CA THR E 12 -2.98 43.71 -7.32
C THR E 12 -2.27 43.27 -6.05
N HIS E 13 -1.35 42.32 -6.19
CA HIS E 13 -0.66 41.75 -5.03
C HIS E 13 0.81 42.14 -4.98
N THR E 14 1.17 43.28 -5.58
CA THR E 14 2.51 43.85 -5.51
C THR E 14 2.51 45.05 -4.59
N LEU E 15 3.65 45.74 -4.51
CA LEU E 15 3.77 46.98 -3.76
C LEU E 15 3.58 48.22 -4.62
N ALA E 16 3.40 48.04 -5.93
CA ALA E 16 3.28 49.17 -6.82
C ALA E 16 2.11 50.06 -6.43
N ASP E 17 2.38 51.36 -6.28
CA ASP E 17 1.38 52.37 -5.97
C ASP E 17 0.83 52.25 -4.56
N LYS E 18 1.47 51.47 -3.66
CA LYS E 18 0.95 51.25 -2.32
C LYS E 18 1.65 52.19 -1.33
N VAL E 19 0.87 52.81 -0.45
CA VAL E 19 1.39 53.65 0.63
C VAL E 19 1.44 52.83 1.91
N VAL E 20 2.59 52.85 2.58
CA VAL E 20 2.84 52.07 3.80
C VAL E 20 2.95 53.02 4.98
N LEU E 21 2.28 52.67 6.09
CA LEU E 21 2.44 53.34 7.38
C LEU E 21 3.02 52.34 8.36
N ILE E 22 4.12 52.70 9.00
CA ILE E 22 4.79 51.80 9.96
C ILE E 22 4.89 52.51 11.29
N ALA E 23 4.23 51.96 12.31
CA ALA E 23 4.42 52.43 13.68
C ALA E 23 5.68 51.80 14.22
N GLY E 24 6.54 52.63 14.82
CA GLY E 24 7.89 52.20 15.15
C GLY E 24 8.72 51.94 13.91
N GLY E 25 8.61 52.81 12.92
CA GLY E 25 9.28 52.61 11.64
C GLY E 25 10.67 53.20 11.51
N ALA E 26 11.23 53.74 12.59
CA ALA E 26 12.48 54.50 12.48
C ALA E 26 13.74 53.67 12.62
N LYS E 27 13.66 52.51 13.27
CA LYS E 27 14.86 51.80 13.70
C LYS E 27 14.51 50.32 13.87
N ASN E 28 15.55 49.51 14.07
CA ASN E 28 15.39 48.08 14.40
C ASN E 28 14.46 47.42 13.38
N LEU E 29 13.48 46.62 13.80
CA LEU E 29 12.66 45.90 12.83
C LEU E 29 11.91 46.85 11.90
N GLY E 30 11.22 47.84 12.48
CA GLY E 30 10.43 48.75 11.66
C GLY E 30 11.23 49.50 10.63
N GLY E 31 12.44 49.94 11.00
CA GLY E 31 13.28 50.65 10.06
C GLY E 31 13.77 49.78 8.92
N LEU E 32 13.97 48.48 9.17
CA LEU E 32 14.34 47.57 8.10
C LEU E 32 13.15 47.25 7.21
N ILE E 33 11.95 47.10 7.79
CA ILE E 33 10.74 46.96 6.98
C ILE E 33 10.56 48.15 6.05
N ALA E 34 10.77 49.35 6.56
CA ALA E 34 10.63 50.56 5.74
C ALA E 34 11.56 50.49 4.53
N ARG E 35 12.83 50.16 4.76
CA ARG E 35 13.80 50.06 3.68
C ARG E 35 13.43 48.94 2.72
N ASP E 36 12.97 47.81 3.26
CA ASP E 36 12.67 46.64 2.44
C ASP E 36 11.48 46.89 1.54
N LEU E 37 10.40 47.46 2.09
CA LEU E 37 9.21 47.68 1.27
C LEU E 37 9.45 48.79 0.24
N ALA E 38 10.24 49.81 0.59
CA ALA E 38 10.63 50.80 -0.42
C ALA E 38 11.44 50.15 -1.54
N GLY E 39 12.43 49.33 -1.17
CA GLY E 39 13.26 48.69 -2.18
C GLY E 39 12.51 47.74 -3.08
N HIS E 40 11.41 47.15 -2.59
CA HIS E 40 10.61 46.24 -3.37
C HIS E 40 9.44 46.92 -4.06
N GLY E 41 9.34 48.25 -3.97
CA GLY E 41 8.48 48.96 -4.89
C GLY E 41 7.33 49.78 -4.34
N ALA E 42 7.27 49.98 -3.02
CA ALA E 42 6.20 50.79 -2.45
C ALA E 42 6.27 52.23 -2.95
N LYS E 43 5.12 52.89 -2.97
CA LYS E 43 5.06 54.27 -3.44
C LYS E 43 5.58 55.24 -2.38
N ALA E 44 5.26 54.99 -1.11
CA ALA E 44 5.60 55.93 -0.05
C ALA E 44 5.59 55.17 1.26
N VAL E 45 6.40 55.66 2.21
CA VAL E 45 6.44 55.11 3.56
C VAL E 45 6.30 56.25 4.56
N ALA E 46 5.23 56.19 5.37
CA ALA E 46 5.06 57.08 6.51
C ALA E 46 5.72 56.43 7.72
N ILE E 47 6.71 57.11 8.30
CA ILE E 47 7.61 56.55 9.30
C ILE E 47 7.24 57.17 10.65
N HIS E 48 6.58 56.41 11.51
CA HIS E 48 6.27 56.91 12.83
C HIS E 48 7.42 56.62 13.79
N TYR E 49 7.63 57.54 14.75
CA TYR E 49 8.56 57.32 15.84
C TYR E 49 8.01 57.96 17.10
N ASN E 50 8.49 57.48 18.24
CA ASN E 50 8.02 57.95 19.54
C ASN E 50 9.00 58.90 20.21
N SER E 51 10.11 58.39 20.71
CA SER E 51 11.00 59.18 21.54
CA SER E 51 11.00 59.18 21.54
C SER E 51 11.86 60.12 20.69
N ALA E 52 12.21 61.26 21.29
CA ALA E 52 13.06 62.23 20.59
C ALA E 52 14.39 61.62 20.20
N ALA E 53 14.88 60.67 20.99
CA ALA E 53 16.13 59.99 20.70
C ALA E 53 16.05 59.11 19.47
N SER E 54 14.86 58.83 18.96
CA SER E 54 14.69 58.06 17.73
C SER E 54 14.52 58.94 16.50
N GLN E 55 14.50 60.27 16.66
CA GLN E 55 14.25 61.14 15.51
C GLN E 55 15.37 61.04 14.48
N ALA E 56 16.63 61.02 14.91
CA ALA E 56 17.73 60.93 13.95
C ALA E 56 17.63 59.66 13.13
N GLN E 57 17.34 58.53 13.77
CA GLN E 57 17.15 57.28 13.02
C GLN E 57 15.95 57.38 12.09
N ALA E 58 14.88 58.05 12.52
CA ALA E 58 13.71 58.22 11.67
C ALA E 58 14.07 58.96 10.39
N GLU E 59 14.85 60.04 10.50
CA GLU E 59 15.21 60.81 9.32
CA GLU E 59 15.21 60.81 9.32
C GLU E 59 16.19 60.05 8.43
N GLU E 60 17.08 59.25 9.02
CA GLU E 60 17.96 58.43 8.20
C GLU E 60 17.17 57.35 7.47
N THR E 61 16.17 56.78 8.14
CA THR E 61 15.30 55.82 7.47
C THR E 61 14.54 56.49 6.33
N ALA E 62 14.05 57.71 6.55
CA ALA E 62 13.36 58.43 5.48
C ALA E 62 14.28 58.66 4.29
N ALA E 63 15.53 59.04 4.55
CA ALA E 63 16.48 59.25 3.45
C ALA E 63 16.74 57.96 2.70
N ALA E 64 16.86 56.84 3.42
CA ALA E 64 17.08 55.56 2.75
C ALA E 64 15.88 55.16 1.92
N VAL E 65 14.66 55.41 2.42
CA VAL E 65 13.45 55.14 1.66
C VAL E 65 13.44 55.95 0.36
N ARG E 66 13.82 57.23 0.45
CA ARG E 66 13.87 58.06 -0.75
C ARG E 66 14.94 57.59 -1.71
N ALA E 67 16.10 57.16 -1.19
CA ALA E 67 17.15 56.67 -2.08
C ALA E 67 16.70 55.43 -2.84
N ALA E 68 15.77 54.68 -2.27
CA ALA E 68 15.20 53.49 -2.93
C ALA E 68 14.07 53.82 -3.89
N GLY E 69 13.66 55.09 -3.97
CA GLY E 69 12.71 55.52 -4.97
C GLY E 69 11.30 55.80 -4.47
N ALA E 70 11.08 55.73 -3.16
CA ALA E 70 9.76 55.98 -2.59
C ALA E 70 9.76 57.32 -1.88
N GLU E 71 8.57 57.93 -1.78
CA GLU E 71 8.44 59.10 -0.93
CA GLU E 71 8.43 59.11 -0.94
C GLU E 71 8.44 58.69 0.54
N ALA E 72 8.78 59.64 1.41
CA ALA E 72 8.86 59.34 2.83
C ALA E 72 8.62 60.59 3.65
N ALA E 73 8.02 60.40 4.82
CA ALA E 73 7.84 61.47 5.79
C ALA E 73 7.83 60.83 7.17
N THR E 74 8.23 61.60 8.18
CA THR E 74 8.26 61.12 9.56
C THR E 74 7.15 61.79 10.38
N PHE E 75 6.66 61.06 11.38
CA PHE E 75 5.54 61.49 12.21
C PHE E 75 5.80 61.06 13.64
N GLN E 76 6.02 62.02 14.54
CA GLN E 76 6.20 61.71 15.96
C GLN E 76 4.83 61.54 16.62
N ALA E 77 4.72 60.53 17.49
CA ALA E 77 3.52 60.39 18.32
C ALA E 77 3.78 59.39 19.42
N ASP E 78 3.21 59.68 20.60
CA ASP E 78 3.05 58.70 21.67
C ASP E 78 1.70 58.06 21.41
N LEU E 79 1.70 56.76 21.08
CA LEU E 79 0.49 56.09 20.62
C LEU E 79 -0.30 55.43 21.74
N THR E 80 -0.11 55.85 22.98
CA THR E 80 -0.89 55.28 24.09
C THR E 80 -2.21 56.00 24.33
N THR E 81 -2.57 56.99 23.52
CA THR E 81 -3.92 57.57 23.58
C THR E 81 -4.62 57.32 22.24
N ALA E 82 -5.94 57.14 22.30
CA ALA E 82 -6.70 56.83 21.09
C ALA E 82 -6.59 57.97 20.08
N ALA E 83 -6.61 59.21 20.56
CA ALA E 83 -6.59 60.32 19.61
C ALA E 83 -5.25 60.45 18.91
N ALA E 84 -4.14 60.08 19.58
CA ALA E 84 -2.85 60.15 18.89
C ALA E 84 -2.77 59.13 17.76
N VAL E 85 -3.39 57.96 17.93
CA VAL E 85 -3.42 56.99 16.85
C VAL E 85 -4.26 57.49 15.69
N GLU E 86 -5.46 58.03 15.98
CA GLU E 86 -6.29 58.62 14.93
C GLU E 86 -5.53 59.71 14.18
N LYS E 87 -4.82 60.58 14.91
CA LYS E 87 -4.08 61.68 14.28
C LYS E 87 -2.92 61.17 13.42
N LEU E 88 -2.26 60.09 13.83
CA LEU E 88 -1.19 59.53 13.00
C LEU E 88 -1.74 59.08 11.67
N PHE E 89 -2.85 58.33 11.67
CA PHE E 89 -3.45 57.90 10.42
C PHE E 89 -3.94 59.08 9.60
N ASP E 90 -4.57 60.07 10.24
CA ASP E 90 -5.05 61.25 9.50
C ASP E 90 -3.88 61.99 8.86
N ASP E 91 -2.81 62.20 9.63
CA ASP E 91 -1.68 62.96 9.12
C ASP E 91 -0.98 62.22 7.99
N ALA E 92 -0.83 60.90 8.12
CA ALA E 92 -0.20 60.13 7.05
C ALA E 92 -1.05 60.14 5.79
N LYS E 93 -2.38 60.01 5.93
CA LYS E 93 -3.26 60.02 4.78
C LYS E 93 -3.30 61.41 4.13
N GLN E 94 -3.22 62.48 4.93
CA GLN E 94 -3.16 63.82 4.35
C GLN E 94 -1.89 64.00 3.51
N ARG E 95 -0.78 63.41 3.95
CA ARG E 95 0.48 63.61 3.24
C ARG E 95 0.56 62.77 1.97
N PHE E 96 0.04 61.55 1.99
CA PHE E 96 0.24 60.61 0.90
C PHE E 96 -1.04 60.25 0.16
N GLY E 97 -2.20 60.74 0.61
CA GLY E 97 -3.44 60.60 -0.10
C GLY E 97 -4.26 59.36 0.25
N LYS E 98 -3.60 58.33 0.76
CA LYS E 98 -4.24 57.05 1.06
C LYS E 98 -3.26 56.25 1.90
N ILE E 99 -3.76 55.20 2.53
CA ILE E 99 -2.93 54.21 3.22
C ILE E 99 -3.39 52.83 2.78
N ASP E 100 -2.45 52.03 2.24
CA ASP E 100 -2.75 50.68 1.79
C ASP E 100 -2.28 49.60 2.75
N ILE E 101 -1.16 49.83 3.43
CA ILE E 101 -0.50 48.80 4.24
C ILE E 101 -0.14 49.47 5.56
N ALA E 102 -0.65 48.93 6.67
CA ALA E 102 -0.41 49.49 8.00
C ALA E 102 0.23 48.42 8.85
N ILE E 103 1.46 48.68 9.31
CA ILE E 103 2.26 47.71 10.07
C ILE E 103 2.63 48.35 11.40
N ASN E 104 2.32 47.66 12.49
CA ASN E 104 2.58 48.18 13.83
C ASN E 104 3.66 47.33 14.49
N THR E 105 4.80 47.96 14.83
CA THR E 105 5.85 47.29 15.58
C THR E 105 5.99 47.81 17.00
N VAL E 106 5.09 48.68 17.47
CA VAL E 106 5.24 49.28 18.79
C VAL E 106 5.15 48.23 19.88
N GLY E 107 6.06 48.30 20.86
CA GLY E 107 6.05 47.34 21.96
C GLY E 107 6.99 47.76 23.06
N LYS E 108 6.90 47.02 24.17
CA LYS E 108 7.75 47.24 25.35
C LYS E 108 7.86 45.91 26.08
N VAL E 109 9.05 45.60 26.60
CA VAL E 109 9.29 44.34 27.30
C VAL E 109 9.51 44.61 28.79
N LEU E 110 9.00 43.72 29.63
CA LEU E 110 9.27 43.71 31.06
C LEU E 110 9.36 42.25 31.48
N LYS E 111 10.46 41.89 32.17
CA LYS E 111 10.65 40.55 32.68
C LYS E 111 10.85 40.67 34.18
N LYS E 112 9.90 40.16 34.95
CA LYS E 112 9.85 40.42 36.38
C LYS E 112 8.88 39.43 37.02
N PRO E 113 9.14 38.99 38.25
CA PRO E 113 8.19 38.09 38.93
C PRO E 113 6.86 38.79 39.19
N PHE E 114 5.78 38.01 39.05
CA PHE E 114 4.43 38.51 39.20
C PHE E 114 4.25 39.30 40.50
N THR E 115 4.74 38.76 41.61
CA THR E 115 4.52 39.40 42.92
C THR E 115 5.22 40.73 43.05
N GLU E 116 6.09 41.09 42.11
CA GLU E 116 6.88 42.32 42.18
C GLU E 116 6.50 43.37 41.15
N ILE E 117 5.56 43.09 40.24
CA ILE E 117 5.20 44.04 39.20
C ILE E 117 4.29 45.12 39.76
N SER E 118 4.65 46.38 39.55
CA SER E 118 3.94 47.50 40.13
C SER E 118 2.79 47.94 39.23
N GLU E 119 1.90 48.77 39.80
CA GLU E 119 0.81 49.30 39.01
C GLU E 119 1.32 50.14 37.85
N ALA E 120 2.37 50.96 38.08
CA ALA E 120 2.92 51.78 37.01
C ALA E 120 3.46 50.90 35.88
N GLU E 121 4.12 49.79 36.23
CA GLU E 121 4.65 48.88 35.21
C GLU E 121 3.52 48.24 34.43
N TYR E 122 2.51 47.71 35.12
CA TYR E 122 1.33 47.18 34.45
C TYR E 122 0.74 48.21 33.48
N ASP E 123 0.52 49.44 33.97
CA ASP E 123 -0.20 50.42 33.19
C ASP E 123 0.53 50.75 31.90
N GLU E 124 1.85 50.93 31.98
CA GLU E 124 2.59 51.27 30.78
CA GLU E 124 2.63 51.27 30.79
C GLU E 124 2.71 50.09 29.82
N MET E 125 2.92 48.88 30.36
CA MET E 125 3.03 47.71 29.50
C MET E 125 1.74 47.50 28.71
N PHE E 126 0.58 47.65 29.36
CA PHE E 126 -0.68 47.46 28.65
C PHE E 126 -1.01 48.63 27.72
N ALA E 127 -0.66 49.86 28.10
CA ALA E 127 -0.85 50.98 27.20
C ALA E 127 -0.08 50.81 25.91
N VAL E 128 1.19 50.36 26.01
CA VAL E 128 2.05 50.28 24.85
C VAL E 128 1.76 49.03 24.02
N ASN E 129 1.58 47.88 24.67
CA ASN E 129 1.46 46.63 23.92
C ASN E 129 0.04 46.27 23.52
N SER E 130 -0.96 46.66 24.32
CA SER E 130 -2.35 46.34 24.03
C SER E 130 -3.12 47.53 23.48
N LYS E 131 -3.13 48.66 24.21
CA LYS E 131 -3.99 49.78 23.84
C LYS E 131 -3.57 50.40 22.52
N SER E 132 -2.28 50.68 22.34
CA SER E 132 -1.83 51.25 21.08
CA SER E 132 -1.82 51.24 21.08
C SER E 132 -2.19 50.33 19.91
N ALA E 133 -2.08 49.02 20.12
CA ALA E 133 -2.34 48.07 19.04
C ALA E 133 -3.83 48.00 18.73
N PHE E 134 -4.68 48.07 19.76
CA PHE E 134 -6.12 48.12 19.54
C PHE E 134 -6.50 49.31 18.67
N PHE E 135 -6.03 50.51 19.04
CA PHE E 135 -6.44 51.69 18.30
C PHE E 135 -5.78 51.76 16.93
N PHE E 136 -4.57 51.21 16.79
CA PHE E 136 -3.98 51.04 15.46
C PHE E 136 -4.89 50.19 14.56
N ILE E 137 -5.40 49.07 15.10
CA ILE E 137 -6.29 48.21 14.31
C ILE E 137 -7.62 48.91 14.03
N LYS E 138 -8.16 49.63 15.02
CA LYS E 138 -9.40 50.37 14.80
C LYS E 138 -9.22 51.41 13.69
N GLU E 139 -8.16 52.23 13.79
CA GLU E 139 -7.98 53.29 12.82
C GLU E 139 -7.63 52.74 11.44
N ALA E 140 -6.93 51.61 11.38
CA ALA E 140 -6.72 50.98 10.08
C ALA E 140 -8.04 50.57 9.43
N GLY E 141 -8.95 50.02 10.24
CA GLY E 141 -10.27 49.71 9.71
C GLY E 141 -11.01 50.93 9.19
N ARG E 142 -10.75 52.10 9.78
CA ARG E 142 -11.40 53.33 9.35
C ARG E 142 -10.71 53.99 8.15
N HIS E 143 -9.40 53.75 7.97
CA HIS E 143 -8.61 54.50 7.00
C HIS E 143 -8.09 53.70 5.82
N LEU E 144 -7.83 52.40 5.97
CA LEU E 144 -7.16 51.65 4.91
C LEU E 144 -7.99 51.61 3.64
N GLU E 145 -7.30 51.61 2.51
CA GLU E 145 -7.96 51.33 1.23
C GLU E 145 -8.50 49.90 1.22
N ASP E 146 -9.54 49.67 0.42
CA ASP E 146 -9.94 48.30 0.11
C ASP E 146 -8.72 47.52 -0.36
N HIS E 147 -8.72 46.23 -0.04
CA HIS E 147 -7.65 45.29 -0.40
C HIS E 147 -6.35 45.56 0.35
N GLY E 148 -6.41 46.36 1.40
CA GLY E 148 -5.23 46.71 2.16
C GLY E 148 -4.78 45.61 3.12
N LYS E 149 -3.76 45.96 3.92
CA LYS E 149 -3.08 45.01 4.78
C LYS E 149 -2.85 45.62 6.17
N LEU E 150 -2.94 44.77 7.20
CA LEU E 150 -2.80 45.20 8.58
C LEU E 150 -2.02 44.13 9.33
N VAL E 151 -0.84 44.48 9.84
CA VAL E 151 0.06 43.51 10.49
C VAL E 151 0.52 44.10 11.81
N THR E 152 0.46 43.30 12.88
CA THR E 152 0.94 43.71 14.21
C THR E 152 1.99 42.73 14.71
N LEU E 153 3.03 43.26 15.37
CA LEU E 153 4.07 42.43 15.96
C LEU E 153 3.67 41.98 17.37
N VAL E 154 3.79 40.68 17.63
CA VAL E 154 3.59 40.10 18.95
C VAL E 154 4.87 39.37 19.34
N THR E 155 4.79 38.37 20.21
CA THR E 155 5.97 37.64 20.65
C THR E 155 5.72 36.14 20.56
N SER E 156 6.79 35.40 20.27
CA SER E 156 6.75 33.94 20.36
C SER E 156 6.47 33.44 21.76
N LEU E 157 6.57 34.30 22.78
CA LEU E 157 6.18 33.86 24.13
C LEU E 157 4.71 33.53 24.22
N LEU E 158 3.89 33.92 23.24
CA LEU E 158 2.50 33.46 23.23
C LEU E 158 2.40 31.95 23.13
N GLY E 159 3.44 31.28 22.64
CA GLY E 159 3.51 29.83 22.62
C GLY E 159 4.33 29.21 23.73
N ALA E 160 4.75 29.99 24.73
CA ALA E 160 5.60 29.53 25.82
C ALA E 160 4.79 29.22 27.07
N PHE E 161 5.40 28.43 27.93
CA PHE E 161 4.84 28.10 29.25
C PHE E 161 6.01 28.36 30.21
N THR E 162 6.13 29.58 30.69
CA THR E 162 7.37 30.00 31.33
C THR E 162 7.09 31.11 32.34
N PRO E 163 7.90 31.24 33.38
CA PRO E 163 7.71 32.33 34.35
C PRO E 163 8.25 33.66 33.82
N PHE E 164 7.84 34.73 34.50
CA PHE E 164 8.48 36.04 34.54
C PHE E 164 8.07 37.02 33.44
N TYR E 165 7.25 36.61 32.47
CA TYR E 165 6.84 37.53 31.41
C TYR E 165 5.34 37.84 31.46
N ALA E 166 4.71 37.74 32.64
CA ALA E 166 3.27 37.91 32.71
C ALA E 166 2.79 39.21 32.08
N ALA E 167 3.51 40.31 32.32
CA ALA E 167 3.06 41.61 31.81
C ALA E 167 3.38 41.81 30.35
N TYR E 168 4.31 41.02 29.81
CA TYR E 168 4.71 41.15 28.40
C TYR E 168 3.93 40.18 27.53
N GLU E 169 4.05 38.88 27.82
CA GLU E 169 3.21 37.89 27.17
C GLU E 169 1.74 38.24 27.31
N GLY E 170 1.35 38.71 28.50
CA GLY E 170 -0.05 39.00 28.74
C GLY E 170 -0.57 40.24 28.03
N SER E 171 0.30 41.24 27.78
CA SER E 171 -0.13 42.45 27.08
C SER E 171 -0.02 42.33 25.57
N LYS E 172 0.72 41.33 25.05
CA LYS E 172 0.67 41.03 23.63
C LYS E 172 -0.48 40.09 23.28
N ALA E 173 -0.93 39.27 24.24
CA ALA E 173 -2.02 38.33 23.97
C ALA E 173 -3.27 38.97 23.37
N PRO E 174 -3.73 40.16 23.80
CA PRO E 174 -4.93 40.73 23.17
C PRO E 174 -4.81 40.88 21.68
N VAL E 175 -3.60 41.14 21.17
CA VAL E 175 -3.42 41.40 19.74
C VAL E 175 -3.84 40.20 18.90
N GLU E 176 -3.58 38.97 19.37
CA GLU E 176 -4.01 37.81 18.62
C GLU E 176 -5.52 37.83 18.43
N HIS E 177 -6.26 38.23 19.47
CA HIS E 177 -7.72 38.22 19.42
C HIS E 177 -8.27 39.44 18.68
N PHE E 178 -7.63 40.61 18.83
CA PHE E 178 -7.96 41.75 17.97
C PHE E 178 -7.84 41.35 16.50
N THR E 179 -6.78 40.60 16.18
CA THR E 179 -6.51 40.19 14.80
C THR E 179 -7.60 39.26 14.28
N ARG E 180 -8.08 38.33 15.12
CA ARG E 180 -9.21 37.48 14.72
C ARG E 180 -10.44 38.32 14.39
N ALA E 181 -10.84 39.21 15.30
CA ALA E 181 -12.05 40.00 15.08
C ALA E 181 -11.90 40.89 13.86
N ALA E 182 -10.76 41.57 13.73
CA ALA E 182 -10.57 42.48 12.60
C ALA E 182 -10.51 41.73 11.27
N SER E 183 -9.91 40.53 11.26
CA SER E 183 -9.91 39.76 10.03
CA SER E 183 -9.91 39.71 10.05
C SER E 183 -11.34 39.48 9.56
N LYS E 184 -12.23 39.11 10.48
CA LYS E 184 -13.63 38.87 10.12
C LYS E 184 -14.33 40.17 9.74
N GLU E 185 -14.09 41.26 10.47
CA GLU E 185 -14.84 42.49 10.23
C GLU E 185 -14.34 43.26 9.01
N TYR E 186 -13.05 43.18 8.70
CA TYR E 186 -12.47 43.94 7.59
C TYR E 186 -12.37 43.13 6.31
N GLY E 187 -12.60 41.82 6.37
CA GLY E 187 -12.48 40.99 5.19
C GLY E 187 -13.45 41.38 4.09
N ALA E 188 -14.60 41.96 4.45
CA ALA E 188 -15.55 42.38 3.42
C ALA E 188 -14.99 43.46 2.51
N ARG E 189 -14.00 44.22 2.96
CA ARG E 189 -13.34 45.20 2.13
C ARG E 189 -12.06 44.65 1.52
N GLY E 190 -11.80 43.34 1.64
CA GLY E 190 -10.64 42.73 1.04
C GLY E 190 -9.36 42.89 1.83
N ILE E 191 -9.45 43.32 3.08
CA ILE E 191 -8.28 43.62 3.92
C ILE E 191 -7.86 42.36 4.65
N SER E 192 -6.54 42.09 4.66
CA SER E 192 -5.96 40.93 5.33
C SER E 192 -5.30 41.41 6.62
N VAL E 193 -5.58 40.72 7.73
CA VAL E 193 -5.13 41.12 9.07
C VAL E 193 -4.36 39.97 9.69
N THR E 194 -3.12 40.23 10.09
CA THR E 194 -2.27 39.19 10.68
C THR E 194 -1.45 39.73 11.86
N ALA E 195 -0.96 38.80 12.67
CA ALA E 195 0.00 39.11 13.72
C ALA E 195 1.19 38.18 13.60
N VAL E 196 2.38 38.73 13.85
CA VAL E 196 3.65 38.02 13.63
C VAL E 196 4.43 38.04 14.94
N GLY E 197 4.86 36.86 15.38
CA GLY E 197 5.55 36.73 16.66
C GLY E 197 6.96 36.18 16.48
N PRO E 198 7.96 37.06 16.41
CA PRO E 198 9.33 36.59 16.30
C PRO E 198 9.78 35.93 17.61
N GLY E 199 10.84 35.13 17.51
CA GLY E 199 11.58 34.76 18.69
C GLY E 199 12.29 35.96 19.26
N PRO E 200 13.00 35.77 20.37
CA PRO E 200 13.85 36.85 20.88
C PRO E 200 14.79 37.29 19.77
N MET E 201 14.88 38.60 19.56
CA MET E 201 15.60 39.14 18.40
C MET E 201 16.86 39.87 18.82
N ASP E 202 17.87 39.86 17.94
CA ASP E 202 19.11 40.59 18.16
C ASP E 202 18.89 42.07 17.83
N THR E 203 18.22 42.77 18.74
CA THR E 203 18.08 44.23 18.68
C THR E 203 18.28 44.78 20.09
N PRO E 204 18.51 46.09 20.22
CA PRO E 204 18.62 46.68 21.55
C PRO E 204 17.39 46.53 22.43
N PHE E 205 16.23 46.18 21.87
CA PHE E 205 15.02 45.94 22.66
C PHE E 205 15.20 44.72 23.59
N PHE E 206 15.93 43.71 23.13
CA PHE E 206 15.97 42.42 23.81
C PHE E 206 16.84 42.44 25.06
N TYR E 207 18.06 42.98 24.94
CA TYR E 207 19.07 42.79 25.99
C TYR E 207 18.73 43.38 27.36
N PRO E 208 18.12 44.56 27.50
CA PRO E 208 17.97 45.14 28.85
C PRO E 208 17.18 44.29 29.82
N ALA E 209 16.27 43.44 29.33
CA ALA E 209 15.41 42.68 30.21
C ALA E 209 15.98 41.32 30.59
N GLU E 210 17.10 40.92 30.00
CA GLU E 210 17.58 39.54 30.11
C GLU E 210 18.92 39.48 30.83
N GLY E 211 18.99 38.66 31.88
CA GLY E 211 20.25 38.41 32.53
C GLY E 211 21.17 37.57 31.67
N ALA E 212 22.42 37.46 32.12
CA ALA E 212 23.46 36.78 31.34
C ALA E 212 23.09 35.34 31.06
N ASP E 213 22.62 34.60 32.08
CA ASP E 213 22.22 33.22 31.87
C ASP E 213 21.05 33.11 30.89
N ALA E 214 20.10 34.04 30.98
CA ALA E 214 18.95 34.01 30.07
C ALA E 214 19.36 34.26 28.62
N VAL E 215 20.25 35.24 28.40
CA VAL E 215 20.73 35.52 27.04
C VAL E 215 21.35 34.27 26.43
N ALA E 216 22.23 33.61 27.19
CA ALA E 216 22.84 32.36 26.71
C ALA E 216 21.78 31.32 26.40
N TYR E 217 20.76 31.21 27.26
CA TYR E 217 19.67 30.26 27.00
C TYR E 217 18.94 30.59 25.70
N HIS E 218 18.51 31.86 25.54
CA HIS E 218 17.76 32.21 24.34
C HIS E 218 18.58 32.00 23.07
N LYS E 219 19.90 32.21 23.15
CA LYS E 219 20.77 32.05 21.99
C LYS E 219 20.93 30.61 21.54
N THR E 220 20.55 29.62 22.36
CA THR E 220 20.62 28.22 21.98
C THR E 220 19.27 27.53 22.05
N ALA E 221 18.17 28.26 22.25
CA ALA E 221 16.87 27.63 22.49
C ALA E 221 16.11 27.30 21.22
N ALA E 222 16.52 27.80 20.06
CA ALA E 222 15.83 27.52 18.82
C ALA E 222 16.54 26.38 18.09
N ALA E 223 15.75 25.53 17.43
CA ALA E 223 16.34 24.42 16.68
C ALA E 223 17.35 24.90 15.66
N LEU E 224 17.12 26.08 15.07
CA LEU E 224 18.01 26.62 14.06
C LEU E 224 18.98 27.65 14.62
N SER E 225 19.07 27.79 15.94
CA SER E 225 20.02 28.72 16.55
C SER E 225 21.43 28.68 15.98
N PRO E 226 22.03 27.53 15.66
CA PRO E 226 23.40 27.54 15.13
C PRO E 226 23.56 28.31 13.82
N PHE E 227 22.47 28.67 13.15
CA PHE E 227 22.54 29.18 11.80
C PHE E 227 22.10 30.63 11.65
N SER E 228 21.58 31.25 12.70
CA SER E 228 21.39 32.69 12.65
C SER E 228 22.69 33.36 13.07
N LYS E 229 22.73 34.69 13.02
CA LYS E 229 23.98 35.40 13.27
C LYS E 229 24.45 35.23 14.71
N THR E 230 23.53 35.18 15.67
CA THR E 230 23.89 35.10 17.08
C THR E 230 23.20 33.96 17.83
N GLY E 231 22.28 33.24 17.18
CA GLY E 231 21.44 32.28 17.85
C GLY E 231 20.03 32.79 18.14
N LEU E 232 19.85 34.10 18.24
CA LEU E 232 18.54 34.74 18.33
C LEU E 232 17.92 34.86 16.94
N THR E 233 16.66 35.31 16.90
CA THR E 233 16.04 35.70 15.64
C THR E 233 16.70 36.98 15.10
N ASP E 234 17.04 36.97 13.81
CA ASP E 234 17.56 38.16 13.13
C ASP E 234 16.42 38.90 12.44
N ILE E 235 16.40 40.23 12.56
CA ILE E 235 15.35 40.99 11.90
C ILE E 235 15.37 40.77 10.39
N GLU E 236 16.55 40.51 9.83
CA GLU E 236 16.68 40.24 8.40
C GLU E 236 15.87 39.02 7.97
N ASP E 237 15.56 38.09 8.89
CA ASP E 237 14.77 36.93 8.54
C ASP E 237 13.29 37.09 8.88
N VAL E 238 12.92 38.17 9.56
CA VAL E 238 11.51 38.48 9.81
C VAL E 238 10.94 39.36 8.70
N VAL E 239 11.73 40.33 8.21
CA VAL E 239 11.30 41.25 7.18
CA VAL E 239 11.22 41.24 7.20
C VAL E 239 10.73 40.55 5.94
N PRO E 240 11.37 39.50 5.42
CA PRO E 240 10.81 38.87 4.21
C PRO E 240 9.44 38.23 4.43
N PHE E 241 9.16 37.75 5.65
CA PHE E 241 7.84 37.19 5.91
C PHE E 241 6.79 38.29 5.95
N ILE E 242 7.10 39.43 6.57
CA ILE E 242 6.20 40.58 6.54
CA ILE E 242 6.16 40.54 6.54
C ILE E 242 5.90 41.00 5.11
N ARG E 243 6.97 41.07 4.28
CA ARG E 243 6.80 41.44 2.88
CA ARG E 243 6.77 41.45 2.89
C ARG E 243 5.87 40.46 2.17
N HIS E 244 6.05 39.16 2.43
CA HIS E 244 5.15 38.16 1.85
C HIS E 244 3.70 38.40 2.27
N LEU E 245 3.47 38.62 3.56
CA LEU E 245 2.09 38.79 4.04
C LEU E 245 1.41 39.96 3.35
N VAL E 246 2.14 41.04 3.06
CA VAL E 246 1.51 42.24 2.52
C VAL E 246 1.54 42.26 1.00
N THR E 247 2.00 41.18 0.38
CA THR E 247 1.98 41.03 -1.08
C THR E 247 1.29 39.72 -1.47
N ASP E 248 2.04 38.68 -1.84
CA ASP E 248 1.35 37.51 -2.38
CA ASP E 248 1.48 37.43 -2.36
C ASP E 248 0.81 36.59 -1.30
N GLY E 249 1.06 36.87 -0.03
CA GLY E 249 0.48 36.10 1.06
C GLY E 249 -0.84 36.63 1.57
N TRP E 250 -1.56 37.39 0.73
CA TRP E 250 -2.80 38.06 1.11
C TRP E 250 -3.85 37.09 1.63
N TRP E 251 -3.81 35.82 1.22
CA TRP E 251 -4.85 34.88 1.64
C TRP E 251 -4.68 34.45 3.10
N ILE E 252 -3.52 34.70 3.70
CA ILE E 252 -3.33 34.50 5.13
C ILE E 252 -3.97 35.68 5.85
N THR E 253 -5.00 35.40 6.66
CA THR E 253 -5.66 36.45 7.44
C THR E 253 -6.29 35.81 8.66
N GLY E 254 -6.36 36.57 9.75
CA GLY E 254 -6.90 36.05 10.99
C GLY E 254 -5.98 35.10 11.71
N GLN E 255 -4.69 35.15 11.42
CA GLN E 255 -3.73 34.23 11.99
C GLN E 255 -2.66 35.00 12.77
N THR E 256 -2.16 34.36 13.82
CA THR E 256 -0.99 34.82 14.56
C THR E 256 0.08 33.74 14.38
N ILE E 257 1.20 34.12 13.75
CA ILE E 257 2.17 33.16 13.23
C ILE E 257 3.52 33.43 13.88
N LEU E 258 4.18 32.36 14.33
CA LEU E 258 5.42 32.45 15.07
C LEU E 258 6.61 32.17 14.16
N ILE E 259 7.58 33.08 14.14
CA ILE E 259 8.73 33.03 13.22
C ILE E 259 9.98 33.11 14.09
N ASN E 260 10.56 31.95 14.42
CA ASN E 260 11.46 31.91 15.57
C ASN E 260 12.55 30.86 15.51
N GLY E 261 12.76 30.20 14.37
CA GLY E 261 13.82 29.22 14.29
C GLY E 261 13.53 27.92 15.01
N GLY E 262 12.29 27.71 15.47
CA GLY E 262 11.98 26.48 16.17
C GLY E 262 12.19 26.63 17.67
N TYR E 263 11.61 27.70 18.22
CA TYR E 263 11.74 28.08 19.62
C TYR E 263 10.49 27.69 20.41
N THR E 264 9.34 28.25 20.03
CA THR E 264 8.03 27.82 20.51
C THR E 264 7.16 27.49 19.30
N THR E 265 6.06 26.79 19.56
CA THR E 265 5.09 26.47 18.52
C THR E 265 3.69 26.68 19.09
N LYS E 266 2.68 26.39 18.28
CA LYS E 266 1.29 26.52 18.67
C LYS E 266 0.43 25.69 17.74
N ALA F 11 27.10 -11.39 -40.77
CA ALA F 11 26.39 -12.65 -40.96
C ALA F 11 25.24 -12.50 -41.95
N THR F 12 25.18 -13.42 -42.92
CA THR F 12 24.10 -13.49 -43.87
C THR F 12 23.11 -14.56 -43.45
N HIS F 13 21.87 -14.48 -43.96
CA HIS F 13 20.83 -15.40 -43.55
C HIS F 13 20.25 -16.19 -44.73
N THR F 14 21.02 -16.36 -45.79
CA THR F 14 20.67 -17.25 -46.88
C THR F 14 21.49 -18.52 -46.79
N LEU F 15 21.37 -19.39 -47.80
CA LEU F 15 22.12 -20.63 -47.88
C LEU F 15 23.37 -20.49 -48.73
N ALA F 16 23.58 -19.34 -49.37
CA ALA F 16 24.77 -19.14 -50.19
C ALA F 16 26.02 -19.35 -49.35
N ASP F 17 26.94 -20.16 -49.86
CA ASP F 17 28.24 -20.44 -49.25
C ASP F 17 28.16 -21.33 -48.01
N LYS F 18 27.00 -21.90 -47.69
CA LYS F 18 26.82 -22.68 -46.47
C LYS F 18 26.99 -24.17 -46.75
N VAL F 19 27.70 -24.86 -45.85
CA VAL F 19 27.87 -26.30 -45.90
C VAL F 19 26.92 -26.95 -44.90
N VAL F 20 26.17 -27.95 -45.36
CA VAL F 20 25.15 -28.63 -44.56
C VAL F 20 25.59 -30.06 -44.30
N LEU F 21 25.43 -30.53 -43.06
CA LEU F 21 25.58 -31.93 -42.69
C LEU F 21 24.23 -32.45 -42.23
N ILE F 22 23.76 -33.55 -42.82
CA ILE F 22 22.47 -34.15 -42.48
C ILE F 22 22.69 -35.60 -42.05
N ALA F 23 22.38 -35.91 -40.79
CA ALA F 23 22.35 -37.29 -40.34
C ALA F 23 21.01 -37.89 -40.75
N GLY F 24 21.06 -39.07 -41.36
CA GLY F 24 19.87 -39.63 -41.98
C GLY F 24 19.45 -38.84 -43.21
N GLY F 25 20.41 -38.38 -44.01
CA GLY F 25 20.16 -37.51 -45.14
C GLY F 25 19.95 -38.18 -46.47
N ALA F 26 19.79 -39.51 -46.49
CA ALA F 26 19.78 -40.26 -47.75
C ALA F 26 18.38 -40.48 -48.31
N LYS F 27 17.36 -40.43 -47.46
CA LYS F 27 16.04 -40.87 -47.86
C LYS F 27 15.02 -40.20 -46.96
N ASN F 28 13.75 -40.36 -47.30
CA ASN F 28 12.62 -39.89 -46.48
C ASN F 28 12.82 -38.42 -46.16
N LEU F 29 12.62 -38.00 -44.90
CA LEU F 29 12.70 -36.57 -44.59
C LEU F 29 14.09 -36.01 -44.88
N GLY F 30 15.13 -36.68 -44.41
CA GLY F 30 16.49 -36.15 -44.57
C GLY F 30 16.89 -36.01 -46.02
N GLY F 31 16.49 -36.98 -46.85
CA GLY F 31 16.79 -36.89 -48.28
C GLY F 31 16.10 -35.73 -48.96
N LEU F 32 14.88 -35.38 -48.49
CA LEU F 32 14.20 -34.22 -49.05
C LEU F 32 14.79 -32.90 -48.54
N ILE F 33 15.21 -32.84 -47.27
CA ILE F 33 15.94 -31.67 -46.79
C ILE F 33 17.19 -31.44 -47.63
N ALA F 34 17.93 -32.51 -47.92
CA ALA F 34 19.12 -32.39 -48.77
C ALA F 34 18.79 -31.73 -50.10
N ARG F 35 17.77 -32.25 -50.79
CA ARG F 35 17.38 -31.68 -52.08
C ARG F 35 16.90 -30.25 -51.94
N ASP F 36 16.14 -29.97 -50.87
CA ASP F 36 15.55 -28.65 -50.70
C ASP F 36 16.62 -27.60 -50.42
N LEU F 37 17.57 -27.90 -49.53
CA LEU F 37 18.60 -26.92 -49.20
C LEU F 37 19.53 -26.71 -50.38
N ALA F 38 19.85 -27.77 -51.12
CA ALA F 38 20.63 -27.63 -52.35
C ALA F 38 19.88 -26.79 -53.37
N GLY F 39 18.57 -27.03 -53.53
CA GLY F 39 17.78 -26.28 -54.47
C GLY F 39 17.67 -24.80 -54.14
N HIS F 40 17.83 -24.44 -52.86
CA HIS F 40 17.75 -23.05 -52.43
C HIS F 40 19.11 -22.43 -52.17
N GLY F 41 20.19 -23.04 -52.64
CA GLY F 41 21.46 -22.37 -52.79
C GLY F 41 22.61 -22.82 -51.92
N ALA F 42 22.47 -23.90 -51.15
CA ALA F 42 23.57 -24.34 -50.30
C ALA F 42 24.80 -24.66 -51.13
N LYS F 43 25.97 -24.50 -50.50
CA LYS F 43 27.23 -24.76 -51.19
C LYS F 43 27.51 -26.24 -51.29
N ALA F 44 27.18 -27.01 -50.25
CA ALA F 44 27.50 -28.43 -50.22
C ALA F 44 26.62 -29.11 -49.19
N VAL F 45 26.35 -30.39 -49.42
CA VAL F 45 25.61 -31.21 -48.46
C VAL F 45 26.40 -32.48 -48.20
N ALA F 46 26.75 -32.72 -46.94
CA ALA F 46 27.31 -33.98 -46.50
C ALA F 46 26.16 -34.88 -46.05
N ILE F 47 26.03 -36.04 -46.69
CA ILE F 47 24.87 -36.90 -46.59
C ILE F 47 25.27 -38.13 -45.78
N HIS F 48 24.76 -38.25 -44.56
CA HIS F 48 25.02 -39.42 -43.75
C HIS F 48 23.94 -40.48 -43.95
N TYR F 49 24.35 -41.74 -43.90
CA TYR F 49 23.39 -42.84 -43.89
C TYR F 49 23.93 -43.98 -43.03
N ASN F 50 23.02 -44.84 -42.58
CA ASN F 50 23.37 -45.93 -41.67
C ASN F 50 23.42 -47.29 -42.37
N SER F 51 22.26 -47.85 -42.69
CA SER F 51 22.17 -49.22 -43.17
C SER F 51 22.64 -49.35 -44.61
N ALA F 52 23.21 -50.51 -44.93
CA ALA F 52 23.65 -50.77 -46.30
C ALA F 52 22.50 -50.67 -47.29
N ALA F 53 21.28 -51.00 -46.86
CA ALA F 53 20.11 -50.89 -47.74
C ALA F 53 19.76 -49.44 -48.06
N SER F 54 20.37 -48.47 -47.37
CA SER F 54 20.17 -47.05 -47.64
C SER F 54 21.23 -46.46 -48.55
N GLN F 55 22.25 -47.24 -48.93
CA GLN F 55 23.36 -46.68 -49.69
C GLN F 55 22.92 -46.19 -51.06
N ALA F 56 22.09 -46.97 -51.75
CA ALA F 56 21.64 -46.59 -53.08
C ALA F 56 20.90 -45.26 -53.06
N GLN F 57 19.99 -45.09 -52.09
CA GLN F 57 19.29 -43.82 -51.95
C GLN F 57 20.24 -42.69 -51.59
N ALA F 58 21.28 -42.98 -50.80
CA ALA F 58 22.27 -41.95 -50.46
C ALA F 58 22.95 -41.41 -51.71
N GLU F 59 23.37 -42.30 -52.61
CA GLU F 59 24.04 -41.85 -53.83
C GLU F 59 23.08 -41.16 -54.78
N GLU F 60 21.82 -41.62 -54.82
CA GLU F 60 20.79 -40.94 -55.60
C GLU F 60 20.54 -39.54 -55.06
N THR F 61 20.54 -39.39 -53.74
CA THR F 61 20.35 -38.07 -53.15
C THR F 61 21.55 -37.16 -53.46
N ALA F 62 22.76 -37.71 -53.38
CA ALA F 62 23.94 -36.93 -53.73
C ALA F 62 23.87 -36.45 -55.17
N ALA F 63 23.42 -37.31 -56.09
CA ALA F 63 23.28 -36.89 -57.49
C ALA F 63 22.26 -35.77 -57.63
N ALA F 64 21.14 -35.86 -56.90
CA ALA F 64 20.13 -34.82 -56.98
C ALA F 64 20.64 -33.51 -56.39
N VAL F 65 21.38 -33.58 -55.27
CA VAL F 65 21.98 -32.39 -54.68
C VAL F 65 22.92 -31.73 -55.69
N ARG F 66 23.69 -32.53 -56.42
CA ARG F 66 24.63 -31.98 -57.39
C ARG F 66 23.91 -31.36 -58.57
N ALA F 67 22.82 -31.98 -59.04
CA ALA F 67 22.06 -31.38 -60.13
C ALA F 67 21.42 -30.07 -59.71
N ALA F 68 21.13 -29.90 -58.42
CA ALA F 68 20.59 -28.65 -57.91
C ALA F 68 21.65 -27.56 -57.78
N GLY F 69 22.93 -27.90 -57.87
CA GLY F 69 23.97 -26.88 -57.92
C GLY F 69 24.94 -26.88 -56.75
N ALA F 70 24.84 -27.87 -55.88
CA ALA F 70 25.70 -27.97 -54.71
C ALA F 70 26.62 -29.18 -54.83
N GLU F 71 27.73 -29.13 -54.09
CA GLU F 71 28.58 -30.31 -54.00
CA GLU F 71 28.60 -30.29 -53.98
C GLU F 71 28.03 -31.27 -52.96
N ALA F 72 28.46 -32.53 -53.04
CA ALA F 72 27.87 -33.53 -52.16
C ALA F 72 28.84 -34.69 -51.96
N ALA F 73 28.71 -35.33 -50.80
CA ALA F 73 29.46 -36.54 -50.50
C ALA F 73 28.68 -37.34 -49.47
N THR F 74 28.91 -38.65 -49.44
CA THR F 74 28.19 -39.54 -48.54
C THR F 74 29.13 -40.12 -47.48
N PHE F 75 28.56 -40.39 -46.31
CA PHE F 75 29.30 -40.88 -45.15
C PHE F 75 28.45 -41.93 -44.44
N GLN F 76 28.91 -43.17 -44.41
CA GLN F 76 28.22 -44.23 -43.69
C GLN F 76 28.68 -44.25 -42.24
N ALA F 77 27.73 -44.36 -41.30
CA ALA F 77 28.09 -44.51 -39.90
C ALA F 77 26.91 -45.00 -39.08
N ASP F 78 27.22 -45.85 -38.10
CA ASP F 78 26.33 -46.15 -36.98
C ASP F 78 26.63 -45.12 -35.90
N LEU F 79 25.69 -44.22 -35.63
CA LEU F 79 25.97 -43.05 -34.80
C LEU F 79 25.64 -43.27 -33.33
N THR F 80 25.63 -44.51 -32.85
CA THR F 80 25.31 -44.78 -31.45
C THR F 80 26.53 -44.78 -30.53
N THR F 81 27.74 -44.54 -31.05
CA THR F 81 28.92 -44.36 -30.22
C THR F 81 29.45 -42.95 -30.42
N ALA F 82 30.03 -42.39 -29.36
CA ALA F 82 30.57 -41.03 -29.43
C ALA F 82 31.65 -40.92 -30.48
N ALA F 83 32.52 -41.94 -30.58
CA ALA F 83 33.60 -41.90 -31.55
C ALA F 83 33.07 -41.80 -32.99
N ALA F 84 31.99 -42.52 -33.28
CA ALA F 84 31.46 -42.48 -34.64
C ALA F 84 30.84 -41.14 -34.98
N VAL F 85 30.22 -40.47 -34.01
CA VAL F 85 29.67 -39.15 -34.26
C VAL F 85 30.81 -38.14 -34.48
N GLU F 86 31.86 -38.21 -33.65
CA GLU F 86 33.00 -37.31 -33.85
C GLU F 86 33.61 -37.52 -35.23
N LYS F 87 33.76 -38.78 -35.65
CA LYS F 87 34.37 -39.06 -36.94
C LYS F 87 33.54 -38.50 -38.10
N LEU F 88 32.21 -38.57 -37.98
CA LEU F 88 31.35 -38.03 -39.03
C LEU F 88 31.57 -36.53 -39.21
N PHE F 89 31.57 -35.78 -38.11
CA PHE F 89 31.84 -34.35 -38.18
C PHE F 89 33.26 -34.09 -38.67
N ASP F 90 34.24 -34.85 -38.17
CA ASP F 90 35.62 -34.70 -38.63
C ASP F 90 35.71 -34.92 -40.13
N ASP F 91 35.08 -35.99 -40.62
CA ASP F 91 35.22 -36.35 -42.03
C ASP F 91 34.49 -35.36 -42.93
N ALA F 92 33.32 -34.89 -42.51
CA ALA F 92 32.59 -33.91 -43.32
C ALA F 92 33.31 -32.57 -43.36
N LYS F 93 33.84 -32.12 -42.22
CA LYS F 93 34.56 -30.86 -42.20
C LYS F 93 35.86 -30.95 -42.99
N GLN F 94 36.50 -32.12 -42.99
CA GLN F 94 37.72 -32.29 -43.79
C GLN F 94 37.41 -32.23 -45.28
N ARG F 95 36.30 -32.82 -45.71
CA ARG F 95 35.96 -32.81 -47.12
C ARG F 95 35.56 -31.41 -47.59
N PHE F 96 34.77 -30.70 -46.79
CA PHE F 96 34.20 -29.44 -47.23
C PHE F 96 34.82 -28.19 -46.59
N GLY F 97 35.74 -28.35 -45.64
CA GLY F 97 36.44 -27.23 -45.05
C GLY F 97 35.76 -26.64 -43.82
N LYS F 98 34.44 -26.71 -43.75
CA LYS F 98 33.67 -26.12 -42.67
C LYS F 98 32.31 -26.80 -42.66
N ILE F 99 31.58 -26.62 -41.55
CA ILE F 99 30.19 -27.03 -41.43
C ILE F 99 29.43 -25.86 -40.85
N ASP F 100 28.40 -25.39 -41.56
CA ASP F 100 27.59 -24.27 -41.11
C ASP F 100 26.25 -24.69 -40.52
N ILE F 101 25.67 -25.78 -41.03
CA ILE F 101 24.32 -26.20 -40.67
C ILE F 101 24.38 -27.70 -40.42
N ALA F 102 23.96 -28.12 -39.23
CA ALA F 102 23.96 -29.53 -38.86
C ALA F 102 22.54 -29.94 -38.48
N ILE F 103 21.98 -30.89 -39.22
CA ILE F 103 20.60 -31.34 -39.04
C ILE F 103 20.61 -32.84 -38.78
N ASN F 104 20.00 -33.25 -37.66
CA ASN F 104 19.95 -34.66 -37.28
C ASN F 104 18.53 -35.18 -37.42
N THR F 105 18.32 -36.16 -38.30
CA THR F 105 17.03 -36.83 -38.43
C THR F 105 17.04 -38.27 -37.93
N VAL F 106 18.12 -38.72 -37.28
CA VAL F 106 18.23 -40.11 -36.86
C VAL F 106 17.19 -40.42 -35.79
N GLY F 107 16.53 -41.59 -35.92
CA GLY F 107 15.50 -41.95 -34.97
C GLY F 107 15.06 -43.39 -35.17
N LYS F 108 14.31 -43.88 -34.18
CA LYS F 108 13.72 -45.22 -34.23
C LYS F 108 12.41 -45.18 -33.45
N VAL F 109 11.40 -45.93 -33.90
CA VAL F 109 10.10 -45.96 -33.25
C VAL F 109 9.84 -47.34 -32.65
N LEU F 110 9.20 -47.36 -31.49
CA LEU F 110 8.68 -48.57 -30.85
C LEU F 110 7.36 -48.21 -30.21
N LYS F 111 6.34 -49.03 -30.45
CA LYS F 111 5.02 -48.84 -29.85
C LYS F 111 4.62 -50.17 -29.22
N LYS F 112 4.45 -50.17 -27.89
CA LYS F 112 4.32 -51.42 -27.15
C LYS F 112 3.88 -51.13 -25.73
N PRO F 113 3.11 -52.00 -25.08
CA PRO F 113 2.79 -51.78 -23.66
C PRO F 113 4.04 -51.73 -22.79
N PHE F 114 4.01 -50.82 -21.81
CA PHE F 114 5.15 -50.59 -20.94
C PHE F 114 5.65 -51.89 -20.31
N THR F 115 4.73 -52.72 -19.79
CA THR F 115 5.13 -53.94 -19.12
C THR F 115 5.80 -54.96 -20.04
N GLU F 116 5.78 -54.74 -21.36
CA GLU F 116 6.34 -55.71 -22.29
C GLU F 116 7.61 -55.24 -22.98
N ILE F 117 8.11 -54.05 -22.67
CA ILE F 117 9.31 -53.52 -23.34
C ILE F 117 10.56 -54.14 -22.71
N SER F 118 11.40 -54.75 -23.54
CA SER F 118 12.56 -55.49 -23.10
C SER F 118 13.76 -54.56 -22.88
N GLU F 119 14.77 -55.07 -22.18
CA GLU F 119 15.99 -54.31 -22.02
C GLU F 119 16.67 -54.02 -23.36
N ALA F 120 16.68 -55.01 -24.26
CA ALA F 120 17.29 -54.79 -25.57
C ALA F 120 16.55 -53.70 -26.34
N GLU F 121 15.23 -53.67 -26.22
CA GLU F 121 14.45 -52.64 -26.91
C GLU F 121 14.71 -51.27 -26.31
N TYR F 122 14.69 -51.17 -24.97
CA TYR F 122 15.03 -49.91 -24.32
C TYR F 122 16.41 -49.42 -24.76
N ASP F 123 17.40 -50.30 -24.70
CA ASP F 123 18.78 -49.90 -24.96
C ASP F 123 18.92 -49.34 -26.37
N GLU F 124 18.32 -50.00 -27.37
CA GLU F 124 18.46 -49.52 -28.74
CA GLU F 124 18.44 -49.53 -28.75
C GLU F 124 17.69 -48.22 -28.95
N MET F 125 16.47 -48.11 -28.39
CA MET F 125 15.69 -46.89 -28.55
C MET F 125 16.42 -45.69 -27.98
N PHE F 126 17.04 -45.84 -26.81
CA PHE F 126 17.76 -44.72 -26.21
C PHE F 126 19.10 -44.45 -26.87
N ALA F 127 19.78 -45.49 -27.34
CA ALA F 127 21.02 -45.25 -28.08
C ALA F 127 20.76 -44.45 -29.35
N VAL F 128 19.66 -44.75 -30.04
CA VAL F 128 19.38 -44.12 -31.34
C VAL F 128 18.74 -42.74 -31.17
N ASN F 129 17.74 -42.63 -30.30
CA ASN F 129 16.96 -41.38 -30.20
C ASN F 129 17.56 -40.37 -29.23
N SER F 130 18.25 -40.81 -28.20
CA SER F 130 18.82 -39.90 -27.22
C SER F 130 20.34 -39.78 -27.33
N LYS F 131 21.07 -40.90 -27.29
CA LYS F 131 22.52 -40.81 -27.22
C LYS F 131 23.10 -40.25 -28.52
N SER F 132 22.67 -40.77 -29.67
CA SER F 132 23.16 -40.24 -30.94
CA SER F 132 23.15 -40.24 -30.95
C SER F 132 22.87 -38.75 -31.06
N ALA F 133 21.70 -38.32 -30.59
CA ALA F 133 21.33 -36.91 -30.64
C ALA F 133 22.19 -36.07 -29.70
N PHE F 134 22.48 -36.60 -28.51
CA PHE F 134 23.36 -35.89 -27.58
C PHE F 134 24.72 -35.63 -28.21
N PHE F 135 25.34 -36.67 -28.77
CA PHE F 135 26.68 -36.50 -29.32
C PHE F 135 26.69 -35.71 -30.61
N PHE F 136 25.61 -35.77 -31.39
CA PHE F 136 25.49 -34.88 -32.53
C PHE F 136 25.49 -33.42 -32.08
N ILE F 137 24.73 -33.11 -31.03
CA ILE F 137 24.70 -31.75 -30.51
C ILE F 137 26.05 -31.37 -29.92
N LYS F 138 26.68 -32.29 -29.17
CA LYS F 138 28.00 -32.02 -28.63
C LYS F 138 29.00 -31.72 -29.74
N GLU F 139 29.04 -32.58 -30.76
CA GLU F 139 30.05 -32.40 -31.79
C GLU F 139 29.76 -31.22 -32.70
N ALA F 140 28.48 -30.88 -32.88
CA ALA F 140 28.16 -29.62 -33.56
C ALA F 140 28.71 -28.43 -32.78
N GLY F 141 28.60 -28.46 -31.45
CA GLY F 141 29.17 -27.38 -30.65
C GLY F 141 30.67 -27.24 -30.85
N ARG F 142 31.35 -28.37 -31.09
CA ARG F 142 32.80 -28.36 -31.29
C ARG F 142 33.21 -28.02 -32.72
N HIS F 143 32.35 -28.24 -33.72
CA HIS F 143 32.73 -28.15 -35.12
C HIS F 143 32.05 -27.02 -35.89
N LEU F 144 30.87 -26.57 -35.49
CA LEU F 144 30.12 -25.62 -36.31
C LEU F 144 30.85 -24.30 -36.43
N GLU F 145 30.72 -23.68 -37.59
CA GLU F 145 31.13 -22.29 -37.74
C GLU F 145 30.30 -21.39 -36.83
N ASP F 146 30.89 -20.26 -36.43
CA ASP F 146 30.10 -19.20 -35.82
C ASP F 146 28.92 -18.87 -36.71
N HIS F 147 27.81 -18.48 -36.09
CA HIS F 147 26.55 -18.15 -36.76
C HIS F 147 25.88 -19.36 -37.39
N GLY F 148 26.28 -20.57 -37.02
CA GLY F 148 25.73 -21.77 -37.61
C GLY F 148 24.39 -22.17 -37.00
N LYS F 149 23.94 -23.35 -37.41
CA LYS F 149 22.59 -23.83 -37.10
C LYS F 149 22.66 -25.29 -36.71
N LEU F 150 21.79 -25.67 -35.77
CA LEU F 150 21.72 -27.03 -35.28
C LEU F 150 20.27 -27.39 -35.04
N VAL F 151 19.77 -28.42 -35.74
CA VAL F 151 18.37 -28.84 -35.70
C VAL F 151 18.31 -30.34 -35.48
N THR F 152 17.45 -30.78 -34.54
CA THR F 152 17.22 -32.19 -34.29
C THR F 152 15.73 -32.51 -34.42
N LEU F 153 15.42 -33.67 -35.00
CA LEU F 153 14.04 -34.11 -35.16
C LEU F 153 13.55 -34.85 -33.92
N VAL F 154 12.38 -34.45 -33.43
CA VAL F 154 11.69 -35.15 -32.34
C VAL F 154 10.31 -35.56 -32.84
N THR F 155 9.36 -35.75 -31.94
CA THR F 155 8.01 -36.20 -32.31
C THR F 155 6.97 -35.30 -31.66
N SER F 156 5.84 -35.13 -32.37
CA SER F 156 4.71 -34.44 -31.78
C SER F 156 4.11 -35.19 -30.59
N LEU F 157 4.48 -36.45 -30.37
CA LEU F 157 4.02 -37.15 -29.17
C LEU F 157 4.56 -36.50 -27.90
N LEU F 158 5.55 -35.63 -27.99
CA LEU F 158 5.95 -34.88 -26.80
C LEU F 158 4.82 -34.02 -26.25
N GLY F 159 3.82 -33.71 -27.07
CA GLY F 159 2.64 -32.99 -26.65
C GLY F 159 1.42 -33.87 -26.41
N ALA F 160 1.59 -35.19 -26.38
CA ALA F 160 0.48 -36.13 -26.25
C ALA F 160 0.38 -36.68 -24.83
N PHE F 161 -0.79 -37.22 -24.52
CA PHE F 161 -1.06 -37.90 -23.24
C PHE F 161 -1.72 -39.21 -23.65
N THR F 162 -0.92 -40.26 -23.84
CA THR F 162 -1.41 -41.41 -24.58
C THR F 162 -0.58 -42.64 -24.19
N PRO F 163 -1.15 -43.84 -24.28
CA PRO F 163 -0.41 -45.06 -23.96
C PRO F 163 0.51 -45.49 -25.11
N PHE F 164 1.42 -46.40 -24.79
CA PHE F 164 2.15 -47.28 -25.71
C PHE F 164 3.44 -46.71 -26.30
N TYR F 165 3.74 -45.42 -26.13
CA TYR F 165 4.94 -44.85 -26.72
C TYR F 165 6.01 -44.51 -25.68
N ALA F 166 6.02 -45.20 -24.53
CA ALA F 166 6.92 -44.80 -23.45
C ALA F 166 8.38 -44.77 -23.90
N ALA F 167 8.80 -45.75 -24.70
CA ALA F 167 10.21 -45.80 -25.10
C ALA F 167 10.52 -44.86 -26.25
N TYR F 168 9.52 -44.38 -26.98
CA TYR F 168 9.71 -43.49 -28.12
C TYR F 168 9.56 -42.03 -27.70
N GLU F 169 8.38 -41.66 -27.23
CA GLU F 169 8.19 -40.35 -26.60
C GLU F 169 9.25 -40.11 -25.54
N GLY F 170 9.56 -41.13 -24.74
CA GLY F 170 10.52 -40.94 -23.66
C GLY F 170 11.95 -40.78 -24.12
N SER F 171 12.33 -41.41 -25.23
CA SER F 171 13.70 -41.30 -25.73
C SER F 171 13.93 -40.09 -26.63
N LYS F 172 12.85 -39.48 -27.15
CA LYS F 172 12.98 -38.19 -27.80
C LYS F 172 12.94 -37.03 -26.81
N ALA F 173 12.33 -37.22 -25.64
CA ALA F 173 12.21 -36.15 -24.67
C ALA F 173 13.54 -35.51 -24.27
N PRO F 174 14.64 -36.25 -24.10
CA PRO F 174 15.90 -35.58 -23.76
C PRO F 174 16.30 -34.50 -24.76
N VAL F 175 15.95 -34.68 -26.05
CA VAL F 175 16.39 -33.75 -27.08
C VAL F 175 15.86 -32.34 -26.81
N GLU F 176 14.63 -32.24 -26.30
CA GLU F 176 14.10 -30.93 -25.99
C GLU F 176 14.99 -30.20 -24.99
N HIS F 177 15.48 -30.93 -24.00
CA HIS F 177 16.29 -30.33 -22.95
C HIS F 177 17.75 -30.15 -23.39
N PHE F 178 18.29 -31.08 -24.18
CA PHE F 178 19.59 -30.82 -24.80
C PHE F 178 19.53 -29.52 -25.60
N THR F 179 18.40 -29.29 -26.28
CA THR F 179 18.24 -28.11 -27.14
C THR F 179 18.21 -26.83 -26.32
N ARG F 180 17.57 -26.87 -25.14
CA ARG F 180 17.60 -25.72 -24.25
C ARG F 180 19.03 -25.40 -23.81
N ALA F 181 19.75 -26.42 -23.33
CA ALA F 181 21.09 -26.18 -22.81
C ALA F 181 22.03 -25.70 -23.91
N ALA F 182 21.99 -26.35 -25.08
CA ALA F 182 22.89 -25.98 -26.17
C ALA F 182 22.55 -24.60 -26.73
N SER F 183 21.28 -24.22 -26.75
CA SER F 183 20.94 -22.87 -27.19
CA SER F 183 20.91 -22.87 -27.17
C SER F 183 21.59 -21.82 -26.30
N LYS F 184 21.58 -22.05 -24.97
CA LYS F 184 22.22 -21.11 -24.08
C LYS F 184 23.74 -21.16 -24.22
N GLU F 185 24.31 -22.35 -24.37
CA GLU F 185 25.77 -22.46 -24.39
C GLU F 185 26.38 -22.08 -25.72
N TYR F 186 25.68 -22.36 -26.83
CA TYR F 186 26.24 -22.08 -28.14
C TYR F 186 25.88 -20.70 -28.65
N GLY F 187 24.98 -20.00 -27.96
CA GLY F 187 24.52 -18.70 -28.42
C GLY F 187 25.64 -17.68 -28.49
N ALA F 188 26.66 -17.82 -27.63
CA ALA F 188 27.76 -16.87 -27.65
C ALA F 188 28.54 -16.92 -28.96
N ARG F 189 28.44 -18.01 -29.71
CA ARG F 189 29.04 -18.12 -31.04
C ARG F 189 28.04 -17.85 -32.15
N GLY F 190 26.83 -17.37 -31.81
CA GLY F 190 25.85 -17.02 -32.81
C GLY F 190 25.07 -18.19 -33.37
N ILE F 191 25.15 -19.36 -32.73
CA ILE F 191 24.55 -20.59 -33.25
C ILE F 191 23.12 -20.70 -32.72
N SER F 192 22.19 -21.02 -33.61
CA SER F 192 20.78 -21.23 -33.25
C SER F 192 20.52 -22.73 -33.18
N VAL F 193 19.87 -23.17 -32.09
CA VAL F 193 19.64 -24.59 -31.82
C VAL F 193 18.15 -24.82 -31.63
N THR F 194 17.56 -25.73 -32.42
CA THR F 194 16.13 -25.99 -32.34
C THR F 194 15.84 -27.49 -32.47
N ALA F 195 14.64 -27.87 -32.05
CA ALA F 195 14.13 -29.22 -32.25
C ALA F 195 12.76 -29.11 -32.90
N VAL F 196 12.48 -30.03 -33.83
CA VAL F 196 11.29 -29.98 -34.67
C VAL F 196 10.54 -31.30 -34.53
N GLY F 197 9.25 -31.23 -34.17
CA GLY F 197 8.47 -32.43 -33.95
C GLY F 197 7.29 -32.55 -34.89
N PRO F 198 7.47 -33.26 -36.01
CA PRO F 198 6.35 -33.47 -36.93
C PRO F 198 5.28 -34.36 -36.32
N GLY F 199 4.07 -34.27 -36.88
CA GLY F 199 3.09 -35.29 -36.64
C GLY F 199 3.56 -36.60 -37.23
N PRO F 200 2.75 -37.64 -37.03
CA PRO F 200 3.03 -38.90 -37.74
C PRO F 200 3.11 -38.60 -39.23
N MET F 201 4.14 -39.12 -39.89
CA MET F 201 4.43 -38.79 -41.28
C MET F 201 4.20 -39.96 -42.22
N ASP F 202 3.87 -39.65 -43.48
CA ASP F 202 3.72 -40.66 -44.53
C ASP F 202 5.11 -41.03 -45.07
N THR F 203 5.82 -41.84 -44.30
CA THR F 203 7.09 -42.43 -44.69
C THR F 203 7.12 -43.87 -44.19
N PRO F 204 8.03 -44.70 -44.71
CA PRO F 204 8.11 -46.10 -44.23
C PRO F 204 8.46 -46.24 -42.75
N PHE F 205 8.92 -45.16 -42.10
CA PHE F 205 9.21 -45.18 -40.66
C PHE F 205 7.94 -45.38 -39.84
N PHE F 206 6.83 -44.81 -40.29
CA PHE F 206 5.61 -44.72 -39.47
C PHE F 206 4.86 -46.06 -39.43
N TYR F 207 4.67 -46.68 -40.59
CA TYR F 207 3.69 -47.77 -40.70
C TYR F 207 4.00 -49.02 -39.88
N PRO F 208 5.25 -49.51 -39.78
CA PRO F 208 5.47 -50.81 -39.12
C PRO F 208 5.05 -50.86 -37.66
N ALA F 209 5.01 -49.72 -36.98
CA ALA F 209 4.71 -49.70 -35.55
C ALA F 209 3.23 -49.54 -35.25
N GLU F 210 2.38 -49.34 -36.25
CA GLU F 210 1.01 -48.88 -36.03
C GLU F 210 0.02 -49.90 -36.55
N GLY F 211 -0.92 -50.31 -35.70
CA GLY F 211 -2.01 -51.14 -36.16
C GLY F 211 -2.94 -50.37 -37.07
N ALA F 212 -3.80 -51.11 -37.77
CA ALA F 212 -4.65 -50.52 -38.81
C ALA F 212 -5.61 -49.48 -38.23
N ASP F 213 -6.20 -49.77 -37.08
CA ASP F 213 -7.07 -48.77 -36.45
C ASP F 213 -6.29 -47.53 -36.03
N ALA F 214 -5.07 -47.73 -35.53
CA ALA F 214 -4.25 -46.59 -35.13
C ALA F 214 -3.89 -45.73 -36.34
N VAL F 215 -3.55 -46.36 -37.47
CA VAL F 215 -3.26 -45.62 -38.69
C VAL F 215 -4.46 -44.76 -39.08
N ALA F 216 -5.65 -45.34 -39.08
CA ALA F 216 -6.84 -44.58 -39.45
C ALA F 216 -7.05 -43.42 -38.48
N TYR F 217 -6.79 -43.64 -37.18
CA TYR F 217 -6.92 -42.57 -36.20
C TYR F 217 -5.95 -41.44 -36.49
N HIS F 218 -4.65 -41.76 -36.64
CA HIS F 218 -3.65 -40.73 -36.92
C HIS F 218 -4.01 -39.93 -38.17
N LYS F 219 -4.63 -40.58 -39.16
CA LYS F 219 -4.93 -39.94 -40.44
C LYS F 219 -6.07 -38.94 -40.36
N THR F 220 -6.86 -38.96 -39.28
CA THR F 220 -7.94 -38.00 -39.06
C THR F 220 -7.77 -37.18 -37.79
N ALA F 221 -6.63 -37.29 -37.11
CA ALA F 221 -6.46 -36.65 -35.81
C ALA F 221 -5.98 -35.21 -35.90
N ALA F 222 -5.51 -34.76 -37.05
CA ALA F 222 -5.06 -33.39 -37.21
C ALA F 222 -6.19 -32.52 -37.76
N ALA F 223 -6.26 -31.29 -37.27
CA ALA F 223 -7.29 -30.35 -37.76
C ALA F 223 -7.24 -30.19 -39.27
N LEU F 224 -6.04 -30.24 -39.86
CA LEU F 224 -5.85 -30.07 -41.29
C LEU F 224 -5.68 -31.39 -42.03
N SER F 225 -5.95 -32.52 -41.37
CA SER F 225 -5.88 -33.83 -42.03
C SER F 225 -6.54 -33.90 -43.41
N PRO F 226 -7.70 -33.28 -43.66
CA PRO F 226 -8.32 -33.39 -45.00
C PRO F 226 -7.47 -32.83 -46.13
N PHE F 227 -6.43 -32.05 -45.82
CA PHE F 227 -5.74 -31.27 -46.84
C PHE F 227 -4.31 -31.74 -47.10
N SER F 228 -3.81 -32.71 -46.34
CA SER F 228 -2.54 -33.34 -46.69
C SER F 228 -2.84 -34.52 -47.63
N LYS F 229 -1.78 -35.17 -48.13
CA LYS F 229 -1.97 -36.21 -49.14
C LYS F 229 -2.74 -37.40 -48.57
N THR F 230 -2.45 -37.80 -47.33
CA THR F 230 -3.06 -38.98 -46.73
C THR F 230 -3.77 -38.69 -45.41
N GLY F 231 -3.69 -37.49 -44.88
CA GLY F 231 -4.13 -37.19 -43.53
C GLY F 231 -3.02 -37.12 -42.52
N LEU F 232 -1.90 -37.79 -42.79
CA LEU F 232 -0.69 -37.68 -41.98
C LEU F 232 0.08 -36.43 -42.39
N THR F 233 1.12 -36.12 -41.63
CA THR F 233 2.07 -35.08 -42.04
C THR F 233 2.84 -35.55 -43.27
N ASP F 234 2.94 -34.66 -44.27
CA ASP F 234 3.76 -34.92 -45.44
C ASP F 234 5.14 -34.28 -45.25
N ILE F 235 6.18 -35.02 -45.65
CA ILE F 235 7.54 -34.48 -45.50
C ILE F 235 7.70 -33.17 -46.25
N GLU F 236 6.99 -33.01 -47.37
CA GLU F 236 7.09 -31.78 -48.15
C GLU F 236 6.63 -30.55 -47.37
N ASP F 237 5.82 -30.73 -46.33
CA ASP F 237 5.38 -29.60 -45.53
C ASP F 237 6.23 -29.40 -44.28
N VAL F 238 7.16 -30.31 -44.00
CA VAL F 238 8.12 -30.14 -42.92
C VAL F 238 9.39 -29.44 -43.41
N VAL F 239 9.89 -29.83 -44.59
CA VAL F 239 11.14 -29.26 -45.11
C VAL F 239 11.16 -27.74 -45.20
N PRO F 240 10.07 -27.04 -45.58
CA PRO F 240 10.16 -25.58 -45.64
C PRO F 240 10.37 -24.93 -44.28
N PHE F 241 9.86 -25.54 -43.20
CA PHE F 241 10.09 -25.02 -41.87
C PHE F 241 11.54 -25.22 -41.45
N ILE F 242 12.10 -26.40 -41.72
CA ILE F 242 13.52 -26.64 -41.49
CA ILE F 242 13.51 -26.60 -41.45
C ILE F 242 14.34 -25.60 -42.23
N ARG F 243 14.01 -25.39 -43.51
CA ARG F 243 14.73 -24.37 -44.31
CA ARG F 243 14.73 -24.38 -44.31
C ARG F 243 14.63 -23.00 -43.67
N HIS F 244 13.45 -22.62 -43.17
CA HIS F 244 13.29 -21.33 -42.52
C HIS F 244 14.19 -21.21 -41.29
N LEU F 245 14.20 -22.24 -40.44
CA LEU F 245 14.96 -22.17 -39.21
C LEU F 245 16.45 -21.98 -39.47
N VAL F 246 16.97 -22.59 -40.56
CA VAL F 246 18.40 -22.51 -40.84
C VAL F 246 18.76 -21.32 -41.73
N THR F 247 17.78 -20.47 -42.07
CA THR F 247 18.02 -19.24 -42.82
C THR F 247 17.46 -18.03 -42.09
N ASP F 248 16.32 -17.51 -42.53
CA ASP F 248 15.86 -16.25 -41.95
C ASP F 248 15.15 -16.41 -40.62
N GLY F 249 14.96 -17.65 -40.15
CA GLY F 249 14.39 -17.91 -38.85
C GLY F 249 15.42 -18.10 -37.75
N TRP F 250 16.63 -17.54 -37.94
CA TRP F 250 17.74 -17.75 -37.02
C TRP F 250 17.45 -17.26 -35.60
N TRP F 251 16.52 -16.32 -35.43
CA TRP F 251 16.23 -15.82 -34.08
C TRP F 251 15.46 -16.83 -33.25
N ILE F 252 14.88 -17.85 -33.87
CA ILE F 252 14.26 -18.96 -33.14
C ILE F 252 15.39 -19.86 -32.64
N THR F 253 15.55 -19.94 -31.32
CA THR F 253 16.55 -20.82 -30.74
C THR F 253 16.11 -21.24 -29.34
N GLY F 254 16.48 -22.45 -28.95
CA GLY F 254 16.09 -22.97 -27.65
C GLY F 254 14.66 -23.41 -27.55
N GLN F 255 14.03 -23.72 -28.67
CA GLN F 255 12.62 -24.09 -28.75
C GLN F 255 12.48 -25.47 -29.38
N THR F 256 11.44 -26.18 -28.95
CA THR F 256 11.00 -27.42 -29.56
C THR F 256 9.61 -27.15 -30.11
N ILE F 257 9.44 -27.24 -31.43
CA ILE F 257 8.26 -26.72 -32.12
C ILE F 257 7.58 -27.86 -32.86
N LEU F 258 6.25 -27.94 -32.74
CA LEU F 258 5.49 -29.05 -33.29
C LEU F 258 4.83 -28.61 -34.59
N ILE F 259 5.05 -29.40 -35.65
CA ILE F 259 4.57 -29.07 -36.99
C ILE F 259 3.75 -30.26 -37.47
N ASN F 260 2.42 -30.17 -37.31
CA ASN F 260 1.63 -31.40 -37.33
C ASN F 260 0.20 -31.25 -37.82
N GLY F 261 -0.17 -30.11 -38.41
CA GLY F 261 -1.52 -29.95 -38.89
C GLY F 261 -2.57 -29.77 -37.81
N GLY F 262 -2.14 -29.55 -36.57
CA GLY F 262 -3.11 -29.37 -35.49
C GLY F 262 -3.48 -30.69 -34.86
N TYR F 263 -2.46 -31.45 -34.48
CA TYR F 263 -2.56 -32.82 -33.96
C TYR F 263 -2.37 -32.80 -32.43
N THR F 264 -1.21 -32.34 -31.97
CA THR F 264 -0.97 -32.03 -30.58
C THR F 264 -0.46 -30.60 -30.48
N THR F 265 -0.49 -30.05 -29.28
CA THR F 265 0.02 -28.72 -29.01
C THR F 265 0.85 -28.74 -27.73
N LYS F 266 1.37 -27.57 -27.38
CA LYS F 266 2.14 -27.42 -26.16
C LYS F 266 2.14 -25.96 -25.72
N ALA G 2 -32.12 18.49 17.72
CA ALA G 2 -33.00 17.96 18.76
C ALA G 2 -33.29 19.02 19.81
N HIS G 3 -34.32 18.78 20.63
CA HIS G 3 -34.71 19.71 21.69
C HIS G 3 -35.18 18.92 22.89
N HIS G 4 -34.47 19.07 24.00
CA HIS G 4 -34.77 18.37 25.24
C HIS G 4 -34.59 19.33 26.42
N HIS G 5 -35.17 20.53 26.33
CA HIS G 5 -34.86 21.55 27.33
C HIS G 5 -35.50 21.28 28.69
N HIS G 6 -36.46 20.36 28.77
CA HIS G 6 -36.93 19.89 30.07
C HIS G 6 -36.05 18.82 30.67
N HIS G 7 -34.95 18.44 30.00
CA HIS G 7 -34.13 17.35 30.50
C HIS G 7 -33.60 17.61 31.90
N HIS G 8 -33.38 18.88 32.26
CA HIS G 8 -32.88 19.20 33.59
C HIS G 8 -33.80 18.68 34.69
N MET G 9 -35.09 18.48 34.40
CA MET G 9 -36.02 17.97 35.40
C MET G 9 -35.75 16.50 35.74
N VAL G 10 -35.10 15.76 34.86
CA VAL G 10 -34.90 14.32 35.06
C VAL G 10 -33.43 13.92 35.07
N ALA G 11 -32.52 14.81 34.71
CA ALA G 11 -31.13 14.41 34.47
C ALA G 11 -30.52 13.82 35.73
N THR G 12 -29.73 12.77 35.55
CA THR G 12 -28.97 12.17 36.64
C THR G 12 -27.49 12.32 36.29
N HIS G 13 -26.79 13.18 37.01
CA HIS G 13 -25.37 13.40 36.78
C HIS G 13 -24.50 12.69 37.81
N THR G 14 -25.04 11.67 38.48
CA THR G 14 -24.25 10.82 39.37
C THR G 14 -23.87 9.54 38.63
N LEU G 15 -23.32 8.57 39.35
CA LEU G 15 -23.01 7.26 38.81
C LEU G 15 -24.13 6.25 39.05
N ALA G 16 -25.21 6.65 39.73
CA ALA G 16 -26.30 5.73 40.02
C ALA G 16 -26.86 5.11 38.74
N ASP G 17 -26.93 3.78 38.72
CA ASP G 17 -27.47 2.99 37.61
C ASP G 17 -26.63 3.05 36.34
N LYS G 18 -25.41 3.55 36.40
CA LYS G 18 -24.58 3.70 35.21
C LYS G 18 -23.64 2.51 35.05
N VAL G 19 -23.59 1.97 33.83
CA VAL G 19 -22.66 0.90 33.48
C VAL G 19 -21.42 1.50 32.82
N VAL G 20 -20.25 1.12 33.31
CA VAL G 20 -18.97 1.63 32.84
C VAL G 20 -18.23 0.52 32.09
N LEU G 21 -17.65 0.85 30.92
CA LEU G 21 -16.72 -0.01 30.21
C LEU G 21 -15.38 0.69 30.17
N ILE G 22 -14.32 0.01 30.62
CA ILE G 22 -12.96 0.56 30.64
C ILE G 22 -12.04 -0.34 29.81
N ALA G 23 -11.49 0.21 28.72
CA ALA G 23 -10.44 -0.45 27.98
C ALA G 23 -9.12 -0.22 28.71
N GLY G 24 -8.37 -1.29 28.94
CA GLY G 24 -7.23 -1.23 29.85
C GLY G 24 -7.63 -1.03 31.29
N GLY G 25 -8.69 -1.72 31.74
CA GLY G 25 -9.26 -1.49 33.05
C GLY G 25 -8.72 -2.36 34.17
N ALA G 26 -7.68 -3.15 33.93
CA ALA G 26 -7.24 -4.15 34.88
C ALA G 26 -6.17 -3.67 35.85
N LYS G 27 -5.40 -2.64 35.48
CA LYS G 27 -4.19 -2.29 36.20
C LYS G 27 -3.88 -0.82 35.95
N ASN G 28 -2.90 -0.31 36.70
CA ASN G 28 -2.39 1.06 36.52
C ASN G 28 -3.57 2.04 36.50
N LEU G 29 -3.63 2.98 35.56
CA LEU G 29 -4.67 4.00 35.62
C LEU G 29 -6.06 3.38 35.52
N GLY G 30 -6.27 2.51 34.54
CA GLY G 30 -7.60 1.95 34.33
C GLY G 30 -8.11 1.14 35.50
N GLY G 31 -7.22 0.38 36.13
CA GLY G 31 -7.63 -0.38 37.31
C GLY G 31 -8.03 0.50 38.48
N LEU G 32 -7.40 1.67 38.61
CA LEU G 32 -7.81 2.60 39.66
C LEU G 32 -9.11 3.31 39.30
N ILE G 33 -9.31 3.64 38.02
CA ILE G 33 -10.61 4.18 37.59
C ILE G 33 -11.72 3.21 37.93
N ALA G 34 -11.50 1.91 37.65
CA ALA G 34 -12.51 0.89 37.95
C ALA G 34 -12.90 0.93 39.42
N ARG G 35 -11.91 0.92 40.31
CA ARG G 35 -12.17 0.94 41.74
C ARG G 35 -12.83 2.25 42.17
N ASP G 36 -12.40 3.36 41.60
CA ASP G 36 -12.92 4.66 42.00
C ASP G 36 -14.37 4.83 41.57
N LEU G 37 -14.69 4.48 40.32
CA LEU G 37 -16.07 4.64 39.88
C LEU G 37 -17.00 3.68 40.61
N ALA G 38 -16.54 2.46 40.88
CA ALA G 38 -17.32 1.54 41.71
C ALA G 38 -17.56 2.13 43.10
N GLY G 39 -16.51 2.63 43.75
CA GLY G 39 -16.66 3.17 45.09
C GLY G 39 -17.55 4.39 45.16
N HIS G 40 -17.64 5.15 44.07
CA HIS G 40 -18.48 6.32 44.01
C HIS G 40 -19.87 6.04 43.46
N GLY G 41 -20.22 4.78 43.22
CA GLY G 41 -21.60 4.38 43.01
C GLY G 41 -21.99 3.88 41.63
N ALA G 42 -21.05 3.54 40.76
CA ALA G 42 -21.44 2.96 39.47
C ALA G 42 -22.18 1.64 39.67
N LYS G 43 -23.04 1.32 38.72
CA LYS G 43 -23.78 0.06 38.81
C LYS G 43 -22.90 -1.13 38.50
N ALA G 44 -22.01 -1.00 37.51
CA ALA G 44 -21.27 -2.14 37.01
C ALA G 44 -20.06 -1.62 36.26
N VAL G 45 -18.99 -2.41 36.25
CA VAL G 45 -17.78 -2.07 35.52
C VAL G 45 -17.37 -3.27 34.68
N ALA G 46 -17.36 -3.08 33.36
CA ALA G 46 -16.82 -4.06 32.43
C ALA G 46 -15.34 -3.76 32.25
N ILE G 47 -14.50 -4.73 32.62
CA ILE G 47 -13.06 -4.55 32.74
C ILE G 47 -12.42 -5.26 31.55
N HIS G 48 -11.92 -4.48 30.58
CA HIS G 48 -11.18 -5.06 29.47
C HIS G 48 -9.69 -5.15 29.81
N TYR G 49 -9.04 -6.21 29.30
CA TYR G 49 -7.59 -6.34 29.39
C TYR G 49 -7.07 -6.99 28.12
N ASN G 50 -5.78 -6.79 27.84
CA ASN G 50 -5.15 -7.33 26.63
C ASN G 50 -4.32 -8.57 26.89
N SER G 51 -3.14 -8.40 27.46
CA SER G 51 -2.18 -9.49 27.56
CA SER G 51 -2.19 -9.50 27.54
C SER G 51 -2.59 -10.52 28.60
N ALA G 52 -2.22 -11.78 28.35
CA ALA G 52 -2.44 -12.82 29.36
C ALA G 52 -1.77 -12.47 30.68
N ALA G 53 -0.66 -11.72 30.62
CA ALA G 53 0.04 -11.28 31.82
C ALA G 53 -0.78 -10.33 32.67
N SER G 54 -1.90 -9.81 32.15
CA SER G 54 -2.76 -8.89 32.87
CA SER G 54 -2.75 -8.90 32.90
C SER G 54 -4.02 -9.56 33.39
N GLN G 55 -4.22 -10.85 33.11
CA GLN G 55 -5.46 -11.52 33.47
C GLN G 55 -5.68 -11.57 34.98
N ALA G 56 -4.64 -11.90 35.74
CA ALA G 56 -4.78 -12.01 37.19
C ALA G 56 -5.17 -10.66 37.78
N GLN G 57 -4.55 -9.58 37.31
CA GLN G 57 -4.91 -8.26 37.78
C GLN G 57 -6.34 -7.89 37.38
N ALA G 58 -6.79 -8.33 36.20
CA ALA G 58 -8.17 -8.07 35.79
C ALA G 58 -9.16 -8.71 36.75
N GLU G 59 -8.94 -9.98 37.11
CA GLU G 59 -9.86 -10.63 38.04
C GLU G 59 -9.75 -10.07 39.44
N GLU G 60 -8.55 -9.63 39.85
CA GLU G 60 -8.40 -8.93 41.13
C GLU G 60 -9.17 -7.61 41.11
N THR G 61 -9.12 -6.89 39.98
CA THR G 61 -9.88 -5.65 39.87
C THR G 61 -11.37 -5.93 39.91
N ALA G 62 -11.82 -6.99 39.23
CA ALA G 62 -13.24 -7.36 39.27
C ALA G 62 -13.67 -7.65 40.70
N ALA G 63 -12.86 -8.40 41.45
CA ALA G 63 -13.21 -8.69 42.84
C ALA G 63 -13.27 -7.41 43.67
N ALA G 64 -12.37 -6.46 43.39
CA ALA G 64 -12.40 -5.20 44.15
C ALA G 64 -13.63 -4.38 43.82
N VAL G 65 -14.04 -4.38 42.54
CA VAL G 65 -15.26 -3.68 42.15
C VAL G 65 -16.46 -4.29 42.86
N ARG G 66 -16.52 -5.63 42.92
CA ARG G 66 -17.62 -6.28 43.63
C ARG G 66 -17.59 -5.95 45.11
N ALA G 67 -16.40 -5.93 45.72
CA ALA G 67 -16.34 -5.62 47.15
C ALA G 67 -16.76 -4.19 47.43
N ALA G 68 -16.59 -3.30 46.46
CA ALA G 68 -17.01 -1.92 46.58
C ALA G 68 -18.51 -1.73 46.37
N GLY G 69 -19.23 -2.79 46.03
CA GLY G 69 -20.68 -2.74 45.92
C GLY G 69 -21.24 -2.68 44.51
N ALA G 70 -20.42 -2.85 43.48
CA ALA G 70 -20.87 -2.81 42.09
C ALA G 70 -20.74 -4.19 41.44
N GLU G 71 -21.36 -4.34 40.27
CA GLU G 71 -21.17 -5.55 39.47
C GLU G 71 -19.90 -5.43 38.63
N ALA G 72 -19.34 -6.58 38.24
CA ALA G 72 -18.12 -6.59 37.44
C ALA G 72 -18.07 -7.81 36.55
N ALA G 73 -17.28 -7.70 35.48
CA ALA G 73 -16.93 -8.82 34.60
C ALA G 73 -15.71 -8.41 33.80
N THR G 74 -14.97 -9.40 33.29
CA THR G 74 -13.75 -9.14 32.55
C THR G 74 -13.90 -9.60 31.10
N PHE G 75 -13.14 -8.93 30.22
CA PHE G 75 -13.22 -9.17 28.77
C PHE G 75 -11.84 -9.02 28.17
N GLN G 76 -11.28 -10.11 27.64
CA GLN G 76 -9.95 -10.05 27.01
CA GLN G 76 -9.95 -10.08 27.00
C GLN G 76 -10.09 -9.70 25.54
N ALA G 77 -9.25 -8.78 25.07
CA ALA G 77 -9.24 -8.47 23.63
C ALA G 77 -7.97 -7.73 23.23
N ASP G 78 -7.48 -8.04 22.02
CA ASP G 78 -6.50 -7.21 21.32
C ASP G 78 -7.32 -6.25 20.46
N LEU G 79 -7.30 -4.97 20.82
CA LEU G 79 -8.23 -4.00 20.23
C LEU G 79 -7.68 -3.32 18.98
N THR G 80 -6.69 -3.89 18.32
CA THR G 80 -6.14 -3.30 17.10
C THR G 80 -6.91 -3.68 15.85
N THR G 81 -7.94 -4.52 15.96
CA THR G 81 -8.83 -4.77 14.84
C THR G 81 -10.22 -4.22 15.12
N ALA G 82 -10.90 -3.78 14.07
CA ALA G 82 -12.26 -3.30 14.26
C ALA G 82 -13.18 -4.41 14.77
N ALA G 83 -12.94 -5.66 14.33
CA ALA G 83 -13.72 -6.79 14.81
C ALA G 83 -13.66 -6.90 16.32
N ALA G 84 -12.47 -6.77 16.90
CA ALA G 84 -12.35 -6.98 18.34
C ALA G 84 -13.02 -5.85 19.11
N VAL G 85 -12.97 -4.62 18.61
CA VAL G 85 -13.64 -3.52 19.31
C VAL G 85 -15.15 -3.71 19.26
N GLU G 86 -15.68 -4.08 18.09
CA GLU G 86 -17.11 -4.36 17.99
C GLU G 86 -17.52 -5.45 18.98
N LYS G 87 -16.73 -6.52 19.06
CA LYS G 87 -17.08 -7.63 19.95
C LYS G 87 -17.01 -7.21 21.42
N LEU G 88 -16.05 -6.37 21.79
CA LEU G 88 -15.96 -5.90 23.17
C LEU G 88 -17.23 -5.17 23.58
N PHE G 89 -17.68 -4.22 22.76
CA PHE G 89 -18.91 -3.50 23.09
C PHE G 89 -20.12 -4.43 23.10
N ASP G 90 -20.21 -5.33 22.13
CA ASP G 90 -21.35 -6.25 22.13
C ASP G 90 -21.35 -7.15 23.37
N ASP G 91 -20.18 -7.67 23.74
CA ASP G 91 -20.09 -8.56 24.90
C ASP G 91 -20.43 -7.81 26.18
N ALA G 92 -19.93 -6.59 26.33
CA ALA G 92 -20.22 -5.83 27.55
C ALA G 92 -21.69 -5.48 27.64
N LYS G 93 -22.29 -5.11 26.51
CA LYS G 93 -23.72 -4.79 26.51
C LYS G 93 -24.56 -6.04 26.76
N GLN G 94 -24.13 -7.20 26.25
CA GLN G 94 -24.82 -8.44 26.60
C GLN G 94 -24.74 -8.71 28.10
N ARG G 95 -23.58 -8.48 28.71
CA ARG G 95 -23.41 -8.81 30.12
C ARG G 95 -24.25 -7.90 31.00
N PHE G 96 -24.26 -6.59 30.72
CA PHE G 96 -24.86 -5.62 31.62
C PHE G 96 -26.10 -4.94 31.07
N GLY G 97 -26.50 -5.25 29.83
CA GLY G 97 -27.71 -4.73 29.24
C GLY G 97 -27.56 -3.39 28.53
N LYS G 98 -26.62 -2.56 28.97
CA LYS G 98 -26.42 -1.21 28.44
C LYS G 98 -25.01 -0.79 28.80
N ILE G 99 -24.55 0.27 28.14
CA ILE G 99 -23.30 0.95 28.47
C ILE G 99 -23.57 2.44 28.54
N ASP G 100 -23.24 3.07 29.67
CA ASP G 100 -23.43 4.50 29.85
C ASP G 100 -22.13 5.29 29.75
N ILE G 101 -21.02 4.73 30.23
CA ILE G 101 -19.77 5.45 30.35
C ILE G 101 -18.68 4.57 29.76
N ALA G 102 -17.97 5.07 28.75
CA ALA G 102 -16.96 4.30 28.06
C ALA G 102 -15.65 5.08 28.13
N ILE G 103 -14.64 4.47 28.77
CA ILE G 103 -13.36 5.10 29.03
C ILE G 103 -12.27 4.23 28.43
N ASN G 104 -11.43 4.81 27.58
CA ASN G 104 -10.39 4.07 26.88
C ASN G 104 -9.03 4.55 27.39
N THR G 105 -8.27 3.65 28.03
CA THR G 105 -6.91 3.95 28.47
C THR G 105 -5.84 3.24 27.64
N VAL G 106 -6.23 2.54 26.57
CA VAL G 106 -5.25 1.76 25.79
C VAL G 106 -4.22 2.69 25.14
N GLY G 107 -2.95 2.32 25.25
CA GLY G 107 -1.89 3.09 24.62
C GLY G 107 -0.57 2.34 24.63
N LYS G 108 0.40 2.90 23.92
CA LYS G 108 1.75 2.36 23.84
C LYS G 108 2.70 3.52 23.61
N VAL G 109 3.89 3.47 24.21
CA VAL G 109 4.88 4.55 24.07
C VAL G 109 6.11 4.03 23.34
N LEU G 110 6.69 4.89 22.50
CA LEU G 110 7.97 4.67 21.85
C LEU G 110 8.68 6.02 21.79
N LYS G 111 9.94 6.04 22.17
CA LYS G 111 10.74 7.26 22.16
C LYS G 111 12.04 6.92 21.44
N LYS G 112 12.26 7.54 20.27
CA LYS G 112 13.46 7.27 19.51
CA LYS G 112 13.35 7.17 19.38
C LYS G 112 13.57 8.27 18.35
N PRO G 113 14.77 8.47 17.82
CA PRO G 113 14.93 9.43 16.73
C PRO G 113 14.08 9.07 15.52
N PHE G 114 13.55 10.11 14.87
CA PHE G 114 12.67 9.94 13.71
C PHE G 114 13.31 9.04 12.67
N THR G 115 14.58 9.28 12.34
CA THR G 115 15.18 8.52 11.25
C THR G 115 15.43 7.06 11.60
N GLU G 116 15.17 6.63 12.82
CA GLU G 116 15.41 5.27 13.28
CA GLU G 116 15.41 5.25 13.23
C GLU G 116 14.13 4.46 13.50
N ILE G 117 12.96 5.08 13.36
CA ILE G 117 11.69 4.39 13.62
C ILE G 117 11.35 3.50 12.43
N SER G 118 11.11 2.22 12.69
CA SER G 118 10.86 1.26 11.63
C SER G 118 9.39 1.24 11.23
N GLU G 119 9.11 0.57 10.11
CA GLU G 119 7.72 0.40 9.67
C GLU G 119 6.93 -0.40 10.70
N ALA G 120 7.51 -1.47 11.25
CA ALA G 120 6.80 -2.26 12.24
C ALA G 120 6.48 -1.43 13.48
N GLU G 121 7.42 -0.57 13.88
CA GLU G 121 7.18 0.28 15.05
C GLU G 121 6.07 1.29 14.78
N TYR G 122 6.12 1.96 13.62
CA TYR G 122 5.04 2.87 13.25
C TYR G 122 3.70 2.14 13.26
N ASP G 123 3.64 0.99 12.58
CA ASP G 123 2.37 0.28 12.42
C ASP G 123 1.76 -0.06 13.77
N GLU G 124 2.55 -0.57 14.71
CA GLU G 124 1.98 -0.95 15.99
CA GLU G 124 2.01 -0.96 16.00
C GLU G 124 1.61 0.26 16.83
N MET G 125 2.43 1.31 16.81
CA MET G 125 2.10 2.52 17.55
C MET G 125 0.77 3.10 17.08
N PHE G 126 0.56 3.15 15.76
CA PHE G 126 -0.69 3.72 15.26
C PHE G 126 -1.88 2.79 15.46
N ALA G 127 -1.67 1.47 15.36
CA ALA G 127 -2.76 0.54 15.62
C ALA G 127 -3.25 0.67 17.05
N VAL G 128 -2.33 0.80 18.01
CA VAL G 128 -2.71 0.84 19.42
C VAL G 128 -3.22 2.22 19.83
N ASN G 129 -2.52 3.28 19.43
CA ASN G 129 -2.87 4.62 19.95
C ASN G 129 -3.96 5.33 19.14
N SER G 130 -4.04 5.09 17.84
CA SER G 130 -5.01 5.76 16.98
C SER G 130 -6.14 4.86 16.55
N LYS G 131 -5.83 3.69 15.97
CA LYS G 131 -6.90 2.86 15.42
C LYS G 131 -7.81 2.32 16.50
N SER G 132 -7.25 1.74 17.57
CA SER G 132 -8.11 1.21 18.62
C SER G 132 -9.00 2.31 19.19
N ALA G 133 -8.46 3.53 19.28
CA ALA G 133 -9.22 4.63 19.84
C ALA G 133 -10.33 5.10 18.90
N PHE G 134 -10.05 5.09 17.60
CA PHE G 134 -11.08 5.44 16.62
C PHE G 134 -12.26 4.49 16.73
N PHE G 135 -11.97 3.18 16.75
CA PHE G 135 -13.07 2.22 16.75
C PHE G 135 -13.77 2.16 18.11
N PHE G 136 -13.05 2.45 19.20
CA PHE G 136 -13.71 2.62 20.49
C PHE G 136 -14.72 3.77 20.44
N ILE G 137 -14.33 4.90 19.84
CA ILE G 137 -15.24 6.03 19.72
C ILE G 137 -16.39 5.71 18.78
N LYS G 138 -16.11 5.02 17.66
CA LYS G 138 -17.18 4.62 16.74
C LYS G 138 -18.19 3.72 17.43
N GLU G 139 -17.71 2.68 18.11
CA GLU G 139 -18.65 1.73 18.71
C GLU G 139 -19.40 2.37 19.86
N ALA G 140 -18.76 3.29 20.59
CA ALA G 140 -19.48 4.01 21.63
C ALA G 140 -20.60 4.85 21.02
N GLY G 141 -20.34 5.47 19.86
CA GLY G 141 -21.40 6.18 19.18
C GLY G 141 -22.57 5.29 18.80
N ARG G 142 -22.29 4.04 18.48
CA ARG G 142 -23.35 3.11 18.10
C ARG G 142 -24.07 2.51 19.31
N HIS G 143 -23.41 2.41 20.47
CA HIS G 143 -23.84 1.56 21.58
CA HIS G 143 -24.00 1.61 21.52
C HIS G 143 -24.20 2.30 22.86
N LEU G 144 -23.61 3.48 23.10
CA LEU G 144 -23.84 4.17 24.36
C LEU G 144 -25.30 4.54 24.53
N GLU G 145 -25.77 4.50 25.77
CA GLU G 145 -27.06 5.11 26.09
C GLU G 145 -27.02 6.62 25.83
N ASP G 146 -28.18 7.19 25.53
CA ASP G 146 -28.31 8.64 25.54
C ASP G 146 -27.79 9.17 26.86
N HIS G 147 -27.23 10.37 26.82
CA HIS G 147 -26.70 11.08 28.00
C HIS G 147 -25.45 10.43 28.58
N GLY G 148 -24.81 9.57 27.81
CA GLY G 148 -23.63 8.86 28.27
C GLY G 148 -22.35 9.67 28.10
N LYS G 149 -21.23 9.00 28.34
CA LYS G 149 -19.92 9.64 28.42
C LYS G 149 -18.88 8.81 27.67
N LEU G 150 -17.93 9.51 27.07
CA LEU G 150 -16.88 8.88 26.28
C LEU G 150 -15.59 9.65 26.55
N VAL G 151 -14.58 8.96 27.07
CA VAL G 151 -13.32 9.58 27.51
C VAL G 151 -12.17 8.74 26.96
N THR G 152 -11.18 9.42 26.36
CA THR G 152 -9.99 8.73 25.88
C THR G 152 -8.75 9.37 26.48
N LEU G 153 -7.77 8.54 26.85
CA LEU G 153 -6.48 9.02 27.38
C LEU G 153 -5.52 9.37 26.25
N VAL G 154 -4.94 10.56 26.33
CA VAL G 154 -3.89 11.01 25.42
C VAL G 154 -2.69 11.38 26.27
N THR G 155 -1.81 12.24 25.75
CA THR G 155 -0.59 12.63 26.46
C THR G 155 -0.45 14.14 26.50
N SER G 156 0.11 14.65 27.61
CA SER G 156 0.51 16.06 27.67
C SER G 156 1.56 16.43 26.63
N LEU G 157 2.22 15.46 25.98
CA LEU G 157 3.11 15.82 24.89
C LEU G 157 2.39 16.47 23.72
N LEU G 158 1.07 16.41 23.67
CA LEU G 158 0.35 17.17 22.65
C LEU G 158 0.56 18.67 22.82
N GLY G 159 0.98 19.12 24.00
CA GLY G 159 1.35 20.50 24.23
C GLY G 159 2.83 20.76 24.24
N ALA G 160 3.67 19.80 23.86
CA ALA G 160 5.12 19.94 23.88
C ALA G 160 5.68 20.27 22.50
N PHE G 161 6.92 20.77 22.50
CA PHE G 161 7.70 21.06 21.28
C PHE G 161 9.06 20.43 21.55
N THR G 162 9.22 19.16 21.16
CA THR G 162 10.30 18.38 21.71
C THR G 162 10.66 17.25 20.74
N PRO G 163 11.91 16.80 20.71
CA PRO G 163 12.29 15.67 19.85
C PRO G 163 11.88 14.33 20.44
N PHE G 164 11.91 13.31 19.58
CA PHE G 164 11.96 11.87 19.91
C PHE G 164 10.61 11.19 20.11
N TYR G 165 9.50 11.92 20.18
CA TYR G 165 8.21 11.28 20.41
C TYR G 165 7.31 11.31 19.19
N ALA G 166 7.88 11.40 17.98
CA ALA G 166 7.06 11.53 16.77
C ALA G 166 6.00 10.44 16.67
N ALA G 167 6.35 9.20 16.98
CA ALA G 167 5.39 8.11 16.81
C ALA G 167 4.37 8.04 17.94
N TYR G 168 4.67 8.65 19.09
CA TYR G 168 3.80 8.62 20.26
C TYR G 168 2.89 9.84 20.31
N GLU G 169 3.49 11.02 20.41
CA GLU G 169 2.74 12.27 20.25
C GLU G 169 1.92 12.25 18.96
N GLY G 170 2.51 11.76 17.88
CA GLY G 170 1.82 11.74 16.59
C GLY G 170 0.65 10.77 16.53
N SER G 171 0.73 9.65 17.25
CA SER G 171 -0.36 8.67 17.21
C SER G 171 -1.44 8.93 18.25
N LYS G 172 -1.16 9.78 19.25
CA LYS G 172 -2.22 10.25 20.14
C LYS G 172 -2.96 11.45 19.57
N ALA G 173 -2.29 12.24 18.73
CA ALA G 173 -2.90 13.43 18.14
C ALA G 173 -4.24 13.19 17.46
N PRO G 174 -4.47 12.10 16.71
CA PRO G 174 -5.79 11.93 16.09
C PRO G 174 -6.92 11.95 17.10
N VAL G 175 -6.66 11.48 18.32
CA VAL G 175 -7.72 11.36 19.32
C VAL G 175 -8.32 12.71 19.64
N GLU G 176 -7.50 13.77 19.66
CA GLU G 176 -8.06 15.10 19.93
C GLU G 176 -9.11 15.45 18.89
N HIS G 177 -8.84 15.12 17.63
CA HIS G 177 -9.74 15.47 16.54
C HIS G 177 -10.91 14.50 16.42
N PHE G 178 -10.68 13.21 16.71
CA PHE G 178 -11.82 12.31 16.86
C PHE G 178 -12.79 12.84 17.91
N THR G 179 -12.23 13.37 19.00
CA THR G 179 -13.03 13.86 20.12
C THR G 179 -13.85 15.09 19.70
N ARG G 180 -13.27 15.98 18.90
CA ARG G 180 -14.03 17.11 18.37
C ARG G 180 -15.22 16.65 17.54
N ALA G 181 -14.98 15.79 16.55
CA ALA G 181 -16.05 15.35 15.66
C ALA G 181 -17.12 14.59 16.43
N ALA G 182 -16.71 13.67 17.30
CA ALA G 182 -17.69 12.89 18.05
C ALA G 182 -18.46 13.74 19.04
N SER G 183 -17.83 14.75 19.63
CA SER G 183 -18.57 15.66 20.49
C SER G 183 -19.71 16.33 19.72
N LYS G 184 -19.42 16.82 18.51
CA LYS G 184 -20.48 17.43 17.71
C LYS G 184 -21.53 16.41 17.28
N GLU G 185 -21.10 15.21 16.86
CA GLU G 185 -22.05 14.26 16.31
C GLU G 185 -22.88 13.57 17.39
N TYR G 186 -22.27 13.22 18.52
CA TYR G 186 -22.97 12.47 19.56
C TYR G 186 -23.69 13.39 20.55
N GLY G 187 -23.39 14.69 20.52
CA GLY G 187 -24.08 15.62 21.40
C GLY G 187 -25.58 15.64 21.19
N ALA G 188 -26.05 15.31 19.98
CA ALA G 188 -27.49 15.28 19.74
C ALA G 188 -28.20 14.23 20.59
N ARG G 189 -27.48 13.21 21.05
CA ARG G 189 -28.00 12.22 21.98
C ARG G 189 -27.61 12.50 23.42
N GLY G 190 -27.04 13.67 23.69
CA GLY G 190 -26.69 14.01 25.06
C GLY G 190 -25.37 13.45 25.55
N ILE G 191 -24.53 12.90 24.68
CA ILE G 191 -23.27 12.25 25.07
C ILE G 191 -22.16 13.28 25.11
N SER G 192 -21.36 13.27 26.19
CA SER G 192 -20.21 14.15 26.34
C SER G 192 -18.93 13.39 26.00
N VAL G 193 -18.08 13.98 25.16
CA VAL G 193 -16.89 13.31 24.64
C VAL G 193 -15.67 14.16 24.97
N THR G 194 -14.68 13.57 25.64
CA THR G 194 -13.50 14.32 26.07
C THR G 194 -12.25 13.46 25.93
N ALA G 195 -11.11 14.14 25.90
CA ALA G 195 -9.81 13.47 25.94
C ALA G 195 -8.98 14.10 27.06
N VAL G 196 -8.22 13.27 27.77
CA VAL G 196 -7.50 13.66 28.97
C VAL G 196 -6.03 13.32 28.78
N GLY G 197 -5.15 14.31 28.95
CA GLY G 197 -3.74 14.12 28.73
C GLY G 197 -2.91 14.33 29.99
N PRO G 198 -2.61 13.25 30.71
CA PRO G 198 -1.78 13.38 31.91
C PRO G 198 -0.35 13.75 31.52
N GLY G 199 0.38 14.31 32.49
CA GLY G 199 1.81 14.36 32.38
C GLY G 199 2.39 12.96 32.43
N PRO G 200 3.71 12.86 32.28
CA PRO G 200 4.35 11.54 32.50
C PRO G 200 3.98 11.04 33.89
N MET G 201 3.57 9.78 33.98
CA MET G 201 2.97 9.22 35.19
C MET G 201 3.87 8.17 35.82
N ASP G 202 3.80 8.06 37.15
CA ASP G 202 4.53 7.03 37.88
C ASP G 202 3.80 5.69 37.77
N THR G 203 3.93 5.07 36.58
CA THR G 203 3.46 3.70 36.35
C THR G 203 4.51 2.96 35.53
N PRO G 204 4.42 1.62 35.46
CA PRO G 204 5.38 0.87 34.64
C PRO G 204 5.33 1.19 33.14
N PHE G 205 4.32 1.92 32.67
CA PHE G 205 4.26 2.34 31.27
C PHE G 205 5.35 3.35 30.95
N PHE G 206 5.70 4.21 31.92
CA PHE G 206 6.55 5.37 31.66
C PHE G 206 8.02 4.99 31.57
N TYR G 207 8.51 4.22 32.53
CA TYR G 207 9.96 4.04 32.71
C TYR G 207 10.68 3.37 31.53
N PRO G 208 10.14 2.34 30.86
CA PRO G 208 10.95 1.64 29.85
C PRO G 208 11.43 2.51 28.70
N ALA G 209 10.72 3.59 28.39
CA ALA G 209 11.04 4.43 27.23
C ALA G 209 12.00 5.57 27.54
N GLU G 210 12.38 5.78 28.80
CA GLU G 210 13.01 7.01 29.22
C GLU G 210 14.39 6.73 29.81
N GLY G 211 15.42 7.40 29.28
CA GLY G 211 16.74 7.34 29.87
C GLY G 211 16.82 8.11 31.17
N ALA G 212 17.96 7.97 31.86
CA ALA G 212 18.10 8.53 33.20
C ALA G 212 17.98 10.06 33.21
N ASP G 213 18.65 10.74 32.26
CA ASP G 213 18.55 12.19 32.22
C ASP G 213 17.12 12.64 31.97
N ALA G 214 16.42 11.93 31.09
CA ALA G 214 15.03 12.28 30.80
C ALA G 214 14.14 12.07 32.03
N VAL G 215 14.29 10.94 32.72
CA VAL G 215 13.51 10.71 33.95
C VAL G 215 13.72 11.84 34.94
N ALA G 216 14.98 12.20 35.19
CA ALA G 216 15.27 13.30 36.11
C ALA G 216 14.61 14.59 35.65
N TYR G 217 14.63 14.86 34.33
CA TYR G 217 13.96 16.04 33.81
C TYR G 217 12.46 15.96 34.06
N HIS G 218 11.82 14.85 33.67
CA HIS G 218 10.38 14.75 33.82
C HIS G 218 9.98 14.92 35.29
N LYS G 219 10.78 14.41 36.22
CA LYS G 219 10.46 14.47 37.64
C LYS G 219 10.52 15.87 38.23
N THR G 220 11.10 16.85 37.52
CA THR G 220 11.18 18.22 38.00
C THR G 220 10.59 19.24 37.05
N ALA G 221 9.95 18.78 35.97
CA ALA G 221 9.52 19.67 34.88
C ALA G 221 8.14 20.27 35.09
N ALA G 222 7.39 19.79 36.07
CA ALA G 222 6.09 20.35 36.38
C ALA G 222 6.22 21.33 37.54
N ALA G 223 5.46 22.42 37.46
CA ALA G 223 5.49 23.43 38.52
C ALA G 223 5.18 22.81 39.89
N LEU G 224 4.32 21.80 39.94
CA LEU G 224 3.93 21.17 41.20
C LEU G 224 4.70 19.88 41.48
N SER G 225 5.76 19.59 40.71
CA SER G 225 6.56 18.38 40.95
CA SER G 225 6.54 18.38 40.94
C SER G 225 6.95 18.16 42.39
N PRO G 226 7.33 19.17 43.19
CA PRO G 226 7.73 18.88 44.58
C PRO G 226 6.63 18.26 45.42
N PHE G 227 5.38 18.27 44.95
CA PHE G 227 4.25 17.89 45.77
C PHE G 227 3.57 16.59 45.37
N SER G 228 3.97 15.97 44.26
CA SER G 228 3.52 14.62 43.98
C SER G 228 4.50 13.62 44.62
N LYS G 229 4.18 12.32 44.50
CA LYS G 229 4.97 11.32 45.19
C LYS G 229 6.40 11.25 44.67
N THR G 230 6.58 11.40 43.34
CA THR G 230 7.89 11.25 42.72
C THR G 230 8.30 12.45 41.88
N GLY G 231 7.43 13.44 41.69
CA GLY G 231 7.65 14.50 40.74
C GLY G 231 6.90 14.31 39.44
N LEU G 232 6.57 13.07 39.09
CA LEU G 232 5.70 12.73 37.97
C LEU G 232 4.24 12.92 38.37
N THR G 233 3.35 12.78 37.39
CA THR G 233 1.92 12.70 37.66
C THR G 233 1.60 11.39 38.38
N ASP G 234 0.81 11.46 39.45
CA ASP G 234 0.32 10.26 40.13
C ASP G 234 -1.07 9.90 39.60
N ILE G 235 -1.31 8.60 39.36
CA ILE G 235 -2.61 8.19 38.84
C ILE G 235 -3.74 8.61 39.77
N GLU G 236 -3.48 8.66 41.08
CA GLU G 236 -4.47 9.05 42.07
CA GLU G 236 -4.55 9.02 42.00
C GLU G 236 -4.99 10.47 41.86
N ASP G 237 -4.21 11.32 41.19
CA ASP G 237 -4.63 12.69 40.90
C ASP G 237 -5.24 12.86 39.52
N VAL G 238 -5.21 11.81 38.69
CA VAL G 238 -5.91 11.83 37.40
C VAL G 238 -7.32 11.27 37.54
N VAL G 239 -7.48 10.19 38.31
CA VAL G 239 -8.77 9.52 38.51
CA VAL G 239 -8.80 9.55 38.42
C VAL G 239 -9.89 10.47 38.92
N PRO G 240 -9.67 11.42 39.85
CA PRO G 240 -10.79 12.29 40.24
C PRO G 240 -11.26 13.21 39.12
N PHE G 241 -10.38 13.60 38.20
CA PHE G 241 -10.81 14.42 37.07
C PHE G 241 -11.64 13.59 36.09
N ILE G 242 -11.25 12.34 35.85
CA ILE G 242 -12.05 11.43 35.03
CA ILE G 242 -12.07 11.49 35.00
C ILE G 242 -13.43 11.27 35.63
N ARG G 243 -13.47 11.05 36.95
CA ARG G 243 -14.75 10.91 37.65
CA ARG G 243 -14.76 10.90 37.62
C ARG G 243 -15.61 12.16 37.47
N HIS G 244 -15.01 13.33 37.61
CA HIS G 244 -15.75 14.58 37.40
C HIS G 244 -16.34 14.63 36.00
N LEU G 245 -15.53 14.36 34.97
CA LEU G 245 -16.00 14.46 33.60
C LEU G 245 -17.21 13.57 33.35
N VAL G 246 -17.25 12.38 33.97
CA VAL G 246 -18.32 11.43 33.66
C VAL G 246 -19.51 11.60 34.61
N THR G 247 -19.46 12.62 35.46
CA THR G 247 -20.57 12.92 36.38
C THR G 247 -21.01 14.38 36.26
N ASP G 248 -20.64 15.22 37.22
CA ASP G 248 -21.13 16.60 37.23
C ASP G 248 -20.39 17.51 36.25
N GLY G 249 -19.34 17.04 35.58
CA GLY G 249 -18.65 17.80 34.55
C GLY G 249 -19.13 17.51 33.14
N TRP G 250 -20.40 17.07 33.02
CA TRP G 250 -20.96 16.66 31.73
C TRP G 250 -20.95 17.78 30.70
N TRP G 251 -20.98 19.04 31.14
CA TRP G 251 -21.02 20.15 30.17
C TRP G 251 -19.68 20.33 29.46
N ILE G 252 -18.61 19.73 29.96
CA ILE G 252 -17.33 19.72 29.24
C ILE G 252 -17.41 18.66 28.15
N THR G 253 -17.31 19.08 26.89
CA THR G 253 -17.33 18.14 25.78
C THR G 253 -16.61 18.77 24.59
N GLY G 254 -16.00 17.91 23.79
CA GLY G 254 -15.22 18.40 22.65
C GLY G 254 -13.89 19.00 23.02
N GLN G 255 -13.36 18.69 24.20
CA GLN G 255 -12.13 19.27 24.70
C GLN G 255 -11.11 18.16 24.96
N THR G 256 -9.84 18.53 24.79
CA THR G 256 -8.69 17.73 25.18
C THR G 256 -7.96 18.54 26.25
N ILE G 257 -7.94 18.02 27.48
CA ILE G 257 -7.49 18.79 28.65
C ILE G 257 -6.27 18.11 29.25
N LEU G 258 -5.27 18.91 29.62
CA LEU G 258 -3.99 18.44 30.11
C LEU G 258 -3.95 18.55 31.63
N ILE G 259 -3.64 17.43 32.29
CA ILE G 259 -3.66 17.33 33.75
C ILE G 259 -2.27 16.84 34.17
N ASN G 260 -1.38 17.78 34.52
CA ASN G 260 0.03 17.44 34.52
C ASN G 260 0.86 18.21 35.55
N GLY G 261 0.26 18.93 36.49
CA GLY G 261 1.01 19.66 37.48
C GLY G 261 1.73 20.88 36.97
N GLY G 262 1.38 21.35 35.76
CA GLY G 262 2.05 22.51 35.18
C GLY G 262 3.29 22.16 34.40
N TYR G 263 3.16 21.20 33.48
CA TYR G 263 4.23 20.64 32.67
C TYR G 263 4.19 21.20 31.24
N THR G 264 3.10 20.97 30.53
CA THR G 264 2.80 21.65 29.28
C THR G 264 1.43 22.32 29.40
N THR G 265 1.14 23.22 28.45
CA THR G 265 -0.14 23.89 28.38
C THR G 265 -0.56 23.96 26.92
N LYS G 266 -1.71 24.58 26.68
CA LYS G 266 -2.24 24.75 25.34
C LYS G 266 -3.29 25.84 25.34
N ALA H 11 -11.21 -50.02 -3.02
CA ALA H 11 -9.96 -49.32 -2.76
C ALA H 11 -10.01 -48.54 -1.44
N THR H 12 -8.90 -48.59 -0.70
CA THR H 12 -8.72 -47.80 0.50
C THR H 12 -7.63 -46.77 0.22
N HIS H 13 -7.77 -45.58 0.81
CA HIS H 13 -6.90 -44.45 0.47
C HIS H 13 -5.98 -44.05 1.62
N THR H 14 -5.67 -44.98 2.50
CA THR H 14 -4.77 -44.75 3.62
C THR H 14 -3.55 -45.68 3.47
N LEU H 15 -2.68 -45.66 4.48
CA LEU H 15 -1.44 -46.44 4.46
C LEU H 15 -1.52 -47.78 5.16
N ALA H 16 -2.53 -48.00 6.00
CA ALA H 16 -2.59 -49.27 6.70
C ALA H 16 -2.78 -50.41 5.72
N ASP H 17 -2.13 -51.53 6.01
CA ASP H 17 -2.09 -52.72 5.18
C ASP H 17 -1.33 -52.51 3.87
N LYS H 18 -0.72 -51.33 3.66
CA LYS H 18 0.01 -51.06 2.44
C LYS H 18 1.48 -51.38 2.63
N VAL H 19 2.06 -52.09 1.67
CA VAL H 19 3.51 -52.33 1.61
C VAL H 19 4.14 -51.30 0.67
N VAL H 20 5.17 -50.62 1.16
CA VAL H 20 5.87 -49.56 0.44
C VAL H 20 7.26 -50.07 0.03
N LEU H 21 7.62 -49.84 -1.23
CA LEU H 21 8.99 -50.07 -1.71
C LEU H 21 9.57 -48.72 -2.12
N ILE H 22 10.75 -48.38 -1.58
CA ILE H 22 11.40 -47.11 -1.86
C ILE H 22 12.79 -47.39 -2.40
N ALA H 23 13.03 -47.02 -3.67
CA ALA H 23 14.37 -47.04 -4.24
C ALA H 23 15.11 -45.80 -3.76
N GLY H 24 16.31 -46.01 -3.22
CA GLY H 24 17.01 -44.94 -2.52
C GLY H 24 16.35 -44.57 -1.21
N GLY H 25 15.88 -45.57 -0.45
CA GLY H 25 15.14 -45.33 0.76
C GLY H 25 15.94 -45.27 2.04
N ALA H 26 17.27 -45.25 1.96
CA ALA H 26 18.13 -45.37 3.13
C ALA H 26 18.48 -44.04 3.80
N LYS H 27 18.44 -42.94 3.06
CA LYS H 27 18.99 -41.68 3.54
C LYS H 27 18.32 -40.54 2.78
N ASN H 28 18.59 -39.32 3.25
CA ASN H 28 18.18 -38.09 2.55
C ASN H 28 16.67 -38.15 2.32
N LEU H 29 16.18 -37.83 1.12
CA LEU H 29 14.73 -37.77 0.91
C LEU H 29 14.08 -39.13 1.12
N GLY H 30 14.63 -40.18 0.50
CA GLY H 30 14.01 -41.50 0.60
C GLY H 30 13.94 -42.02 2.02
N GLY H 31 15.00 -41.78 2.81
CA GLY H 31 14.97 -42.20 4.20
C GLY H 31 13.93 -41.47 5.02
N LEU H 32 13.68 -40.20 4.70
CA LEU H 32 12.62 -39.48 5.40
C LEU H 32 11.24 -39.96 4.96
N ILE H 33 11.07 -40.28 3.68
CA ILE H 33 9.82 -40.88 3.21
C ILE H 33 9.53 -42.17 3.97
N ALA H 34 10.55 -43.03 4.10
CA ALA H 34 10.38 -44.30 4.81
C ALA H 34 9.86 -44.06 6.23
N ARG H 35 10.50 -43.15 6.96
CA ARG H 35 10.08 -42.86 8.33
C ARG H 35 8.69 -42.24 8.36
N ASP H 36 8.40 -41.36 7.42
CA ASP H 36 7.13 -40.65 7.42
C ASP H 36 5.96 -41.59 7.12
N LEU H 37 6.10 -42.45 6.12
CA LEU H 37 5.01 -43.38 5.80
C LEU H 37 4.83 -44.42 6.89
N ALA H 38 5.93 -44.92 7.46
CA ALA H 38 5.83 -45.82 8.60
C ALA H 38 5.15 -45.14 9.78
N GLY H 39 5.51 -43.88 10.05
CA GLY H 39 4.92 -43.15 11.16
C GLY H 39 3.45 -42.87 11.00
N HIS H 40 2.96 -42.85 9.76
CA HIS H 40 1.55 -42.64 9.46
C HIS H 40 0.79 -43.95 9.22
N GLY H 41 1.41 -45.10 9.49
CA GLY H 41 0.70 -46.35 9.59
C GLY H 41 0.91 -47.35 8.47
N ALA H 42 1.92 -47.18 7.62
CA ALA H 42 2.20 -48.19 6.60
C ALA H 42 2.49 -49.54 7.26
N LYS H 43 2.10 -50.61 6.56
CA LYS H 43 2.31 -51.95 7.11
C LYS H 43 3.79 -52.33 7.07
N ALA H 44 4.48 -52.00 5.99
CA ALA H 44 5.86 -52.43 5.82
C ALA H 44 6.55 -51.51 4.83
N VAL H 45 7.85 -51.32 5.01
CA VAL H 45 8.68 -50.54 4.09
C VAL H 45 9.85 -51.41 3.65
N ALA H 46 9.96 -51.64 2.34
CA ALA H 46 11.12 -52.26 1.73
C ALA H 46 12.09 -51.17 1.32
N ILE H 47 13.27 -51.16 1.94
CA ILE H 47 14.22 -50.06 1.85
C ILE H 47 15.35 -50.50 0.92
N HIS H 48 15.37 -49.97 -0.29
CA HIS H 48 16.47 -50.23 -1.20
C HIS H 48 17.64 -49.27 -0.98
N TYR H 49 18.85 -49.77 -1.20
CA TYR H 49 20.04 -48.93 -1.21
C TYR H 49 21.05 -49.49 -2.20
N ASN H 50 21.97 -48.64 -2.65
CA ASN H 50 22.93 -49.04 -3.68
C ASN H 50 24.32 -49.31 -3.12
N SER H 51 25.06 -48.27 -2.75
CA SER H 51 26.45 -48.42 -2.37
C SER H 51 26.59 -49.02 -0.97
N ALA H 52 27.68 -49.76 -0.76
CA ALA H 52 28.00 -50.26 0.57
C ALA H 52 28.10 -49.12 1.58
N ALA H 53 28.52 -47.93 1.13
CA ALA H 53 28.59 -46.77 2.00
C ALA H 53 27.22 -46.33 2.51
N SER H 54 26.13 -46.83 1.92
CA SER H 54 24.78 -46.48 2.36
C SER H 54 24.15 -47.53 3.27
N GLN H 55 24.84 -48.64 3.52
CA GLN H 55 24.21 -49.75 4.24
C GLN H 55 23.88 -49.39 5.67
N ALA H 56 24.79 -48.72 6.38
CA ALA H 56 24.53 -48.37 7.77
C ALA H 56 23.33 -47.44 7.89
N GLN H 57 23.17 -46.52 6.94
CA GLN H 57 22.00 -45.66 6.95
C GLN H 57 20.73 -46.45 6.65
N ALA H 58 20.82 -47.44 5.75
CA ALA H 58 19.65 -48.25 5.44
C ALA H 58 19.15 -49.00 6.66
N GLU H 59 20.08 -49.59 7.43
CA GLU H 59 19.66 -50.33 8.62
C GLU H 59 19.19 -49.41 9.73
N GLU H 60 19.79 -48.22 9.84
CA GLU H 60 19.27 -47.22 10.77
C GLU H 60 17.86 -46.80 10.40
N THR H 61 17.60 -46.62 9.10
CA THR H 61 16.26 -46.32 8.63
C THR H 61 15.30 -47.47 8.92
N ALA H 62 15.73 -48.71 8.68
CA ALA H 62 14.89 -49.87 8.99
C ALA H 62 14.53 -49.90 10.47
N ALA H 63 15.49 -49.60 11.34
CA ALA H 63 15.21 -49.61 12.77
C ALA H 63 14.21 -48.51 13.14
N ALA H 64 14.31 -47.35 12.50
CA ALA H 64 13.34 -46.29 12.74
C ALA H 64 11.96 -46.68 12.25
N VAL H 65 11.89 -47.36 11.10
CA VAL H 65 10.60 -47.84 10.60
C VAL H 65 9.97 -48.83 11.58
N ARG H 66 10.77 -49.75 12.14
CA ARG H 66 10.24 -50.70 13.10
C ARG H 66 9.81 -50.01 14.39
N ALA H 67 10.59 -49.02 14.84
CA ALA H 67 10.23 -48.29 16.06
C ALA H 67 8.92 -47.53 15.87
N ALA H 68 8.58 -47.16 14.63
CA ALA H 68 7.33 -46.50 14.36
C ALA H 68 6.15 -47.47 14.29
N GLY H 69 6.41 -48.77 14.26
CA GLY H 69 5.36 -49.77 14.30
C GLY H 69 5.17 -50.57 13.02
N ALA H 70 6.07 -50.44 12.05
CA ALA H 70 5.95 -51.14 10.78
C ALA H 70 7.07 -52.17 10.65
N GLU H 71 6.84 -53.14 9.76
CA GLU H 71 7.91 -54.04 9.37
C GLU H 71 8.84 -53.35 8.39
N ALA H 72 10.09 -53.80 8.35
CA ALA H 72 11.09 -53.24 7.46
C ALA H 72 12.09 -54.32 7.06
N ALA H 73 12.62 -54.18 5.85
CA ALA H 73 13.74 -54.99 5.37
C ALA H 73 14.51 -54.15 4.38
N THR H 74 15.80 -54.43 4.26
CA THR H 74 16.68 -53.70 3.35
C THR H 74 17.08 -54.59 2.17
N PHE H 75 17.31 -53.96 1.02
CA PHE H 75 17.61 -54.65 -0.24
C PHE H 75 18.66 -53.86 -0.99
N GLN H 76 19.85 -54.43 -1.17
CA GLN H 76 20.91 -53.79 -1.93
C GLN H 76 20.77 -54.12 -3.41
N ALA H 77 20.91 -53.11 -4.27
CA ALA H 77 20.89 -53.35 -5.71
C ALA H 77 21.44 -52.15 -6.46
N ASP H 78 22.22 -52.42 -7.50
CA ASP H 78 22.56 -51.44 -8.54
C ASP H 78 21.47 -51.54 -9.59
N LEU H 79 20.64 -50.51 -9.71
CA LEU H 79 19.43 -50.60 -10.50
C LEU H 79 19.62 -50.16 -11.96
N THR H 80 20.85 -50.18 -12.47
CA THR H 80 21.09 -49.80 -13.85
C THR H 80 20.92 -50.95 -14.85
N THR H 81 20.65 -52.17 -14.40
CA THR H 81 20.30 -53.26 -15.30
C THR H 81 18.88 -53.71 -15.02
N ALA H 82 18.20 -54.14 -16.08
CA ALA H 82 16.82 -54.58 -15.94
C ALA H 82 16.69 -55.76 -14.98
N ALA H 83 17.65 -56.69 -15.02
CA ALA H 83 17.58 -57.87 -14.16
C ALA H 83 17.61 -57.48 -12.68
N ALA H 84 18.40 -56.46 -12.34
CA ALA H 84 18.49 -56.04 -10.94
C ALA H 84 17.19 -55.39 -10.47
N VAL H 85 16.55 -54.61 -11.34
CA VAL H 85 15.26 -54.02 -10.97
C VAL H 85 14.22 -55.11 -10.76
N GLU H 86 14.13 -56.06 -11.70
CA GLU H 86 13.20 -57.17 -11.55
C GLU H 86 13.43 -57.90 -10.24
N LYS H 87 14.71 -58.16 -9.91
CA LYS H 87 15.02 -58.88 -8.68
C LYS H 87 14.60 -58.10 -7.44
N LEU H 88 14.77 -56.78 -7.45
CA LEU H 88 14.35 -55.97 -6.30
C LEU H 88 12.86 -56.13 -6.04
N PHE H 89 12.04 -56.01 -7.09
CA PHE H 89 10.60 -56.18 -6.94
C PHE H 89 10.26 -57.60 -6.51
N ASP H 90 10.90 -58.61 -7.12
CA ASP H 90 10.66 -59.99 -6.74
C ASP H 90 10.99 -60.22 -5.27
N ASP H 91 12.15 -59.71 -4.82
CA ASP H 91 12.58 -59.98 -3.46
C ASP H 91 11.69 -59.25 -2.45
N ALA H 92 11.27 -58.03 -2.77
CA ALA H 92 10.40 -57.30 -1.87
C ALA H 92 9.02 -57.96 -1.76
N LYS H 93 8.46 -58.39 -2.90
CA LYS H 93 7.16 -59.05 -2.86
CA LYS H 93 7.16 -59.04 -2.85
C LYS H 93 7.22 -60.39 -2.15
N GLN H 94 8.33 -61.12 -2.27
CA GLN H 94 8.44 -62.39 -1.56
C GLN H 94 8.52 -62.17 -0.06
N ARG H 95 9.23 -61.13 0.37
CA ARG H 95 9.36 -60.85 1.80
C ARG H 95 8.04 -60.40 2.41
N PHE H 96 7.32 -59.50 1.72
CA PHE H 96 6.13 -58.88 2.30
C PHE H 96 4.82 -59.34 1.68
N GLY H 97 4.86 -60.17 0.64
CA GLY H 97 3.65 -60.74 0.07
C GLY H 97 3.04 -59.92 -1.06
N LYS H 98 3.26 -58.60 -1.06
CA LYS H 98 2.68 -57.71 -2.06
C LYS H 98 3.45 -56.41 -2.02
N ILE H 99 3.19 -55.57 -3.02
CA ILE H 99 3.69 -54.20 -3.06
C ILE H 99 2.53 -53.31 -3.47
N ASP H 100 2.22 -52.30 -2.65
CA ASP H 100 1.13 -51.36 -2.93
C ASP H 100 1.61 -50.00 -3.40
N ILE H 101 2.75 -49.54 -2.90
CA ILE H 101 3.25 -48.19 -3.17
C ILE H 101 4.72 -48.32 -3.53
N ALA H 102 5.08 -47.82 -4.72
CA ALA H 102 6.46 -47.91 -5.21
C ALA H 102 6.95 -46.50 -5.51
N ILE H 103 7.97 -46.07 -4.78
CA ILE H 103 8.53 -44.72 -4.88
C ILE H 103 10.00 -44.83 -5.24
N ASN H 104 10.42 -44.13 -6.30
CA ASN H 104 11.78 -44.19 -6.79
C ASN H 104 12.44 -42.83 -6.61
N THR H 105 13.48 -42.76 -5.77
CA THR H 105 14.26 -41.55 -5.58
C THR H 105 15.66 -41.63 -6.20
N VAL H 106 15.98 -42.70 -6.92
CA VAL H 106 17.33 -42.87 -7.46
C VAL H 106 17.64 -41.79 -8.49
N GLY H 107 18.84 -41.23 -8.42
CA GLY H 107 19.24 -40.22 -9.38
C GLY H 107 20.71 -39.88 -9.25
N LYS H 108 21.17 -39.03 -10.17
CA LYS H 108 22.58 -38.61 -10.22
C LYS H 108 22.63 -37.27 -10.93
N VAL H 109 23.46 -36.35 -10.44
CA VAL H 109 23.56 -35.01 -11.01
C VAL H 109 24.96 -34.77 -11.57
N LEU H 110 25.02 -34.13 -12.73
CA LEU H 110 26.25 -33.67 -13.36
C LEU H 110 25.97 -32.31 -13.97
N LYS H 111 26.84 -31.34 -13.72
CA LYS H 111 26.69 -29.97 -14.23
C LYS H 111 28.01 -29.58 -14.89
N LYS H 112 28.00 -29.41 -16.21
CA LYS H 112 29.21 -29.03 -16.93
CA LYS H 112 29.20 -29.02 -16.93
C LYS H 112 28.82 -28.70 -18.37
N PRO H 113 29.68 -27.96 -19.10
CA PRO H 113 29.36 -27.59 -20.48
C PRO H 113 29.17 -28.80 -21.38
N PHE H 114 28.26 -28.64 -22.33
CA PHE H 114 27.91 -29.68 -23.30
C PHE H 114 29.16 -30.24 -23.97
N THR H 115 30.07 -29.38 -24.43
CA THR H 115 31.22 -29.87 -25.18
C THR H 115 32.23 -30.61 -24.31
N GLU H 116 32.06 -30.60 -22.99
CA GLU H 116 32.97 -31.27 -22.06
C GLU H 116 32.48 -32.61 -21.55
N ILE H 117 31.24 -32.99 -21.83
CA ILE H 117 30.65 -34.19 -21.24
C ILE H 117 31.15 -35.42 -22.00
N SER H 118 31.75 -36.37 -21.29
CA SER H 118 32.34 -37.55 -21.91
C SER H 118 31.28 -38.61 -22.17
N GLU H 119 31.66 -39.60 -23.00
CA GLU H 119 30.74 -40.71 -23.25
C GLU H 119 30.44 -41.48 -21.96
N ALA H 120 31.47 -41.72 -21.14
CA ALA H 120 31.25 -42.42 -19.88
C ALA H 120 30.30 -41.65 -18.97
N GLU H 121 30.40 -40.32 -18.96
CA GLU H 121 29.49 -39.51 -18.14
C GLU H 121 28.07 -39.59 -18.66
N TYR H 122 27.89 -39.43 -19.98
CA TYR H 122 26.57 -39.61 -20.58
C TYR H 122 25.99 -40.97 -20.20
N ASP H 123 26.75 -42.04 -20.44
CA ASP H 123 26.26 -43.39 -20.22
C ASP H 123 25.77 -43.58 -18.80
N GLU H 124 26.55 -43.13 -17.81
CA GLU H 124 26.14 -43.33 -16.42
CA GLU H 124 26.16 -43.32 -16.41
C GLU H 124 24.97 -42.44 -16.05
N MET H 125 24.96 -41.18 -16.50
CA MET H 125 23.84 -40.31 -16.19
C MET H 125 22.53 -40.88 -16.70
N PHE H 126 22.53 -41.41 -17.92
CA PHE H 126 21.31 -41.96 -18.48
C PHE H 126 20.94 -43.31 -17.89
N ALA H 127 21.93 -44.12 -17.49
CA ALA H 127 21.61 -45.38 -16.85
C ALA H 127 20.94 -45.17 -15.50
N VAL H 128 21.42 -44.19 -14.73
CA VAL H 128 20.89 -43.96 -13.38
C VAL H 128 19.58 -43.19 -13.41
N ASN H 129 19.48 -42.14 -14.24
CA ASN H 129 18.32 -41.26 -14.17
C ASN H 129 17.18 -41.69 -15.10
N SER H 130 17.49 -42.29 -16.25
CA SER H 130 16.45 -42.72 -17.18
C SER H 130 16.21 -44.21 -17.15
N LYS H 131 17.25 -45.02 -17.34
CA LYS H 131 17.04 -46.47 -17.47
C LYS H 131 16.51 -47.08 -16.20
N SER H 132 17.13 -46.79 -15.05
CA SER H 132 16.64 -47.35 -13.80
C SER H 132 15.19 -46.95 -13.56
N ALA H 133 14.85 -45.70 -13.91
CA ALA H 133 13.48 -45.23 -13.70
C ALA H 133 12.51 -45.93 -14.64
N PHE H 134 12.92 -46.18 -15.88
CA PHE H 134 12.08 -46.92 -16.82
C PHE H 134 11.75 -48.30 -16.29
N PHE H 135 12.79 -49.03 -15.84
CA PHE H 135 12.53 -50.41 -15.41
C PHE H 135 11.82 -50.48 -14.07
N PHE H 136 12.00 -49.46 -13.21
CA PHE H 136 11.20 -49.38 -12.01
C PHE H 136 9.72 -49.22 -12.35
N ILE H 137 9.40 -48.34 -13.31
CA ILE H 137 8.02 -48.17 -13.73
C ILE H 137 7.48 -49.43 -14.40
N LYS H 138 8.30 -50.08 -15.23
CA LYS H 138 7.87 -51.32 -15.87
C LYS H 138 7.55 -52.40 -14.84
N GLU H 139 8.47 -52.61 -13.90
CA GLU H 139 8.28 -53.68 -12.93
C GLU H 139 7.16 -53.34 -11.94
N ALA H 140 6.95 -52.05 -11.66
CA ALA H 140 5.78 -51.67 -10.87
C ALA H 140 4.50 -52.03 -11.60
N GLY H 141 4.46 -51.82 -12.92
CA GLY H 141 3.29 -52.23 -13.68
C GLY H 141 3.04 -53.72 -13.62
N ARG H 142 4.11 -54.51 -13.52
CA ARG H 142 3.98 -55.96 -13.45
C ARG H 142 3.67 -56.47 -12.04
N HIS H 143 4.03 -55.72 -11.00
CA HIS H 143 3.98 -56.23 -9.62
C HIS H 143 2.98 -55.54 -8.71
N LEU H 144 2.64 -54.28 -8.95
CA LEU H 144 1.82 -53.54 -8.00
C LEU H 144 0.44 -54.16 -7.84
N GLU H 145 -0.06 -54.14 -6.61
CA GLU H 145 -1.47 -54.44 -6.39
C GLU H 145 -2.33 -53.44 -7.14
N ASP H 146 -3.55 -53.89 -7.50
CA ASP H 146 -4.56 -52.97 -7.99
C ASP H 146 -4.73 -51.83 -6.99
N HIS H 147 -5.03 -50.63 -7.51
CA HIS H 147 -5.20 -49.42 -6.72
C HIS H 147 -3.90 -48.91 -6.13
N GLY H 148 -2.75 -49.40 -6.60
CA GLY H 148 -1.47 -48.99 -6.08
C GLY H 148 -1.02 -47.62 -6.57
N LYS H 149 0.22 -47.29 -6.19
CA LYS H 149 0.78 -45.96 -6.43
C LYS H 149 2.21 -46.09 -6.92
N LEU H 150 2.60 -45.19 -7.81
CA LEU H 150 3.92 -45.18 -8.43
C LEU H 150 4.38 -43.74 -8.55
N VAL H 151 5.50 -43.39 -7.89
CA VAL H 151 6.00 -42.01 -7.84
C VAL H 151 7.48 -42.04 -8.17
N THR H 152 7.93 -41.14 -9.06
CA THR H 152 9.34 -41.01 -9.39
C THR H 152 9.78 -39.58 -9.16
N LEU H 153 10.99 -39.41 -8.64
CA LEU H 153 11.55 -38.09 -8.40
C LEU H 153 12.25 -37.57 -9.64
N VAL H 154 11.94 -36.33 -10.01
CA VAL H 154 12.63 -35.66 -11.11
C VAL H 154 13.18 -34.34 -10.57
N THR H 155 13.43 -33.37 -11.45
CA THR H 155 14.03 -32.11 -11.04
C THR H 155 13.20 -30.95 -11.53
N SER H 156 13.15 -29.88 -10.73
CA SER H 156 12.55 -28.61 -11.16
C SER H 156 13.28 -27.98 -12.33
N LEU H 157 14.49 -28.43 -12.67
CA LEU H 157 15.15 -27.96 -13.88
C LEU H 157 14.40 -28.33 -15.15
N LEU H 158 13.43 -29.25 -15.07
CA LEU H 158 12.56 -29.50 -16.22
C LEU H 158 11.78 -28.26 -16.63
N GLY H 159 11.58 -27.31 -15.70
CA GLY H 159 10.99 -26.03 -16.01
C GLY H 159 11.96 -24.88 -16.21
N ALA H 160 13.26 -25.16 -16.36
CA ALA H 160 14.27 -24.12 -16.49
C ALA H 160 14.75 -24.00 -17.93
N PHE H 161 15.38 -22.87 -18.23
CA PHE H 161 16.00 -22.60 -19.54
C PHE H 161 17.40 -22.09 -19.20
N THR H 162 18.36 -23.00 -19.14
CA THR H 162 19.62 -22.66 -18.47
C THR H 162 20.73 -23.54 -19.03
N PRO H 163 21.97 -23.05 -19.03
CA PRO H 163 23.09 -23.88 -19.48
C PRO H 163 23.49 -24.90 -18.42
N PHE H 164 24.29 -25.88 -18.84
CA PHE H 164 25.17 -26.72 -18.02
C PHE H 164 24.53 -27.99 -17.46
N TYR H 165 23.21 -28.17 -17.58
CA TYR H 165 22.58 -29.36 -17.03
C TYR H 165 22.07 -30.31 -18.11
N ALA H 166 22.64 -30.28 -19.31
CA ALA H 166 22.11 -31.08 -20.42
C ALA H 166 21.99 -32.56 -20.04
N ALA H 167 23.01 -33.11 -19.38
CA ALA H 167 23.00 -34.53 -19.05
C ALA H 167 22.09 -34.86 -17.88
N TYR H 168 21.75 -33.88 -17.03
CA TYR H 168 20.90 -34.11 -15.86
C TYR H 168 19.43 -33.82 -16.20
N GLU H 169 19.15 -32.58 -16.60
CA GLU H 169 17.84 -32.23 -17.11
C GLU H 169 17.42 -33.18 -18.22
N GLY H 170 18.34 -33.52 -19.12
CA GLY H 170 18.00 -34.38 -20.24
C GLY H 170 17.73 -35.83 -19.86
N SER H 171 18.39 -36.35 -18.82
CA SER H 171 18.17 -37.73 -18.40
C SER H 171 16.99 -37.88 -17.43
N LYS H 172 16.54 -36.79 -16.80
CA LYS H 172 15.30 -36.83 -16.03
C LYS H 172 14.08 -36.60 -16.89
N ALA H 173 14.23 -35.88 -18.00
CA ALA H 173 13.10 -35.61 -18.89
C ALA H 173 12.32 -36.86 -19.32
N PRO H 174 12.94 -38.00 -19.63
CA PRO H 174 12.12 -39.17 -20.02
C PRO H 174 11.11 -39.55 -18.97
N VAL H 175 11.40 -39.30 -17.70
CA VAL H 175 10.51 -39.75 -16.62
C VAL H 175 9.14 -39.11 -16.73
N GLU H 176 9.07 -37.82 -17.11
CA GLU H 176 7.78 -37.19 -17.29
C GLU H 176 6.93 -37.95 -18.32
N HIS H 177 7.57 -38.41 -19.39
CA HIS H 177 6.84 -39.07 -20.46
C HIS H 177 6.56 -40.53 -20.13
N PHE H 178 7.49 -41.21 -19.46
CA PHE H 178 7.17 -42.52 -18.88
C PHE H 178 5.92 -42.42 -18.01
N THR H 179 5.83 -41.36 -17.22
CA THR H 179 4.74 -41.19 -16.28
C THR H 179 3.41 -40.99 -17.00
N ARG H 180 3.40 -40.22 -18.10
CA ARG H 180 2.21 -40.08 -18.93
C ARG H 180 1.73 -41.44 -19.44
N ALA H 181 2.63 -42.19 -20.09
CA ALA H 181 2.27 -43.48 -20.67
C ALA H 181 1.77 -44.44 -19.60
N ALA H 182 2.52 -44.56 -18.50
CA ALA H 182 2.14 -45.50 -17.45
C ALA H 182 0.84 -45.09 -16.77
N SER H 183 0.59 -43.79 -16.61
CA SER H 183 -0.69 -43.38 -16.04
CA SER H 183 -0.69 -43.35 -16.07
C SER H 183 -1.86 -43.87 -16.89
N LYS H 184 -1.74 -43.74 -18.22
CA LYS H 184 -2.79 -44.24 -19.10
C LYS H 184 -2.89 -45.76 -19.07
N GLU H 185 -1.75 -46.46 -19.08
CA GLU H 185 -1.76 -47.91 -19.18
C GLU H 185 -2.12 -48.60 -17.86
N TYR H 186 -1.67 -48.05 -16.75
CA TYR H 186 -1.91 -48.67 -15.45
C TYR H 186 -3.20 -48.20 -14.79
N GLY H 187 -3.82 -47.15 -15.31
CA GLY H 187 -5.07 -46.66 -14.74
C GLY H 187 -6.20 -47.67 -14.75
N ALA H 188 -6.18 -48.62 -15.70
CA ALA H 188 -7.25 -49.63 -15.75
C ALA H 188 -7.25 -50.50 -14.51
N ARG H 189 -6.10 -50.65 -13.85
CA ARG H 189 -6.00 -51.37 -12.58
C ARG H 189 -6.10 -50.45 -11.37
N GLY H 190 -6.46 -49.19 -11.57
CA GLY H 190 -6.64 -48.27 -10.47
C GLY H 190 -5.37 -47.64 -9.94
N ILE H 191 -4.25 -47.76 -10.66
CA ILE H 191 -2.95 -47.29 -10.18
C ILE H 191 -2.73 -45.84 -10.61
N SER H 192 -2.27 -45.02 -9.66
CA SER H 192 -1.95 -43.61 -9.93
C SER H 192 -0.44 -43.47 -10.10
N VAL H 193 -0.01 -42.76 -11.15
CA VAL H 193 1.40 -42.63 -11.51
C VAL H 193 1.74 -41.15 -11.58
N THR H 194 2.74 -40.72 -10.82
CA THR H 194 3.12 -39.31 -10.80
C THR H 194 4.63 -39.16 -10.76
N ALA H 195 5.08 -37.95 -11.11
CA ALA H 195 6.48 -37.56 -10.95
C ALA H 195 6.54 -36.24 -10.20
N VAL H 196 7.52 -36.10 -9.32
CA VAL H 196 7.63 -34.98 -8.38
C VAL H 196 9.01 -34.36 -8.57
N GLY H 197 9.05 -33.05 -8.80
CA GLY H 197 10.30 -32.36 -9.03
C GLY H 197 10.58 -31.28 -8.01
N PRO H 198 11.36 -31.60 -6.98
CA PRO H 198 11.71 -30.59 -6.00
C PRO H 198 12.62 -29.53 -6.61
N GLY H 199 12.68 -28.37 -5.96
CA GLY H 199 13.75 -27.45 -6.22
C GLY H 199 15.07 -28.02 -5.74
N PRO H 200 16.16 -27.29 -5.97
CA PRO H 200 17.43 -27.72 -5.38
C PRO H 200 17.26 -27.92 -3.89
N MET H 201 17.70 -29.06 -3.38
CA MET H 201 17.41 -29.46 -2.02
C MET H 201 18.67 -29.44 -1.16
N ASP H 202 18.48 -29.15 0.12
CA ASP H 202 19.58 -29.16 1.08
C ASP H 202 19.87 -30.60 1.50
N THR H 203 20.57 -31.32 0.62
CA THR H 203 21.07 -32.66 0.89
C THR H 203 22.48 -32.79 0.32
N PRO H 204 23.22 -33.84 0.66
CA PRO H 204 24.55 -34.04 0.06
C PRO H 204 24.54 -34.25 -1.45
N PHE H 205 23.38 -34.51 -2.06
CA PHE H 205 23.28 -34.69 -3.51
C PHE H 205 23.50 -33.37 -4.25
N PHE H 206 23.08 -32.25 -3.66
CA PHE H 206 23.07 -30.96 -4.35
C PHE H 206 24.46 -30.35 -4.48
N TYR H 207 25.20 -30.29 -3.39
CA TYR H 207 26.41 -29.46 -3.37
C TYR H 207 27.53 -29.88 -4.31
N PRO H 208 27.80 -31.17 -4.56
CA PRO H 208 29.00 -31.51 -5.36
C PRO H 208 29.02 -30.91 -6.75
N ALA H 209 27.86 -30.66 -7.35
CA ALA H 209 27.81 -30.17 -8.72
C ALA H 209 27.79 -28.65 -8.81
N GLU H 210 27.70 -27.93 -7.69
CA GLU H 210 27.41 -26.50 -7.70
C GLU H 210 28.58 -25.72 -7.12
N GLY H 211 29.07 -24.75 -7.90
CA GLY H 211 30.07 -23.84 -7.41
C GLY H 211 29.50 -22.85 -6.40
N ALA H 212 30.41 -22.10 -5.76
CA ALA H 212 30.00 -21.22 -4.65
C ALA H 212 29.01 -20.16 -5.11
N ASP H 213 29.25 -19.57 -6.29
CA ASP H 213 28.32 -18.56 -6.81
C ASP H 213 26.96 -19.18 -7.11
N ALA H 214 26.95 -20.39 -7.66
CA ALA H 214 25.69 -21.07 -7.97
C ALA H 214 24.92 -21.42 -6.69
N VAL H 215 25.62 -21.89 -5.66
CA VAL H 215 24.94 -22.20 -4.41
C VAL H 215 24.24 -20.97 -3.85
N ALA H 216 24.94 -19.83 -3.88
CA ALA H 216 24.35 -18.60 -3.38
C ALA H 216 23.11 -18.22 -4.19
N TYR H 217 23.17 -18.40 -5.51
CA TYR H 217 22.01 -18.10 -6.35
C TYR H 217 20.84 -19.02 -6.02
N HIS H 218 21.09 -20.33 -5.95
CA HIS H 218 20.00 -21.27 -5.70
C HIS H 218 19.32 -20.96 -4.36
N LYS H 219 20.10 -20.54 -3.36
CA LYS H 219 19.56 -20.26 -2.04
C LYS H 219 18.69 -19.01 -1.99
N THR H 220 18.71 -18.17 -3.01
CA THR H 220 17.82 -17.02 -3.05
C THR H 220 16.86 -17.02 -4.23
N ALA H 221 16.82 -18.10 -5.01
CA ALA H 221 16.13 -18.10 -6.29
C ALA H 221 14.65 -18.44 -6.19
N ALA H 222 14.17 -18.89 -5.04
CA ALA H 222 12.78 -19.23 -4.87
C ALA H 222 12.04 -18.09 -4.19
N ALA H 223 10.79 -17.89 -4.59
CA ALA H 223 9.99 -16.82 -3.98
C ALA H 223 9.90 -16.98 -2.47
N LEU H 224 9.86 -18.21 -1.98
CA LEU H 224 9.76 -18.50 -0.55
C LEU H 224 11.11 -18.84 0.08
N SER H 225 12.22 -18.61 -0.63
CA SER H 225 13.54 -18.83 -0.06
C SER H 225 13.75 -18.25 1.34
N PRO H 226 13.24 -17.06 1.69
CA PRO H 226 13.49 -16.56 3.05
C PRO H 226 12.82 -17.39 4.14
N PHE H 227 12.00 -18.37 3.79
CA PHE H 227 11.19 -19.08 4.77
C PHE H 227 11.55 -20.54 4.93
N SER H 228 12.47 -21.06 4.13
CA SER H 228 12.99 -22.41 4.37
C SER H 228 14.23 -22.29 5.25
N LYS H 229 14.83 -23.43 5.58
CA LYS H 229 15.97 -23.42 6.50
C LYS H 229 17.16 -22.68 5.93
N THR H 230 17.47 -22.91 4.64
CA THR H 230 18.66 -22.36 4.01
C THR H 230 18.36 -21.54 2.78
N GLY H 231 17.11 -21.51 2.33
CA GLY H 231 16.75 -20.96 1.04
C GLY H 231 16.54 -22.00 -0.03
N LEU H 232 17.14 -23.18 0.12
CA LEU H 232 16.87 -24.32 -0.75
C LEU H 232 15.56 -25.01 -0.34
N THR H 233 15.13 -25.98 -1.14
CA THR H 233 14.03 -26.86 -0.73
C THR H 233 14.50 -27.76 0.42
N ASP H 234 13.70 -27.84 1.48
CA ASP H 234 13.95 -28.78 2.58
C ASP H 234 13.20 -30.09 2.33
N ILE H 235 13.86 -31.22 2.59
CA ILE H 235 13.21 -32.52 2.34
C ILE H 235 11.93 -32.67 3.14
N GLU H 236 11.86 -32.08 4.33
CA GLU H 236 10.67 -32.16 5.17
CA GLU H 236 10.64 -32.26 5.12
C GLU H 236 9.44 -31.53 4.54
N ASP H 237 9.63 -30.62 3.58
CA ASP H 237 8.51 -30.02 2.88
C ASP H 237 8.14 -30.75 1.59
N VAL H 238 8.94 -31.73 1.18
CA VAL H 238 8.59 -32.58 0.04
C VAL H 238 7.85 -33.83 0.50
N VAL H 239 8.28 -34.43 1.60
CA VAL H 239 7.67 -35.69 2.06
C VAL H 239 6.16 -35.60 2.24
N PRO H 240 5.57 -34.52 2.78
CA PRO H 240 4.11 -34.54 2.96
C PRO H 240 3.36 -34.53 1.64
N PHE H 241 3.95 -33.97 0.58
CA PHE H 241 3.30 -34.02 -0.73
C PHE H 241 3.33 -35.44 -1.29
N ILE H 242 4.46 -36.13 -1.14
CA ILE H 242 4.55 -37.54 -1.50
CA ILE H 242 4.52 -37.53 -1.54
C ILE H 242 3.49 -38.36 -0.76
N ARG H 243 3.39 -38.14 0.56
CA ARG H 243 2.38 -38.85 1.35
CA ARG H 243 2.39 -38.87 1.33
C ARG H 243 0.98 -38.58 0.82
N HIS H 244 0.69 -37.32 0.47
CA HIS H 244 -0.61 -36.98 -0.09
C HIS H 244 -0.88 -37.76 -1.37
N LEU H 245 0.08 -37.75 -2.31
CA LEU H 245 -0.11 -38.42 -3.58
C LEU H 245 -0.44 -39.91 -3.41
N VAL H 246 0.18 -40.57 -2.42
CA VAL H 246 0.01 -42.01 -2.29
C VAL H 246 -1.14 -42.36 -1.35
N THR H 247 -1.88 -41.34 -0.90
CA THR H 247 -3.06 -41.55 -0.08
C THR H 247 -4.29 -40.83 -0.64
N ASP H 248 -4.68 -39.70 -0.03
CA ASP H 248 -5.90 -39.04 -0.46
CA ASP H 248 -5.89 -38.98 -0.43
C ASP H 248 -5.75 -38.26 -1.76
N GLY H 249 -4.54 -38.12 -2.29
CA GLY H 249 -4.30 -37.46 -3.56
C GLY H 249 -4.31 -38.39 -4.76
N TRP H 250 -4.97 -39.55 -4.62
CA TRP H 250 -4.95 -40.59 -5.65
C TRP H 250 -5.50 -40.13 -7.00
N TRP H 251 -6.36 -39.11 -7.02
CA TRP H 251 -6.92 -38.67 -8.28
C TRP H 251 -5.90 -37.92 -9.14
N ILE H 252 -4.78 -37.48 -8.56
CA ILE H 252 -3.68 -36.92 -9.34
C ILE H 252 -2.91 -38.07 -9.98
N THR H 253 -2.89 -38.10 -11.30
CA THR H 253 -2.17 -39.14 -12.04
C THR H 253 -1.82 -38.60 -13.42
N GLY H 254 -0.67 -39.05 -13.94
CA GLY H 254 -0.23 -38.60 -15.24
C GLY H 254 0.35 -37.21 -15.24
N GLN H 255 0.80 -36.74 -14.08
CA GLN H 255 1.30 -35.38 -13.91
C GLN H 255 2.72 -35.42 -13.37
N THR H 256 3.49 -34.42 -13.78
CA THR H 256 4.81 -34.13 -13.24
C THR H 256 4.69 -32.76 -12.58
N ILE H 257 4.84 -32.71 -11.25
CA ILE H 257 4.52 -31.53 -10.44
C ILE H 257 5.78 -31.03 -9.75
N LEU H 258 5.97 -29.72 -9.78
CA LEU H 258 7.16 -29.08 -9.23
C LEU H 258 6.86 -28.50 -7.85
N ILE H 259 7.69 -28.84 -6.88
CA ILE H 259 7.49 -28.45 -5.47
C ILE H 259 8.79 -27.78 -5.02
N ASN H 260 8.83 -26.45 -5.11
CA ASN H 260 10.13 -25.77 -5.12
C ASN H 260 10.12 -24.38 -4.49
N GLY H 261 9.06 -23.95 -3.82
CA GLY H 261 9.08 -22.62 -3.22
C GLY H 261 8.94 -21.48 -4.20
N GLY H 262 8.60 -21.78 -5.45
CA GLY H 262 8.46 -20.72 -6.45
C GLY H 262 9.78 -20.44 -7.15
N TYR H 263 10.41 -21.51 -7.66
CA TYR H 263 11.72 -21.47 -8.31
C TYR H 263 11.57 -21.56 -9.83
N THR H 264 11.03 -22.65 -10.34
CA THR H 264 10.56 -22.77 -11.71
C THR H 264 9.08 -23.11 -11.71
N THR H 265 8.46 -22.94 -12.88
CA THR H 265 7.07 -23.32 -13.06
C THR H 265 6.92 -24.03 -14.40
N LYS H 266 5.69 -24.40 -14.72
CA LYS H 266 5.38 -25.06 -15.99
C LYS H 266 3.91 -24.93 -16.30
PA NAP I . 2.84 -1.21 -31.40
O1A NAP I . 2.97 -0.69 -32.79
O2A NAP I . 2.62 -0.18 -30.34
O5B NAP I . 1.70 -2.36 -31.31
C5B NAP I . 0.48 -2.17 -30.56
C4B NAP I . -0.63 -1.86 -31.53
O4B NAP I . -1.91 -1.99 -30.85
C3B NAP I . -0.60 -0.43 -32.10
O3B NAP I . -0.93 -0.42 -33.49
C2B NAP I . -1.72 0.26 -31.30
O2B NAP I . -2.29 1.40 -31.96
C1B NAP I . -2.70 -0.89 -31.24
N9A NAP I . -3.79 -0.69 -30.30
C8A NAP I . -3.75 -0.29 -28.99
N7A NAP I . -4.93 -0.07 -28.46
C5A NAP I . -5.80 -0.38 -29.48
C6A NAP I . -7.20 -0.35 -29.56
N6A NAP I . -8.01 0.06 -28.58
N1A NAP I . -7.77 -0.72 -30.73
C2A NAP I . -6.99 -1.08 -31.75
N3A NAP I . -5.65 -1.13 -31.79
C4A NAP I . -5.12 -0.77 -30.61
O3 NAP I . 4.14 -2.07 -31.05
PN NAP I . 4.87 -3.40 -31.57
O1N NAP I . 6.20 -3.44 -30.93
O2N NAP I . 4.74 -3.52 -33.03
O5D NAP I . 4.01 -4.56 -30.88
C5D NAP I . 3.12 -5.37 -31.68
C4D NAP I . 2.61 -6.54 -30.89
O4D NAP I . 3.72 -7.34 -30.41
C3D NAP I . 1.74 -6.22 -29.66
O3D NAP I . 0.63 -7.11 -29.59
C2D NAP I . 2.68 -6.48 -28.49
O2D NAP I . 1.94 -6.86 -27.33
C1D NAP I . 3.53 -7.61 -29.04
N1N NAP I . 4.90 -7.72 -28.39
C2N NAP I . 5.64 -6.59 -28.36
C3N NAP I . 6.87 -6.59 -27.73
C7N NAP I . 7.78 -5.40 -27.72
O7N NAP I . 8.65 -5.32 -26.84
N7N NAP I . 7.53 -4.39 -28.55
C4N NAP I . 7.34 -7.77 -27.18
C5N NAP I . 6.58 -8.93 -27.26
C6N NAP I . 5.35 -8.88 -27.87
P2B NAP I . -1.99 2.92 -31.48
O1X NAP I . -2.97 3.28 -30.42
O2X NAP I . -0.55 2.97 -31.02
O3X NAP I . -2.21 3.71 -32.76
PA NAP J . -20.43 -23.87 -8.77
O1A NAP J . -20.91 -24.07 -7.39
O2A NAP J . -21.49 -23.47 -9.77
O5B NAP J . -19.18 -22.81 -8.76
C5B NAP J . -19.23 -21.55 -9.47
C4B NAP J . -19.45 -20.47 -8.45
O4B NAP J . -19.26 -19.17 -9.08
C3B NAP J . -20.84 -20.43 -7.80
O3B NAP J . -20.76 -20.17 -6.40
C2B NAP J . -21.49 -19.23 -8.50
O2B NAP J . -22.51 -18.61 -7.71
C1B NAP J . -20.27 -18.33 -8.57
N9A NAP J . -20.44 -17.16 -9.42
C8A NAP J . -20.91 -17.08 -10.70
N7A NAP J . -21.02 -15.86 -11.17
C5A NAP J . -20.60 -15.08 -10.10
C6A NAP J . -20.51 -13.68 -9.92
N6A NAP J . -20.92 -12.78 -10.83
N1A NAP J . -20.03 -13.22 -8.75
C2A NAP J . -19.69 -14.10 -7.81
N3A NAP J . -19.76 -15.43 -7.85
C4A NAP J . -20.23 -15.86 -9.03
O3 NAP J . -19.71 -25.18 -9.34
PN NAP J . -18.40 -26.03 -8.97
O1N NAP J . -18.55 -27.31 -9.68
O2N NAP J . -18.23 -26.02 -7.50
O5D NAP J . -17.23 -25.20 -9.66
C5D NAP J . -16.28 -24.47 -8.85
C4D NAP J . -15.13 -24.00 -9.71
O4D NAP J . -14.49 -25.15 -10.33
C3D NAP J . -15.44 -23.01 -10.83
O3D NAP J . -14.49 -21.95 -10.90
C2D NAP J . -15.36 -23.87 -12.09
O2D NAP J . -14.98 -23.08 -13.22
C1D NAP J . -14.29 -24.89 -11.69
N1N NAP J . -14.38 -26.18 -12.43
C2N NAP J . -15.57 -26.81 -12.45
C3N NAP J . -15.73 -27.99 -13.16
C7N NAP J . -17.00 -28.79 -13.18
O7N NAP J . -17.20 -29.55 -14.13
N7N NAP J . -17.91 -28.54 -12.25
C4N NAP J . -14.62 -28.53 -13.80
C5N NAP J . -13.40 -27.88 -13.73
C6N NAP J . -13.29 -26.69 -13.05
P2B NAP J . -24.08 -18.71 -8.07
O1X NAP J . -24.40 -17.65 -9.02
O2X NAP J . -24.28 -20.12 -8.60
O3X NAP J . -24.76 -18.53 -6.72
PA NAP K . -4.82 16.03 -5.25
O1A NAP K . -4.13 16.36 -6.53
O2A NAP K . -5.90 14.95 -5.44
O5B NAP K . -3.76 15.62 -4.10
C5B NAP K . -3.77 14.33 -3.46
C4B NAP K . -2.58 13.56 -3.99
O4B NAP K . -2.38 12.37 -3.20
C3B NAP K . -2.71 13.09 -5.45
O3B NAP K . -1.51 13.30 -6.18
C2B NAP K . -2.98 11.60 -5.28
O2B NAP K . -2.62 10.83 -6.44
C1B NAP K . -2.04 11.34 -4.11
N9A NAP K . -2.21 10.02 -3.50
C8A NAP K . -3.36 9.41 -3.11
N7A NAP K . -3.19 8.18 -2.67
C5A NAP K . -1.82 7.98 -2.79
C6A NAP K . -1.00 6.88 -2.49
N6A NAP K . -1.44 5.69 -2.10
N1A NAP K . 0.34 7.04 -2.67
C2A NAP K . 0.79 8.19 -3.16
N3A NAP K . 0.11 9.29 -3.49
C4A NAP K . -1.20 9.12 -3.28
O3 NAP K . -5.54 17.32 -4.66
PN NAP K . -5.07 18.73 -4.04
O1N NAP K . -6.29 19.56 -4.00
O2N NAP K . -3.89 19.22 -4.77
O5D NAP K . -4.68 18.36 -2.54
C5D NAP K . -3.29 18.32 -2.15
C4D NAP K . -3.15 18.24 -0.65
O4D NAP K . -3.85 19.34 -0.03
C3D NAP K . -3.69 16.96 0.02
O3D NAP K . -2.80 16.50 1.02
C2D NAP K . -5.02 17.42 0.62
O2D NAP K . -5.39 16.63 1.76
C1D NAP K . -4.68 18.85 1.00
N1N NAP K . -5.90 19.78 1.11
C2N NAP K . -6.73 19.80 0.06
C3N NAP K . -7.89 20.57 0.12
C7N NAP K . -8.84 20.69 -1.02
O7N NAP K . -9.99 21.05 -0.80
N7N NAP K . -8.45 20.26 -2.22
C4N NAP K . -8.12 21.33 1.26
C5N NAP K . -7.21 21.31 2.30
C6N NAP K . -6.11 20.52 2.21
P2B NAP K . -3.73 10.03 -7.29
O1X NAP K . -4.08 8.77 -6.54
O2X NAP K . -4.88 10.95 -7.49
O3X NAP K . -2.99 9.75 -8.62
MG MG L . 12.21 33.10 -13.15
OH2 1PE M . 12.72 31.90 -15.11
OH2 1PE M . 13.69 33.96 -11.59
C12 1PE M . 13.52 30.74 -15.08
C12 1PE M . 14.76 33.21 -11.07
C22 1PE M . 14.76 30.98 -14.23
C22 1PE M . 15.40 32.40 -12.19
OH3 1PE M . 14.44 31.72 -13.09
OH3 1PE M . 14.40 31.67 -12.85
C13 1PE M . 15.10 32.99 -11.17
C13 1PE M . 13.52 30.68 -14.83
C23 1PE M . 15.56 32.27 -12.43
C23 1PE M . 14.75 31.25 -14.13
OH4 1PE M . 14.05 33.88 -11.48
OH4 1PE M . 12.92 31.67 -15.60
C14 1PE M . 12.29 35.35 -10.81
C14 1PE M . 10.80 32.59 -16.17
C24 1PE M . 13.50 34.52 -10.37
C24 1PE M . 11.65 31.33 -16.10
OH5 1PE M . 11.29 34.50 -11.29
OH5 1PE M . 10.16 32.77 -14.93
C15 1PE M . 9.03 34.20 -12.02
C15 1PE M . 8.28 33.52 -13.67
C25 1PE M . 10.05 35.14 -11.39
C25 1PE M . 9.10 33.68 -14.95
OH6 1PE M . 9.26 34.18 -13.39
OH6 1PE M . 7.64 32.27 -13.64
C16 1PE M . 9.20 33.08 -15.48
C16 1PE M . 6.16 30.80 -12.44
C26 1PE M . 8.69 33.08 -14.05
C26 1PE M . 7.23 31.89 -12.36
OH7 1PE M . 10.59 32.87 -15.48
OH7 1PE M . 5.07 31.24 -13.21
PA NAP N . -21.97 39.05 36.68
O1A NAP N . -22.60 38.71 37.99
O2A NAP N . -22.49 40.33 36.03
O5B NAP N . -20.37 39.04 36.82
C5B NAP N . -19.55 40.20 36.60
C4B NAP N . -19.09 40.73 37.94
O4B NAP N . -18.06 41.74 37.74
C3B NAP N . -20.18 41.41 38.79
O3B NAP N . -20.04 41.04 40.15
C2B NAP N . -19.83 42.89 38.66
O2B NAP N . -20.32 43.68 39.75
C1B NAP N . -18.32 42.76 38.68
N9A NAP N . -17.61 43.99 38.32
C8A NAP N . -17.81 44.82 37.25
N7A NAP N . -17.09 45.92 37.28
C5A NAP N . -16.36 45.80 38.44
C6A NAP N . -15.40 46.64 39.06
N6A NAP N . -15.07 47.84 38.60
N1A NAP N . -14.84 46.20 40.21
C2A NAP N . -15.22 45.03 40.71
N3A NAP N . -16.12 44.16 40.23
C4A NAP N . -16.65 44.60 39.09
O3 NAP N . -22.24 37.89 35.63
PN NAP N . -21.80 36.35 35.47
O1N NAP N . -22.66 35.79 34.41
O2N NAP N . -21.76 35.70 36.81
O5D NAP N . -20.32 36.46 34.89
C5D NAP N . -19.19 36.10 35.72
C4D NAP N . -17.93 35.99 34.90
O4D NAP N . -18.11 35.02 33.85
C3D NAP N . -17.43 37.28 34.22
O3D NAP N . -16.02 37.41 34.38
C2D NAP N . -17.79 37.06 32.75
O2D NAP N . -16.89 37.77 31.89
C1D NAP N . -17.65 35.55 32.63
N1N NAP N . -18.48 34.95 31.52
C2N NAP N . -19.80 35.26 31.49
C3N NAP N . -20.60 34.81 30.46
C7N NAP N . -22.07 35.03 30.41
O7N NAP N . -22.66 34.96 29.32
N7N NAP N . -22.69 35.41 31.54
C4N NAP N . -20.02 34.01 29.48
C5N NAP N . -18.68 33.68 29.55
C6N NAP N . -17.92 34.17 30.58
P2B NAP N . -21.58 44.66 39.58
O1X NAP N . -21.05 45.99 39.07
O2X NAP N . -22.56 44.02 38.64
O3X NAP N . -22.12 44.78 41.02
PA NAP O . 12.12 48.62 19.09
O1A NAP O . 12.72 49.42 17.99
O2A NAP O . 12.51 49.14 20.46
O5B NAP O . 10.51 48.57 18.92
C5B NAP O . 9.59 49.08 19.91
C4B NAP O . 9.04 50.36 19.36
O4B NAP O . 7.94 50.81 20.20
C3B NAP O . 10.03 51.53 19.30
O3B NAP O . 9.89 52.24 18.06
C2B NAP O . 9.54 52.42 20.43
O2B NAP O . 9.86 53.82 20.26
C1B NAP O . 8.05 52.20 20.28
N9A NAP O . 7.25 52.70 21.39
C8A NAP O . 7.44 52.51 22.74
N7A NAP O . 6.61 53.18 23.49
C5A NAP O . 5.79 53.84 22.59
C6A NAP O . 4.73 54.74 22.74
N6A NAP O . 4.30 55.22 23.92
N1A NAP O . 4.13 55.21 21.63
C2A NAP O . 4.59 54.82 20.44
N3A NAP O . 5.61 54.01 20.16
C4A NAP O . 6.18 53.55 21.29
O3 NAP O . 12.51 47.07 18.99
PN NAP O . 12.26 45.87 17.97
O1N NAP O . 13.20 44.80 18.37
O2N NAP O . 12.25 46.40 16.59
O5D NAP O . 10.81 45.38 18.40
C5D NAP O . 9.68 45.62 17.53
C4D NAP O . 8.49 44.79 17.98
O4D NAP O . 8.88 43.40 18.01
C3D NAP O . 7.90 45.12 19.35
O3D NAP O . 6.48 45.11 19.28
C2D NAP O . 8.39 43.96 20.23
O2D NAP O . 7.48 43.70 21.30
C1D NAP O . 8.42 42.83 19.20
N1N NAP O . 9.37 41.71 19.57
C2N NAP O . 10.64 42.04 19.86
C3N NAP O . 11.54 41.07 20.28
C7N NAP O . 12.98 41.34 20.51
O7N NAP O . 13.64 40.56 21.22
N7N NAP O . 13.48 42.49 20.06
C4N NAP O . 11.10 39.74 20.34
C5N NAP O . 9.80 39.44 19.99
C6N NAP O . 8.94 40.43 19.61
P2B NAP O . 10.94 54.56 21.18
O1X NAP O . 10.29 55.01 22.46
O2X NAP O . 12.09 53.59 21.40
O3X NAP O . 11.33 55.76 20.32
PA NAP P . 13.79 -42.62 -41.56
O1A NAP P . 14.30 -42.39 -42.93
O2A NAP P . 13.64 -44.07 -41.21
O5B NAP P . 14.69 -41.85 -40.43
C5B NAP P . 15.38 -42.57 -39.39
C4B NAP P . 16.85 -42.50 -39.75
O4B NAP P . 17.65 -42.92 -38.62
C3B NAP P . 17.26 -43.40 -40.93
O3B NAP P . 18.18 -42.73 -41.78
C2B NAP P . 17.97 -44.55 -40.21
O2B NAP P . 18.91 -45.18 -41.10
C1B NAP P . 18.68 -43.76 -39.13
N9A NAP P . 19.26 -44.57 -38.08
C8A NAP P . 18.68 -45.60 -37.37
N7A NAP P . 19.51 -46.21 -36.56
C5A NAP P . 20.71 -45.53 -36.73
C6A NAP P . 21.99 -45.68 -36.15
N6A NAP P . 22.30 -46.63 -35.27
N1A NAP P . 22.96 -44.81 -36.53
C2A NAP P . 22.66 -43.89 -37.45
N3A NAP P . 21.50 -43.65 -38.07
C4A NAP P . 20.56 -44.51 -37.66
O3 NAP P . 12.36 -41.95 -41.36
PN NAP P . 11.76 -40.46 -41.34
O1N NAP P . 10.30 -40.58 -41.48
O2N NAP P . 12.50 -39.61 -42.30
O5D NAP P . 12.08 -40.02 -39.84
C5D NAP P . 13.12 -39.04 -39.58
C4D NAP P . 13.00 -38.53 -38.15
O4D NAP P . 11.68 -37.99 -37.93
C3D NAP P . 13.26 -39.55 -37.04
O3D NAP P . 14.09 -38.98 -36.03
C2D NAP P . 11.86 -39.84 -36.49
O2D NAP P . 11.89 -40.22 -35.11
C1D NAP P . 11.20 -38.49 -36.70
N1N NAP P . 9.67 -38.56 -36.81
C2N NAP P . 9.16 -39.44 -37.69
C3N NAP P . 7.79 -39.61 -37.77
C7N NAP P . 7.16 -40.49 -38.81
O7N NAP P . 6.00 -40.91 -38.64
N7N NAP P . 7.92 -40.89 -39.83
C4N NAP P . 6.97 -38.87 -36.92
C5N NAP P . 7.53 -37.95 -36.05
C6N NAP P . 8.90 -37.81 -36.00
P2B NAP P . 18.67 -46.68 -41.64
O1X NAP P . 19.09 -47.63 -40.62
O2X NAP P . 17.16 -46.78 -42.01
O3X NAP P . 19.52 -46.71 -42.89
PA NAP Q . -0.84 0.78 31.02
O1A NAP Q . -1.51 0.03 32.11
O2A NAP Q . 0.35 0.10 30.38
O5B NAP Q . -1.90 1.26 29.90
C5B NAP Q . -1.85 0.83 28.52
C4B NAP Q . -2.92 -0.22 28.32
O4B NAP Q . -3.03 -0.48 26.90
C3B NAP Q . -2.64 -1.57 28.97
O3B NAP Q . -3.83 -2.09 29.57
C2B NAP Q . -2.27 -2.46 27.79
O2B NAP Q . -2.54 -3.85 28.00
C1B NAP Q . -3.22 -1.87 26.76
N9A NAP Q . -2.92 -2.29 25.39
C8A NAP Q . -1.72 -2.31 24.73
N7A NAP Q . -1.77 -2.86 23.54
C5A NAP Q . -3.10 -3.23 23.41
C6A NAP Q . -3.81 -3.89 22.38
N6A NAP Q . -3.24 -4.38 21.27
N1A NAP Q . -5.13 -4.08 22.56
C2A NAP Q . -5.69 -3.67 23.69
N3A NAP Q . -5.13 -3.07 24.75
C4A NAP Q . -3.83 -2.87 24.54
O3 NAP Q . -0.29 2.16 31.58
PN NAP Q . -0.94 3.53 32.14
O1N NAP Q . 0.15 4.28 32.80
O2N NAP Q . -2.17 3.21 32.91
O5D NAP Q . -1.34 4.30 30.79
C5D NAP Q . -2.73 4.44 30.43
C4D NAP Q . -2.89 5.45 29.32
O4D NAP Q . -2.35 6.72 29.72
C3D NAP Q . -2.23 5.10 27.97
O3D NAP Q . -3.11 5.42 26.90
C2D NAP Q . -1.02 6.02 27.92
O2D NAP Q . -0.68 6.34 26.58
C1D NAP Q . -1.55 7.23 28.69
N1N NAP Q . -0.45 8.08 29.31
C2N NAP Q . 0.43 7.42 30.08
C3N NAP Q . 1.49 8.09 30.65
C7N NAP Q . 2.47 7.45 31.57
O7N NAP Q . 3.59 7.95 31.70
N7N NAP Q . 2.15 6.27 32.11
C4N NAP Q . 1.59 9.46 30.44
C5N NAP Q . 0.65 10.12 29.67
C6N NAP Q . -0.38 9.40 29.11
P2B NAP Q . -1.36 -4.90 28.19
O1X NAP Q . -0.84 -5.28 26.87
O2X NAP Q . -0.30 -4.22 29.05
O3X NAP Q . -2.02 -6.07 28.93
MG MG R . 2.14 -2.89 33.51
PA NAP S . 20.48 -39.05 -2.65
O1A NAP S . 20.20 -39.68 -1.35
O2A NAP S . 21.95 -38.98 -2.99
O5B NAP S . 19.67 -39.79 -3.86
C5B NAP S . 20.31 -40.45 -4.96
C4B NAP S . 20.11 -41.94 -4.74
O4B NAP S . 20.41 -42.65 -5.97
C3B NAP S . 21.00 -42.57 -3.66
O3B NAP S . 20.24 -43.44 -2.83
C2B NAP S . 21.98 -43.39 -4.48
O2B NAP S . 22.52 -44.52 -3.76
C1B NAP S . 21.05 -43.84 -5.60
N9A NAP S . 21.75 -44.42 -6.74
C8A NAP S . 22.80 -43.89 -7.44
N7A NAP S . 23.28 -44.69 -8.36
C5A NAP S . 22.48 -45.83 -8.26
C6A NAP S . 22.49 -47.05 -8.94
N6A NAP S . 23.38 -47.37 -9.89
N1A NAP S . 21.57 -47.97 -8.59
C2A NAP S . 20.72 -47.68 -7.61
N3A NAP S . 20.62 -46.56 -6.89
C4A NAP S . 21.54 -45.67 -7.27
O3 NAP S . 19.90 -37.57 -2.69
PN NAP S . 18.46 -36.87 -2.57
O1N NAP S . 18.73 -35.44 -2.34
O2N NAP S . 17.63 -37.63 -1.60
O5D NAP S . 17.89 -37.03 -4.06
C5D NAP S . 16.84 -37.97 -4.33
C4D NAP S . 16.25 -37.69 -5.71
O4D NAP S . 15.80 -36.32 -5.79
C3D NAP S . 17.17 -37.93 -6.90
O3D NAP S . 16.47 -38.60 -7.94
C2D NAP S . 17.54 -36.52 -7.35
O2D NAP S . 17.79 -36.47 -8.75
C1D NAP S . 16.26 -35.76 -6.98
N1N NAP S . 16.47 -34.28 -6.76
C2N NAP S . 17.44 -33.90 -5.90
C3N NAP S . 17.73 -32.56 -5.73
C7N NAP S . 18.73 -32.08 -4.73
O7N NAP S . 19.22 -30.96 -4.85
N7N NAP S . 19.15 -32.94 -3.81
C4N NAP S . 16.98 -31.62 -6.44
C5N NAP S . 15.96 -32.03 -7.28
C6N NAP S . 15.73 -33.38 -7.43
P2B NAP S . 24.09 -44.53 -3.31
O1X NAP S . 24.91 -44.94 -4.46
O2X NAP S . 24.44 -43.13 -2.77
O3X NAP S . 24.09 -45.55 -2.18
OH2 1PE T . 13.31 -14.24 -18.49
C12 1PE T . 13.97 -15.48 -18.57
C22 1PE T . 13.00 -16.60 -18.20
OH3 1PE T . 13.56 -17.87 -18.33
C13 1PE T . 13.15 -18.62 -16.07
C23 1PE T . 12.92 -18.87 -17.57
OH4 1PE T . 12.54 -19.63 -15.31
C14 1PE T . 14.18 -20.37 -13.71
C24 1PE T . 12.88 -19.60 -13.95
OH5 1PE T . 14.78 -20.07 -12.49
C15 1PE T . 16.81 -21.21 -13.19
C25 1PE T . 15.78 -20.98 -12.08
OH6 1PE T . 18.04 -21.60 -12.68
C16 1PE T . 20.45 -21.42 -12.68
C26 1PE T . 19.13 -20.97 -13.29
OH7 1PE T . 21.38 -20.38 -12.81
#